data_7KBR
#
_entry.id   7KBR
#
_cell.length_a   102.815
_cell.length_b   102.815
_cell.length_c   240.552
_cell.angle_alpha   90.000
_cell.angle_beta   90.000
_cell.angle_gamma   120.000
#
_symmetry.space_group_name_H-M   'P 32'
#
loop_
_entity.id
_entity.type
_entity.pdbx_description
1 polymer 'Neutral alpha-glucosidase AB Trypsin-cleaved Fragment #1'
2 polymer 'Neutral alpha-glucosidase AB Trypsin-cleaved Fragment #2'
3 polymer 'Neutral alpha-glucosidase AB Trypsin-cleaved Fragment #3'
4 polymer 'Glucosidase 2 subunit beta'
5 non-polymer 1,2-ETHANEDIOL
6 non-polymer DI(HYDROXYETHYL)ETHER
7 non-polymer 'SULFATE ION'
8 non-polymer 'TRIETHYLENE GLYCOL'
9 non-polymer 'TETRAETHYLENE GLYCOL'
10 non-polymer '2-{[2-nitro-4-(triazan-1-yl)phenyl]amino}ethyl (2-{[(1S,2S,3R,4S,5S)-2,3,4,5-tetrahydroxy-5-(hydroxymethyl)cyclohexyl]amino}ethyl)carbamate'
11 non-polymer 'CALCIUM ION'
12 water water
#
loop_
_entity_poly.entity_id
_entity_poly.type
_entity_poly.pdbx_seq_one_letter_code
_entity_poly.pdbx_strand_id
1 'polypeptide(L)'
;MGILPSPGMPALLSLVSLLSVLLMGCVAETGVDRSNFKTCDESSFCKRQRSIRPGLSPYRALLDTLQLGPDALTVHLIHE
VTKVLLVLELQGLQKDMTRIRIDELEPRRPRYRVPDVLVADPPTARLSVSGRDDNSVELTVAEGPYKIILTAQPFRLDLL
EDRSLLLSVNARGLMAFEHQRAP
;
G,I
2 'polypeptide(L)'
;EPGAWEETFKTHSDSKPYGPTSVGLDFSLPGMEHVYGIPEHADSLRLKVTEGGEPYRLYNLDVFQYELNNPMALYGSVPV
LLAHSFHRDLGIFWLNAAETWVDISSN
;
H,J
3 'polypeptide(L)'
;TPQTDIRWMSESGIIDVFLMLGPSVFDVFRQYASLTGTQALPPLFSLGYHQSRWNYRDEADVLEVDQGFDDHNMPCDVIW
LDIEHADGKRYFTWDPTRFPQPLNMLEHLASKRRKLVAIVDPHIKVDSGYRVHEELRNHGLYVKTRDGSDYEGWCWPGSA
SYPDFTNPRMRAWWSNMFSFDNYEGSAPNLYVWNDMNEPSVFNGPEVTMLKDAVHYGGWEHRDIHNIYGLYVHMATADGL
IQRSGGIERPFVLSRAFFSGSQRFGAVWTGDNTAEWDHLKISIPMCLSLALVGLSFCGADVGGFFKNPEPELLVRWYQMG
AYQPFFRAHAHLDTGRREPWLLASQYQDAIRDALFQRYSLLPFWYTLFYQAHKEGFPVMRPLWVQYPEDMSTFSIEDQFM
LGDALLIHPVSDAGAHGVQVYLPGQEEVWYDIQSYQKHHGPQTLYLPVTLSSIPVFQRGGTIVPRWMRVRRSSDCMKDDP
ITLFVALSPQGTAQGELFLDDGHTFNYQTRHEFLLRRFSFSGSTLVSSSADPKGHLETPIWIERVVIMGAGKPAAVVLQT
KGSPESRLSFQHDPETSVLILRKPGVSVASDWSIHLRSAWSHPQFEKLE
;
A,C
4 'polypeptide(L)'
;MGILPSPGMPALLSLVSLLSVLLMGCVAETGVEVKRPRGVSLSNHHFYEESKPFTCLDGTATIPFDQVNDDYCDCKDGSD
EPGTAACPNGSFHCTNTGYKPLYILSSRVNDGVCDCCDGTDEYNSGTVCENTCR
;
B,D
#
loop_
_chem_comp.id
_chem_comp.type
_chem_comp.name
_chem_comp.formula
CA non-polymer 'CALCIUM ION' 'Ca 2'
EDO non-polymer 1,2-ETHANEDIOL 'C2 H6 O2'
PEG non-polymer DI(HYDROXYETHYL)ETHER 'C4 H10 O3'
PG4 non-polymer 'TETRAETHYLENE GLYCOL' 'C8 H18 O5'
PGE non-polymer 'TRIETHYLENE GLYCOL' 'C6 H14 O4'
SO4 non-polymer 'SULFATE ION' 'O4 S -2'
WAS non-polymer '2-{[2-nitro-4-(triazan-1-yl)phenyl]amino}ethyl (2-{[(1S,2S,3R,4S,5S)-2,3,4,5-tetrahydroxy-5-(hydroxymethyl)cyclohexyl]amino}ethyl)carbamate' 'C18 H31 N7 O9'
#
# COMPACT_ATOMS: atom_id res chain seq x y z
N VAL A 32 0.92 -23.68 -11.73
CA VAL A 32 2.34 -23.57 -12.03
C VAL A 32 2.55 -23.70 -13.54
N ASP A 33 3.55 -22.99 -14.06
CA ASP A 33 3.99 -23.12 -15.44
C ASP A 33 5.15 -24.11 -15.47
N ARG A 34 4.84 -25.37 -15.81
CA ARG A 34 5.84 -26.42 -15.72
C ARG A 34 6.93 -26.26 -16.77
N SER A 35 6.61 -25.71 -17.94
CA SER A 35 7.59 -25.62 -19.03
C SER A 35 8.77 -24.73 -18.64
N ASN A 36 8.59 -23.93 -17.59
CA ASN A 36 9.65 -23.08 -17.07
C ASN A 36 10.75 -23.88 -16.37
N PHE A 37 10.46 -25.10 -15.93
CA PHE A 37 11.38 -25.90 -15.12
C PHE A 37 11.71 -27.21 -15.79
N LYS A 38 12.97 -27.60 -15.73
CA LYS A 38 13.42 -28.80 -16.45
C LYS A 38 12.83 -30.06 -15.84
N THR A 39 12.31 -30.93 -16.70
CA THR A 39 12.15 -32.31 -16.29
C THR A 39 13.51 -32.99 -16.34
N CYS A 40 13.57 -34.24 -15.84
CA CYS A 40 14.85 -34.95 -15.88
C CYS A 40 15.37 -35.09 -17.31
N ASP A 41 14.45 -35.33 -18.26
CA ASP A 41 14.85 -35.48 -19.66
C ASP A 41 15.44 -34.18 -20.22
N GLU A 42 15.04 -33.03 -19.70
CA GLU A 42 15.58 -31.75 -20.12
C GLU A 42 16.84 -31.35 -19.35
N SER A 43 17.20 -32.10 -18.32
CA SER A 43 18.46 -31.92 -17.60
C SER A 43 19.46 -32.93 -18.17
N SER A 44 20.45 -32.44 -18.92
CA SER A 44 21.26 -33.37 -19.71
C SER A 44 22.00 -34.37 -18.83
N PHE A 45 22.53 -33.93 -17.67
CA PHE A 45 23.21 -34.89 -16.81
C PHE A 45 22.22 -35.89 -16.20
N CYS A 46 20.99 -35.46 -15.89
CA CYS A 46 19.98 -36.40 -15.41
C CYS A 46 19.58 -37.38 -16.50
N LYS A 47 19.44 -36.90 -17.74
CA LYS A 47 19.11 -37.81 -18.84
C LYS A 47 20.22 -38.84 -19.03
N ARG A 48 21.47 -38.39 -19.03
CA ARG A 48 22.58 -39.31 -19.18
C ARG A 48 22.60 -40.35 -18.06
N GLN A 49 22.55 -39.88 -16.80
CA GLN A 49 22.59 -40.80 -15.66
C GLN A 49 21.40 -41.75 -15.67
N ARG A 50 20.18 -41.22 -15.82
CA ARG A 50 19.00 -42.06 -15.71
C ARG A 50 18.91 -43.08 -16.82
N SER A 51 19.62 -42.88 -17.94
CA SER A 51 19.62 -43.88 -19.00
C SER A 51 20.46 -45.09 -18.64
N ILE A 52 21.37 -44.96 -17.68
CA ILE A 52 22.07 -46.13 -17.15
C ILE A 52 21.07 -46.93 -16.32
N ARG A 53 20.78 -48.13 -16.76
CA ARG A 53 19.76 -48.96 -16.13
C ARG A 53 20.43 -50.06 -15.31
N PRO A 54 19.69 -50.68 -14.37
CA PRO A 54 20.32 -51.66 -13.48
C PRO A 54 20.97 -52.80 -14.27
N GLY A 55 22.22 -53.09 -13.94
CA GLY A 55 22.93 -54.13 -14.62
C GLY A 55 24.29 -54.34 -13.99
N LEU A 56 25.19 -54.94 -14.77
CA LEU A 56 26.51 -55.28 -14.28
C LEU A 56 27.40 -54.04 -14.31
N SER A 57 27.87 -53.61 -13.15
CA SER A 57 28.68 -52.40 -13.08
C SER A 57 30.03 -52.64 -13.74
N PRO A 58 30.53 -51.68 -14.50
CA PRO A 58 31.90 -51.78 -15.05
C PRO A 58 32.99 -51.39 -14.08
N TYR A 59 32.65 -50.90 -12.90
CA TYR A 59 33.67 -50.49 -11.94
C TYR A 59 34.13 -51.69 -11.14
N ARG A 60 35.43 -51.72 -10.85
CA ARG A 60 35.93 -52.77 -9.98
C ARG A 60 37.06 -52.20 -9.14
N ALA A 61 37.19 -52.74 -7.93
CA ALA A 61 38.19 -52.28 -6.98
C ALA A 61 39.50 -53.05 -7.17
N LEU A 62 40.61 -52.32 -7.16
CA LEU A 62 41.94 -52.89 -7.31
C LEU A 62 42.51 -53.18 -5.93
N LEU A 63 42.24 -54.40 -5.44
CA LEU A 63 42.63 -54.78 -4.07
C LEU A 63 44.13 -54.68 -3.83
N ASP A 64 44.94 -54.66 -4.89
CA ASP A 64 46.38 -54.43 -4.72
C ASP A 64 46.67 -53.03 -4.18
N THR A 65 45.79 -52.07 -4.44
CA THR A 65 46.00 -50.69 -4.02
C THR A 65 45.41 -50.41 -2.65
N LEU A 66 44.82 -51.42 -2.01
CA LEU A 66 44.15 -51.22 -0.74
C LEU A 66 45.13 -50.72 0.32
N GLN A 67 44.71 -49.71 1.08
CA GLN A 67 45.54 -49.18 2.15
C GLN A 67 44.68 -48.84 3.36
N LEU A 68 45.08 -49.34 4.52
CA LEU A 68 44.37 -49.07 5.76
C LEU A 68 45.15 -48.00 6.51
N GLY A 69 44.45 -47.00 7.00
CA GLY A 69 45.08 -45.85 7.58
C GLY A 69 44.51 -45.51 8.94
N PRO A 70 44.97 -44.39 9.50
CA PRO A 70 44.48 -43.99 10.83
C PRO A 70 42.99 -43.72 10.84
N ASP A 71 42.48 -43.11 9.77
CA ASP A 71 41.11 -42.68 9.69
C ASP A 71 40.28 -43.40 8.63
N ALA A 72 40.91 -44.03 7.64
CA ALA A 72 40.14 -44.51 6.50
C ALA A 72 40.85 -45.66 5.80
N LEU A 73 40.05 -46.44 5.08
CA LEU A 73 40.52 -47.36 4.06
C LEU A 73 40.41 -46.67 2.71
N THR A 74 41.50 -46.67 1.95
CA THR A 74 41.51 -46.17 0.59
C THR A 74 41.87 -47.30 -0.36
N VAL A 75 41.13 -47.39 -1.47
CA VAL A 75 41.39 -48.38 -2.51
C VAL A 75 41.05 -47.74 -3.85
N HIS A 76 41.84 -48.06 -4.87
CA HIS A 76 41.59 -47.54 -6.20
C HIS A 76 40.43 -48.29 -6.84
N LEU A 77 39.59 -47.57 -7.57
CA LEU A 77 38.56 -48.16 -8.40
C LEU A 77 38.89 -47.84 -9.85
N ILE A 78 38.44 -48.70 -10.76
CA ILE A 78 38.71 -48.49 -12.18
C ILE A 78 37.46 -48.81 -12.97
N HIS A 79 37.19 -48.00 -13.98
CA HIS A 79 36.18 -48.31 -14.97
C HIS A 79 36.83 -49.26 -15.97
N GLU A 80 36.22 -50.45 -16.14
CA GLU A 80 36.87 -51.46 -16.97
C GLU A 80 36.98 -51.04 -18.42
N VAL A 81 36.03 -50.26 -18.92
CA VAL A 81 36.05 -49.88 -20.34
C VAL A 81 36.94 -48.67 -20.55
N THR A 82 36.77 -47.62 -19.75
CA THR A 82 37.49 -46.37 -19.96
C THR A 82 38.84 -46.30 -19.25
N LYS A 83 39.10 -47.19 -18.29
CA LYS A 83 40.33 -47.18 -17.49
C LYS A 83 40.49 -45.91 -16.67
N VAL A 84 39.39 -45.20 -16.37
CA VAL A 84 39.45 -44.08 -15.46
C VAL A 84 39.68 -44.60 -14.05
N LEU A 85 40.61 -43.97 -13.33
CA LEU A 85 40.97 -44.38 -11.98
C LEU A 85 40.33 -43.44 -10.96
N LEU A 86 39.59 -44.02 -10.02
CA LEU A 86 38.97 -43.31 -8.89
C LEU A 86 39.55 -43.81 -7.58
N VAL A 87 39.37 -43.03 -6.53
CA VAL A 87 39.80 -43.42 -5.19
C VAL A 87 38.56 -43.48 -4.28
N LEU A 88 38.36 -44.63 -3.67
CA LEU A 88 37.31 -44.80 -2.66
C LEU A 88 37.95 -44.59 -1.29
N GLU A 89 37.40 -43.65 -0.53
CA GLU A 89 37.79 -43.44 0.86
C GLU A 89 36.63 -43.94 1.72
N LEU A 90 36.87 -45.03 2.45
CA LEU A 90 35.85 -45.69 3.24
C LEU A 90 36.20 -45.51 4.71
N GLN A 91 35.21 -45.08 5.50
CA GLN A 91 35.43 -44.80 6.93
C GLN A 91 34.30 -45.36 7.76
N GLY A 92 34.65 -46.04 8.85
CA GLY A 92 33.71 -46.29 9.92
C GLY A 92 33.80 -45.13 10.89
N LEU A 93 32.65 -44.66 11.37
CA LEU A 93 32.64 -43.50 12.25
C LEU A 93 32.10 -43.91 13.60
N GLN A 94 32.52 -43.18 14.64
CA GLN A 94 31.86 -43.28 15.93
C GLN A 94 30.37 -43.04 15.75
N LYS A 95 29.58 -43.59 16.66
CA LYS A 95 28.12 -43.51 16.64
C LYS A 95 27.51 -44.34 15.51
N ASP A 96 28.23 -45.38 15.06
CA ASP A 96 27.67 -46.38 14.14
C ASP A 96 27.20 -45.76 12.83
N MET A 97 28.12 -45.07 12.17
CA MET A 97 27.91 -44.50 10.85
C MET A 97 29.06 -44.94 9.95
N THR A 98 28.80 -44.93 8.66
CA THR A 98 29.80 -45.17 7.64
C THR A 98 29.81 -43.99 6.68
N ARG A 99 31.01 -43.57 6.26
CA ARG A 99 31.15 -42.53 5.26
C ARG A 99 31.85 -43.10 4.04
N ILE A 100 31.29 -42.85 2.87
CA ILE A 100 31.86 -43.26 1.59
C ILE A 100 32.13 -42.00 0.79
N ARG A 101 33.39 -41.79 0.43
CA ARG A 101 33.78 -40.72 -0.46
C ARG A 101 34.51 -41.29 -1.66
N ILE A 102 34.13 -40.84 -2.86
CA ILE A 102 34.75 -41.26 -4.10
C ILE A 102 35.11 -40.02 -4.91
N ASP A 103 36.38 -39.94 -5.33
CA ASP A 103 36.89 -38.84 -6.13
C ASP A 103 37.81 -39.44 -7.20
N GLU A 104 38.19 -38.63 -8.18
CA GLU A 104 39.14 -39.06 -9.20
C GLU A 104 40.52 -39.22 -8.59
N LEU A 105 41.29 -40.17 -9.12
CA LEU A 105 42.66 -40.37 -8.61
C LEU A 105 43.57 -39.21 -9.00
N GLU A 106 43.60 -38.85 -10.28
CA GLU A 106 44.42 -37.74 -10.77
C GLU A 106 43.53 -36.78 -11.54
N PRO A 107 42.75 -35.95 -10.85
CA PRO A 107 41.84 -35.04 -11.56
C PRO A 107 42.58 -33.84 -12.16
N ARG A 108 42.07 -33.40 -13.32
CA ARG A 108 42.62 -32.20 -13.96
C ARG A 108 42.41 -30.96 -13.08
N ARG A 109 41.26 -30.87 -12.42
CA ARG A 109 40.93 -29.78 -11.52
C ARG A 109 40.22 -30.37 -10.30
N PRO A 110 40.37 -29.76 -9.13
CA PRO A 110 39.72 -30.30 -7.94
C PRO A 110 38.20 -30.24 -8.06
N ARG A 111 37.54 -31.29 -7.56
CA ARG A 111 36.09 -31.31 -7.49
C ARG A 111 35.61 -30.68 -6.19
N TYR A 112 34.38 -30.20 -6.21
CA TYR A 112 33.82 -29.53 -5.04
C TYR A 112 33.56 -30.52 -3.92
N ARG A 113 33.89 -30.11 -2.69
CA ARG A 113 33.54 -30.82 -1.47
C ARG A 113 32.81 -29.83 -0.57
N VAL A 114 31.61 -30.19 -0.12
CA VAL A 114 30.71 -29.23 0.51
C VAL A 114 31.28 -28.74 1.84
N PRO A 115 31.55 -27.45 1.97
CA PRO A 115 32.06 -26.92 3.24
C PRO A 115 30.92 -26.41 4.12
N ASP A 116 31.26 -26.15 5.38
CA ASP A 116 30.43 -25.43 6.35
C ASP A 116 29.14 -26.12 6.74
N VAL A 117 28.81 -27.29 6.18
CA VAL A 117 27.61 -27.99 6.57
C VAL A 117 27.86 -28.91 7.77
N LEU A 118 28.94 -29.69 7.73
CA LEU A 118 29.34 -30.49 8.86
C LEU A 118 29.85 -29.59 9.99
N VAL A 119 29.39 -29.85 11.22
CA VAL A 119 29.81 -29.02 12.34
C VAL A 119 31.19 -29.39 12.85
N ALA A 120 31.71 -30.56 12.47
CA ALA A 120 33.02 -30.99 12.90
C ALA A 120 33.54 -32.04 11.92
N ASP A 121 34.83 -32.32 11.99
CA ASP A 121 35.38 -33.46 11.28
C ASP A 121 34.94 -34.70 12.03
N PRO A 122 34.07 -35.54 11.47
CA PRO A 122 33.41 -36.59 12.27
C PRO A 122 34.41 -37.56 12.85
N PRO A 123 34.27 -37.88 14.14
CA PRO A 123 35.21 -38.83 14.78
C PRO A 123 35.10 -40.22 14.15
N THR A 124 36.25 -40.79 13.85
CA THR A 124 36.34 -42.07 13.15
C THR A 124 36.47 -43.24 14.13
N ALA A 125 36.23 -44.42 13.61
CA ALA A 125 36.50 -45.68 14.29
C ALA A 125 37.45 -46.49 13.42
N ARG A 126 38.28 -47.31 14.06
CA ARG A 126 39.30 -48.07 13.34
C ARG A 126 38.68 -49.18 12.51
N LEU A 127 39.14 -49.31 11.27
CA LEU A 127 38.78 -50.42 10.41
C LEU A 127 39.84 -51.51 10.47
N SER A 128 39.39 -52.76 10.40
CA SER A 128 40.26 -53.94 10.44
C SER A 128 39.86 -54.90 9.35
N VAL A 129 40.85 -55.49 8.68
CA VAL A 129 40.57 -56.58 7.75
C VAL A 129 40.34 -57.82 8.58
N SER A 130 39.11 -58.32 8.59
CA SER A 130 38.78 -59.51 9.37
C SER A 130 38.40 -60.69 8.47
N GLY A 131 38.54 -60.54 7.15
CA GLY A 131 38.24 -61.57 6.18
C GLY A 131 38.74 -61.17 4.81
N ARG A 132 39.11 -62.15 3.98
N ARG A 132 39.14 -62.16 4.01
CA ARG A 132 39.71 -61.90 2.69
CA ARG A 132 39.69 -61.91 2.68
C ARG A 132 39.53 -63.12 1.80
C ARG A 132 39.46 -63.13 1.80
N ASP A 133 39.23 -62.88 0.52
CA ASP A 133 39.35 -63.90 -0.50
C ASP A 133 39.82 -63.22 -1.79
N ASP A 134 39.71 -63.93 -2.91
CA ASP A 134 40.23 -63.39 -4.16
C ASP A 134 39.43 -62.19 -4.64
N ASN A 135 38.13 -62.15 -4.33
CA ASN A 135 37.24 -61.11 -4.84
C ASN A 135 36.58 -60.29 -3.72
N SER A 136 37.12 -60.33 -2.50
CA SER A 136 36.41 -59.73 -1.37
C SER A 136 37.37 -59.39 -0.25
N VAL A 137 37.04 -58.32 0.47
CA VAL A 137 37.65 -58.00 1.75
C VAL A 137 36.53 -57.70 2.72
N GLU A 138 36.56 -58.33 3.88
CA GLU A 138 35.62 -58.02 4.95
C GLU A 138 36.32 -57.13 5.96
N LEU A 139 35.67 -56.02 6.31
CA LEU A 139 36.21 -55.08 7.28
C LEU A 139 35.32 -55.06 8.50
N THR A 140 35.95 -54.95 9.66
CA THR A 140 35.24 -54.83 10.93
C THR A 140 35.45 -53.42 11.46
N VAL A 141 34.36 -52.80 11.88
CA VAL A 141 34.41 -51.47 12.47
C VAL A 141 34.70 -51.64 13.95
N ALA A 142 35.87 -51.13 14.38
CA ALA A 142 36.34 -51.29 15.76
C ALA A 142 36.34 -52.77 16.13
N GLU A 143 35.58 -53.14 17.16
CA GLU A 143 35.48 -54.53 17.60
C GLU A 143 34.09 -55.11 17.35
N GLY A 144 33.38 -54.57 16.36
CA GLY A 144 32.07 -55.07 16.02
C GLY A 144 30.98 -54.32 16.76
N PRO A 145 29.71 -54.62 16.46
CA PRO A 145 29.28 -55.67 15.53
C PRO A 145 29.18 -55.28 14.05
N TYR A 146 29.51 -54.05 13.69
CA TYR A 146 29.30 -53.61 12.31
C TYR A 146 30.45 -54.07 11.42
N LYS A 147 30.11 -54.61 10.26
CA LYS A 147 31.10 -55.04 9.28
C LYS A 147 30.75 -54.52 7.89
N ILE A 148 31.79 -54.31 7.09
CA ILE A 148 31.65 -53.82 5.72
C ILE A 148 32.37 -54.81 4.79
N ILE A 149 31.64 -55.34 3.81
CA ILE A 149 32.21 -56.24 2.81
C ILE A 149 32.43 -55.44 1.52
N LEU A 150 33.69 -55.25 1.15
CA LEU A 150 34.06 -54.65 -0.12
C LEU A 150 34.28 -55.76 -1.15
N THR A 151 33.43 -55.82 -2.18
CA THR A 151 33.62 -56.75 -3.28
C THR A 151 34.43 -56.07 -4.38
N ALA A 152 35.41 -56.78 -4.93
CA ALA A 152 36.31 -56.17 -5.89
C ALA A 152 35.66 -56.07 -7.27
N GLN A 153 35.09 -57.18 -7.78
CA GLN A 153 34.54 -57.24 -9.12
C GLN A 153 33.20 -57.97 -9.13
N PRO A 154 32.10 -57.30 -9.48
CA PRO A 154 32.04 -55.86 -9.70
C PRO A 154 32.15 -55.12 -8.39
N PHE A 155 32.55 -53.85 -8.41
CA PHE A 155 32.64 -53.08 -7.18
C PHE A 155 31.30 -53.06 -6.47
N ARG A 156 31.34 -53.25 -5.16
CA ARG A 156 30.12 -53.35 -4.35
C ARG A 156 30.50 -53.23 -2.89
N LEU A 157 29.58 -52.69 -2.08
CA LEU A 157 29.75 -52.62 -0.64
C LEU A 157 28.49 -53.15 0.04
N ASP A 158 28.69 -53.96 1.07
CA ASP A 158 27.61 -54.48 1.88
C ASP A 158 27.89 -54.12 3.33
N LEU A 159 26.88 -53.61 4.02
CA LEU A 159 27.02 -53.20 5.41
C LEU A 159 26.20 -54.14 6.28
N LEU A 160 26.83 -54.67 7.31
CA LEU A 160 26.21 -55.67 8.17
C LEU A 160 26.38 -55.30 9.63
N GLU A 161 25.37 -55.65 10.42
CA GLU A 161 25.52 -55.80 11.86
C GLU A 161 25.59 -57.30 12.12
N ASP A 162 26.78 -57.78 12.52
CA ASP A 162 27.05 -59.21 12.63
C ASP A 162 26.83 -59.91 11.30
N ARG A 163 25.77 -60.72 11.21
CA ARG A 163 25.45 -61.42 9.98
C ARG A 163 24.19 -60.88 9.30
N SER A 164 23.61 -59.80 9.81
CA SER A 164 22.40 -59.24 9.24
C SER A 164 22.78 -58.15 8.25
N LEU A 165 22.41 -58.34 6.98
CA LEU A 165 22.69 -57.34 5.96
C LEU A 165 21.78 -56.14 6.16
N LEU A 166 22.37 -54.97 6.37
CA LEU A 166 21.59 -53.75 6.56
C LEU A 166 21.34 -53.02 5.26
N LEU A 167 22.36 -52.91 4.40
CA LEU A 167 22.26 -52.09 3.21
C LEU A 167 23.39 -52.47 2.27
N SER A 168 23.14 -52.32 0.97
CA SER A 168 24.16 -52.52 -0.05
C SER A 168 24.33 -51.26 -0.90
N VAL A 169 25.54 -51.10 -1.44
CA VAL A 169 25.92 -49.94 -2.24
C VAL A 169 26.39 -50.44 -3.61
N ASN A 170 25.81 -49.89 -4.67
CA ASN A 170 26.07 -50.27 -6.07
C ASN A 170 25.59 -51.67 -6.40
N ALA A 171 24.60 -52.19 -5.66
CA ALA A 171 24.10 -53.53 -5.94
C ALA A 171 23.39 -53.60 -7.30
N ARG A 172 22.75 -52.52 -7.74
CA ARG A 172 22.13 -52.50 -9.06
C ARG A 172 23.09 -52.01 -10.14
N GLY A 173 24.35 -51.78 -9.79
CA GLY A 173 25.35 -51.36 -10.75
C GLY A 173 25.10 -50.00 -11.36
N LEU A 174 24.54 -49.06 -10.60
CA LEU A 174 24.18 -47.75 -11.14
C LEU A 174 25.21 -46.68 -10.83
N MET A 175 26.36 -47.04 -10.27
CA MET A 175 27.39 -46.05 -10.02
C MET A 175 27.86 -45.44 -11.32
N ALA A 176 27.94 -44.11 -11.35
CA ALA A 176 28.37 -43.38 -12.54
C ALA A 176 29.18 -42.18 -12.10
N PHE A 177 30.38 -42.02 -12.67
CA PHE A 177 31.29 -40.95 -12.30
C PHE A 177 31.92 -40.38 -13.57
N GLU A 178 31.37 -39.27 -14.06
CA GLU A 178 31.88 -38.63 -15.27
C GLU A 178 33.15 -37.86 -14.93
N HIS A 179 34.28 -38.33 -15.44
CA HIS A 179 35.53 -37.67 -15.08
C HIS A 179 35.69 -36.36 -15.87
N GLN A 180 36.48 -35.45 -15.29
CA GLN A 180 36.72 -34.16 -15.92
C GLN A 180 37.58 -34.33 -17.17
N ARG A 181 37.01 -33.98 -18.32
CA ARG A 181 37.71 -34.06 -19.60
C ARG A 181 38.46 -32.77 -19.89
N ALA A 182 39.17 -32.73 -21.01
CA ALA A 182 39.89 -31.54 -21.42
C ALA A 182 38.96 -30.46 -21.98
N GLY B 3 23.92 -31.77 -25.42
CA GLY B 3 23.80 -30.96 -24.23
C GLY B 3 24.87 -31.26 -23.18
N ALA B 4 25.81 -32.14 -23.52
CA ALA B 4 26.85 -32.54 -22.57
C ALA B 4 27.85 -31.42 -22.29
N TRP B 5 28.11 -30.54 -23.26
CA TRP B 5 28.95 -29.36 -23.02
C TRP B 5 28.08 -28.11 -23.07
N GLU B 6 28.30 -27.22 -24.05
CA GLU B 6 27.43 -26.06 -24.16
C GLU B 6 25.99 -26.51 -24.27
N GLU B 7 25.12 -25.90 -23.46
CA GLU B 7 23.75 -26.37 -23.30
C GLU B 7 22.82 -25.17 -23.23
N THR B 8 21.62 -25.32 -23.80
CA THR B 8 20.62 -24.28 -23.82
C THR B 8 19.30 -24.84 -23.31
N PHE B 9 18.60 -24.03 -22.50
CA PHE B 9 17.25 -24.34 -22.06
C PHE B 9 16.42 -23.08 -22.21
N LYS B 10 15.38 -23.17 -23.04
CA LYS B 10 14.54 -22.02 -23.42
C LYS B 10 15.47 -20.97 -24.03
N THR B 11 15.58 -19.78 -23.45
CA THR B 11 16.45 -18.74 -23.99
C THR B 11 17.80 -18.66 -23.28
N HIS B 12 18.01 -19.47 -22.24
CA HIS B 12 19.19 -19.34 -21.39
C HIS B 12 20.26 -20.32 -21.83
N SER B 13 21.52 -19.88 -21.76
CA SER B 13 22.65 -20.66 -22.24
C SER B 13 23.61 -20.94 -21.08
N ASP B 14 24.04 -22.18 -20.98
CA ASP B 14 25.05 -22.61 -20.02
C ASP B 14 26.31 -22.93 -20.82
N SER B 15 27.36 -22.13 -20.64
CA SER B 15 28.59 -22.38 -21.39
C SER B 15 29.29 -23.65 -20.95
N LYS B 16 28.95 -24.15 -19.76
CA LYS B 16 29.42 -25.42 -19.20
C LYS B 16 30.90 -25.67 -19.53
N PRO B 17 31.81 -24.84 -19.03
CA PRO B 17 33.20 -24.92 -19.48
C PRO B 17 33.91 -26.21 -19.09
N TYR B 18 33.43 -26.94 -18.08
CA TYR B 18 34.11 -28.14 -17.64
C TYR B 18 33.49 -29.43 -18.17
N GLY B 19 32.42 -29.34 -18.95
CA GLY B 19 31.81 -30.50 -19.56
C GLY B 19 31.04 -31.38 -18.58
N PRO B 20 30.76 -32.61 -18.99
CA PRO B 20 29.99 -33.51 -18.11
C PRO B 20 30.83 -33.95 -16.92
N THR B 21 30.28 -33.74 -15.70
CA THR B 21 30.99 -34.10 -14.48
C THR B 21 30.07 -34.75 -13.46
N SER B 22 28.92 -35.28 -13.87
CA SER B 22 27.94 -35.74 -12.90
C SER B 22 28.39 -37.05 -12.24
N VAL B 23 27.90 -37.26 -11.02
CA VAL B 23 28.19 -38.45 -10.23
C VAL B 23 26.87 -39.01 -9.73
N GLY B 24 26.86 -40.32 -9.50
CA GLY B 24 25.65 -41.01 -9.08
C GLY B 24 25.98 -42.35 -8.46
N LEU B 25 25.08 -42.82 -7.59
CA LEU B 25 25.32 -44.08 -6.88
C LEU B 25 23.99 -44.55 -6.33
N ASP B 26 23.81 -45.88 -6.31
CA ASP B 26 22.59 -46.52 -5.83
C ASP B 26 22.83 -47.25 -4.51
N PHE B 27 21.75 -47.39 -3.74
CA PHE B 27 21.72 -47.99 -2.41
C PHE B 27 20.51 -48.90 -2.33
N SER B 28 20.69 -50.08 -1.73
CA SER B 28 19.59 -51.05 -1.58
C SER B 28 19.31 -51.23 -0.10
N LEU B 29 18.02 -51.20 0.26
CA LEU B 29 17.56 -51.25 1.65
C LEU B 29 16.70 -52.49 1.81
N PRO B 30 17.30 -53.65 2.06
CA PRO B 30 16.50 -54.87 2.24
C PRO B 30 15.60 -54.76 3.45
N GLY B 31 14.34 -55.17 3.29
CA GLY B 31 13.37 -55.11 4.37
C GLY B 31 12.64 -53.79 4.53
N MET B 32 13.05 -52.75 3.82
CA MET B 32 12.43 -51.43 3.93
C MET B 32 11.40 -51.24 2.82
N GLU B 33 10.16 -50.90 3.22
CA GLU B 33 9.12 -50.53 2.28
C GLU B 33 8.72 -49.07 2.33
N HIS B 34 9.20 -48.32 3.33
CA HIS B 34 8.78 -46.94 3.57
C HIS B 34 10.01 -46.06 3.71
N VAL B 35 10.09 -45.01 2.89
CA VAL B 35 11.17 -44.03 2.99
C VAL B 35 10.55 -42.63 3.06
N TYR B 36 11.33 -41.72 3.62
CA TYR B 36 10.87 -40.39 3.98
C TYR B 36 12.01 -39.43 3.85
N GLY B 37 11.67 -38.14 3.75
CA GLY B 37 12.66 -37.08 3.79
C GLY B 37 12.83 -36.33 2.48
N ILE B 38 14.09 -36.08 2.12
CA ILE B 38 14.52 -35.23 1.01
C ILE B 38 13.51 -34.11 0.71
N PRO B 39 13.17 -33.26 1.68
CA PRO B 39 12.39 -32.06 1.34
C PRO B 39 13.23 -31.16 0.43
N GLU B 40 12.59 -30.20 -0.25
CA GLU B 40 11.20 -29.80 -0.05
C GLU B 40 10.38 -30.13 -1.27
N HIS B 41 9.29 -30.86 -1.04
CA HIS B 41 8.34 -31.22 -2.08
C HIS B 41 6.95 -31.07 -1.51
N ALA B 42 6.02 -30.58 -2.34
CA ALA B 42 4.61 -30.55 -1.99
C ALA B 42 4.04 -31.94 -2.28
N ASP B 43 4.39 -32.88 -1.41
CA ASP B 43 4.05 -34.28 -1.65
C ASP B 43 3.82 -34.98 -0.32
N SER B 44 3.44 -36.24 -0.38
CA SER B 44 3.08 -37.02 0.80
C SER B 44 4.31 -37.30 1.67
N LEU B 45 4.05 -37.55 2.95
CA LEU B 45 5.13 -37.83 3.88
C LEU B 45 5.91 -39.08 3.45
N ARG B 46 5.21 -40.17 3.21
CA ARG B 46 5.85 -41.36 2.68
C ARG B 46 6.17 -41.15 1.19
N LEU B 47 7.44 -41.16 0.85
CA LEU B 47 7.83 -40.87 -0.53
C LEU B 47 7.34 -41.98 -1.46
N LYS B 48 7.01 -41.57 -2.68
CA LYS B 48 6.50 -42.49 -3.69
C LYS B 48 7.63 -43.06 -4.54
N VAL B 49 7.33 -44.22 -5.14
CA VAL B 49 8.21 -44.77 -6.16
C VAL B 49 8.26 -43.82 -7.35
N THR B 50 9.45 -43.65 -7.94
CA THR B 50 9.61 -42.75 -9.09
C THR B 50 9.68 -43.50 -10.43
N GLU B 51 9.53 -44.83 -10.41
CA GLU B 51 9.78 -45.65 -11.59
C GLU B 51 8.95 -45.19 -12.79
N GLY B 52 7.67 -44.93 -12.58
CA GLY B 52 6.86 -44.55 -13.72
C GLY B 52 6.83 -43.08 -14.06
N GLY B 53 7.66 -42.25 -13.44
CA GLY B 53 7.57 -40.80 -13.61
C GLY B 53 8.89 -40.12 -13.41
N GLU B 54 8.85 -38.96 -12.81
CA GLU B 54 10.02 -38.13 -12.54
C GLU B 54 10.69 -38.56 -11.25
N PRO B 55 12.01 -38.47 -11.19
CA PRO B 55 12.70 -38.54 -9.90
C PRO B 55 12.32 -37.35 -9.06
N TYR B 56 12.52 -37.48 -7.75
CA TYR B 56 12.43 -36.31 -6.87
C TYR B 56 13.63 -35.43 -7.11
N ARG B 57 13.40 -34.11 -7.24
CA ARG B 57 14.46 -33.17 -7.60
C ARG B 57 14.81 -32.32 -6.39
N LEU B 58 16.11 -32.13 -6.15
CA LEU B 58 16.63 -31.29 -5.08
C LEU B 58 17.41 -30.16 -5.72
N TYR B 59 16.76 -29.00 -5.87
CA TYR B 59 17.41 -27.84 -6.47
C TYR B 59 16.60 -26.62 -6.03
N ASN B 60 17.18 -25.78 -5.17
CA ASN B 60 16.42 -24.70 -4.56
C ASN B 60 15.85 -23.78 -5.63
N LEU B 61 14.53 -23.76 -5.77
CA LEU B 61 13.88 -23.05 -6.87
C LEU B 61 12.64 -22.32 -6.38
N ASP B 62 12.36 -21.20 -7.03
CA ASP B 62 11.21 -20.36 -6.74
C ASP B 62 10.10 -20.72 -7.74
N VAL B 63 9.11 -21.49 -7.29
CA VAL B 63 8.05 -21.99 -8.15
C VAL B 63 6.76 -21.21 -7.87
N PHE B 64 6.39 -20.34 -8.79
CA PHE B 64 5.22 -19.48 -8.60
C PHE B 64 3.94 -20.31 -8.65
N GLN B 65 3.10 -20.13 -7.62
CA GLN B 65 1.85 -20.88 -7.43
C GLN B 65 2.07 -22.40 -7.56
N TYR B 66 2.99 -22.91 -6.75
CA TYR B 66 3.31 -24.33 -6.85
C TYR B 66 2.08 -25.18 -6.53
N GLU B 67 2.01 -26.35 -7.14
CA GLU B 67 0.88 -27.26 -7.01
C GLU B 67 1.27 -28.45 -6.13
N LEU B 68 0.25 -29.24 -5.78
CA LEU B 68 0.37 -30.30 -4.78
C LEU B 68 0.53 -31.67 -5.43
N ASN B 69 1.14 -32.57 -4.65
N ASN B 69 1.11 -32.59 -4.66
CA ASN B 69 1.37 -33.98 -5.02
CA ASN B 69 1.32 -33.98 -5.08
C ASN B 69 2.14 -34.09 -6.34
C ASN B 69 2.12 -34.06 -6.38
N ASN B 70 3.33 -33.52 -6.35
CA ASN B 70 4.25 -33.68 -7.48
C ASN B 70 5.67 -33.53 -6.99
N PRO B 71 6.65 -34.02 -7.74
CA PRO B 71 8.03 -34.05 -7.23
C PRO B 71 8.89 -32.89 -7.69
N MET B 72 8.28 -31.81 -8.18
CA MET B 72 9.06 -30.65 -8.58
C MET B 72 9.84 -30.09 -7.40
N ALA B 73 11.05 -29.63 -7.65
CA ALA B 73 11.85 -29.02 -6.60
C ALA B 73 11.25 -27.68 -6.19
N LEU B 74 11.20 -27.44 -4.89
CA LEU B 74 10.72 -26.19 -4.30
C LEU B 74 11.92 -25.45 -3.71
N TYR B 75 11.68 -24.63 -2.68
CA TYR B 75 12.65 -23.61 -2.30
C TYR B 75 13.87 -24.19 -1.58
N GLY B 76 13.72 -25.32 -0.88
CA GLY B 76 14.80 -25.89 -0.10
C GLY B 76 15.15 -27.31 -0.49
N SER B 77 16.35 -27.76 -0.09
CA SER B 77 16.86 -29.09 -0.44
C SER B 77 17.63 -29.65 0.75
N VAL B 78 17.13 -30.72 1.36
CA VAL B 78 17.86 -31.43 2.40
C VAL B 78 18.06 -32.86 1.92
N PRO B 79 19.26 -33.20 1.45
CA PRO B 79 19.49 -34.51 0.81
C PRO B 79 19.69 -35.63 1.83
N VAL B 80 18.63 -35.90 2.59
CA VAL B 80 18.65 -36.89 3.67
C VAL B 80 17.40 -37.73 3.54
N LEU B 81 17.58 -39.04 3.50
CA LEU B 81 16.48 -39.98 3.33
C LEU B 81 16.46 -40.92 4.51
N LEU B 82 15.30 -41.06 5.13
CA LEU B 82 15.10 -41.99 6.24
C LEU B 82 14.29 -43.17 5.76
N ALA B 83 14.69 -44.37 6.20
CA ALA B 83 14.01 -45.61 5.89
C ALA B 83 13.54 -46.27 7.19
N HIS B 84 12.27 -46.67 7.24
CA HIS B 84 11.68 -47.25 8.44
C HIS B 84 11.00 -48.58 8.15
N SER B 85 11.26 -49.56 9.01
CA SER B 85 10.51 -50.81 9.05
C SER B 85 10.21 -51.16 10.51
N PHE B 86 9.39 -52.21 10.68
CA PHE B 86 9.10 -52.77 12.00
C PHE B 86 10.38 -53.09 12.76
N HIS B 87 11.45 -53.44 12.06
CA HIS B 87 12.66 -53.98 12.67
C HIS B 87 13.79 -52.99 12.82
N ARG B 88 13.90 -51.98 11.96
CA ARG B 88 15.06 -51.10 12.01
C ARG B 88 14.73 -49.77 11.35
N ASP B 89 15.61 -48.79 11.63
CA ASP B 89 15.60 -47.47 10.99
C ASP B 89 16.98 -47.19 10.45
N LEU B 90 17.04 -46.60 9.26
CA LEU B 90 18.30 -46.23 8.63
C LEU B 90 18.17 -44.85 8.03
N GLY B 91 19.31 -44.18 7.86
CA GLY B 91 19.34 -42.90 7.16
C GLY B 91 20.50 -42.82 6.18
N ILE B 92 20.26 -42.10 5.09
CA ILE B 92 21.27 -41.83 4.07
C ILE B 92 21.40 -40.33 3.90
N PHE B 93 22.61 -39.81 4.03
CA PHE B 93 22.89 -38.37 3.96
C PHE B 93 23.86 -38.17 2.80
N TRP B 94 23.33 -37.66 1.69
CA TRP B 94 24.09 -37.48 0.45
C TRP B 94 24.62 -36.05 0.44
N LEU B 95 25.87 -35.86 0.87
CA LEU B 95 26.45 -34.53 1.08
C LEU B 95 26.96 -33.99 -0.25
N ASN B 96 26.03 -33.37 -1.00
CA ASN B 96 26.34 -32.79 -2.29
C ASN B 96 25.48 -31.53 -2.45
N ALA B 97 26.09 -30.43 -2.90
CA ALA B 97 25.41 -29.15 -2.99
C ALA B 97 24.90 -28.83 -4.40
N ALA B 98 25.16 -29.69 -5.37
CA ALA B 98 24.75 -29.45 -6.75
C ALA B 98 23.34 -29.98 -6.99
N GLU B 99 22.76 -29.57 -8.13
CA GLU B 99 21.46 -30.10 -8.52
C GLU B 99 21.49 -31.62 -8.42
N THR B 100 20.48 -32.19 -7.78
CA THR B 100 20.47 -33.61 -7.45
C THR B 100 19.10 -34.20 -7.72
N TRP B 101 19.08 -35.37 -8.35
CA TRP B 101 17.85 -36.11 -8.61
C TRP B 101 17.87 -37.43 -7.86
N VAL B 102 16.72 -37.84 -7.33
CA VAL B 102 16.61 -39.04 -6.50
C VAL B 102 15.55 -39.96 -7.05
N ASP B 103 15.94 -41.17 -7.45
CA ASP B 103 15.02 -42.20 -7.91
C ASP B 103 14.76 -43.19 -6.77
N ILE B 104 13.52 -43.65 -6.67
CA ILE B 104 13.07 -44.56 -5.62
C ILE B 104 12.29 -45.68 -6.28
N SER B 105 12.67 -46.92 -5.98
CA SER B 105 12.01 -48.09 -6.58
C SER B 105 11.87 -49.18 -5.52
N SER B 106 10.82 -49.99 -5.65
CA SER B 106 10.57 -51.08 -4.73
C SER B 106 10.67 -52.43 -5.44
N ASN B 107 11.01 -53.46 -4.67
CA ASN B 107 11.09 -54.83 -5.18
C ASN B 107 10.28 -55.74 -4.27
N THR C 1 11.63 -60.25 2.33
CA THR C 1 11.62 -60.11 0.88
C THR C 1 11.53 -58.66 0.35
N PRO C 2 10.67 -57.81 0.92
CA PRO C 2 10.54 -56.44 0.39
C PRO C 2 11.84 -55.66 0.49
N GLN C 3 12.04 -54.75 -0.46
CA GLN C 3 13.28 -53.98 -0.55
C GLN C 3 12.99 -52.67 -1.29
N THR C 4 13.68 -51.61 -0.86
CA THR C 4 13.61 -50.31 -1.52
C THR C 4 15.01 -49.93 -1.98
N ASP C 5 15.13 -49.49 -3.24
CA ASP C 5 16.38 -49.02 -3.82
C ASP C 5 16.31 -47.52 -4.01
N ILE C 6 17.42 -46.84 -3.71
CA ILE C 6 17.53 -45.38 -3.77
C ILE C 6 18.72 -45.05 -4.65
N ARG C 7 18.54 -44.12 -5.58
CA ARG C 7 19.62 -43.69 -6.46
C ARG C 7 19.71 -42.16 -6.47
N TRP C 8 20.90 -41.65 -6.22
CA TRP C 8 21.18 -40.22 -6.21
C TRP C 8 22.02 -39.86 -7.42
N MET C 9 21.66 -38.75 -8.07
CA MET C 9 22.35 -38.29 -9.26
C MET C 9 22.59 -36.79 -9.16
N SER C 10 23.85 -36.38 -9.12
CA SER C 10 24.23 -35.00 -8.86
C SER C 10 25.11 -34.47 -9.99
N GLU C 11 25.02 -33.15 -10.23
CA GLU C 11 25.64 -32.57 -11.42
C GLU C 11 27.16 -32.50 -11.31
N SER C 12 27.69 -32.25 -10.12
CA SER C 12 29.13 -32.11 -9.97
C SER C 12 29.49 -32.45 -8.52
N GLY C 13 30.72 -32.11 -8.12
CA GLY C 13 31.24 -32.47 -6.81
C GLY C 13 31.68 -33.93 -6.77
N ILE C 14 32.01 -34.39 -5.57
CA ILE C 14 32.43 -35.76 -5.38
C ILE C 14 31.24 -36.57 -4.89
N ILE C 15 31.41 -37.88 -4.80
CA ILE C 15 30.45 -38.71 -4.08
C ILE C 15 30.82 -38.65 -2.60
N ASP C 16 29.85 -38.26 -1.76
CA ASP C 16 30.11 -38.12 -0.33
C ASP C 16 28.80 -38.45 0.35
N VAL C 17 28.73 -39.63 0.96
CA VAL C 17 27.49 -40.12 1.53
C VAL C 17 27.76 -40.70 2.91
N PHE C 18 26.86 -40.42 3.85
CA PHE C 18 26.88 -40.96 5.20
C PHE C 18 25.74 -41.96 5.33
N LEU C 19 26.06 -43.15 5.82
CA LEU C 19 25.08 -44.17 6.14
C LEU C 19 24.92 -44.20 7.65
N MET C 20 23.71 -43.94 8.12
CA MET C 20 23.43 -43.80 9.55
C MET C 20 22.62 -45.02 9.95
N LEU C 21 23.21 -45.89 10.76
CA LEU C 21 22.75 -47.29 10.85
C LEU C 21 21.72 -47.53 11.94
N GLY C 22 21.23 -46.50 12.63
CA GLY C 22 20.21 -46.67 13.63
C GLY C 22 20.74 -47.41 14.86
N PRO C 23 20.01 -48.44 15.33
CA PRO C 23 18.84 -49.11 14.76
C PRO C 23 17.50 -48.42 14.96
N SER C 24 17.36 -47.59 15.99
CA SER C 24 16.09 -46.88 16.17
C SER C 24 16.14 -45.55 15.45
N VAL C 25 14.95 -45.00 15.18
CA VAL C 25 14.92 -43.71 14.49
C VAL C 25 15.56 -42.63 15.35
N PHE C 26 15.49 -42.77 16.68
CA PHE C 26 16.16 -41.78 17.53
C PHE C 26 17.67 -41.90 17.46
N ASP C 27 18.21 -43.11 17.25
CA ASP C 27 19.62 -43.24 16.94
C ASP C 27 19.98 -42.47 15.66
N VAL C 28 19.13 -42.59 14.64
CA VAL C 28 19.39 -41.89 13.38
C VAL C 28 19.36 -40.39 13.62
N PHE C 29 18.38 -39.91 14.41
CA PHE C 29 18.35 -38.49 14.75
C PHE C 29 19.66 -38.05 15.39
N ARG C 30 20.16 -38.82 16.36
CA ARG C 30 21.42 -38.50 17.03
C ARG C 30 22.59 -38.55 16.06
N GLN C 31 22.63 -39.58 15.21
CA GLN C 31 23.71 -39.71 14.23
C GLN C 31 23.76 -38.51 13.32
N TYR C 32 22.62 -38.14 12.72
CA TYR C 32 22.62 -37.01 11.80
C TYR C 32 22.93 -35.69 12.52
N ALA C 33 22.42 -35.51 13.74
CA ALA C 33 22.70 -34.30 14.50
C ALA C 33 24.19 -34.17 14.83
N SER C 34 24.88 -35.29 15.07
CA SER C 34 26.31 -35.19 15.32
C SER C 34 27.04 -34.69 14.09
N LEU C 35 26.50 -34.94 12.88
CA LEU C 35 27.14 -34.48 11.65
C LEU C 35 26.82 -33.01 11.36
N THR C 36 25.55 -32.64 11.35
CA THR C 36 25.15 -31.29 10.89
C THR C 36 24.65 -30.39 12.00
N GLY C 37 24.67 -30.83 13.25
CA GLY C 37 24.27 -29.99 14.35
C GLY C 37 22.78 -30.11 14.64
N THR C 38 22.33 -29.26 15.56
CA THR C 38 20.96 -29.34 16.07
C THR C 38 20.23 -28.01 15.84
N GLN C 39 18.93 -28.08 16.02
CA GLN C 39 18.07 -26.90 15.95
C GLN C 39 18.54 -25.82 16.91
N ALA C 40 18.81 -24.62 16.38
CA ALA C 40 19.07 -23.46 17.22
C ALA C 40 17.92 -23.25 18.19
N LEU C 41 18.24 -22.91 19.43
CA LEU C 41 17.19 -22.70 20.41
C LEU C 41 16.48 -21.37 20.13
N PRO C 42 15.22 -21.37 19.73
CA PRO C 42 14.55 -20.12 19.39
C PRO C 42 14.39 -19.25 20.62
N PRO C 43 14.57 -17.93 20.50
CA PRO C 43 14.08 -17.05 21.56
C PRO C 43 12.60 -17.32 21.74
N LEU C 44 12.15 -17.22 22.99
CA LEU C 44 10.79 -17.62 23.33
C LEU C 44 9.75 -16.87 22.48
N PHE C 45 9.94 -15.56 22.27
CA PHE C 45 8.92 -14.80 21.54
C PHE C 45 8.66 -15.42 20.17
N SER C 46 9.69 -16.03 19.56
CA SER C 46 9.51 -16.54 18.20
C SER C 46 8.64 -17.78 18.15
N LEU C 47 8.30 -18.37 19.28
CA LEU C 47 7.36 -19.49 19.34
C LEU C 47 5.93 -19.03 19.57
N GLY C 48 5.72 -17.71 19.74
CA GLY C 48 4.39 -17.15 19.82
C GLY C 48 3.76 -17.00 18.45
N TYR C 49 2.74 -16.15 18.38
CA TYR C 49 2.01 -15.90 17.14
C TYR C 49 2.59 -14.70 16.40
N HIS C 50 2.82 -14.87 15.09
CA HIS C 50 3.35 -13.84 14.21
C HIS C 50 2.26 -13.34 13.25
N GLN C 51 2.10 -12.01 13.16
CA GLN C 51 1.10 -11.41 12.28
C GLN C 51 1.82 -10.72 11.13
N SER C 52 1.55 -11.18 9.91
CA SER C 52 2.24 -10.67 8.73
C SER C 52 1.27 -10.51 7.58
N ARG C 53 1.68 -9.67 6.62
CA ARG C 53 1.13 -9.69 5.27
C ARG C 53 2.05 -8.85 4.40
N TRP C 54 1.84 -8.97 3.10
CA TRP C 54 2.38 -8.07 2.09
C TRP C 54 1.25 -7.07 1.80
N ASN C 55 1.31 -5.85 2.33
CA ASN C 55 2.30 -5.27 3.24
C ASN C 55 1.49 -4.46 4.26
N TYR C 56 1.97 -4.29 5.48
CA TYR C 56 1.42 -3.22 6.30
C TYR C 56 1.98 -1.91 5.76
N ARG C 57 1.11 -0.91 5.61
CA ARG C 57 1.41 0.17 4.67
C ARG C 57 2.33 1.24 5.25
N ASP C 58 2.26 1.49 6.56
CA ASP C 58 3.08 2.54 7.17
C ASP C 58 3.13 2.31 8.67
N GLU C 59 3.81 3.21 9.38
CA GLU C 59 3.95 3.07 10.83
C GLU C 59 2.60 3.09 11.52
N ALA C 60 1.69 3.95 11.07
CA ALA C 60 0.36 4.01 11.68
C ALA C 60 -0.38 2.69 11.54
N ASP C 61 -0.27 2.05 10.37
CA ASP C 61 -0.91 0.76 10.16
C ASP C 61 -0.38 -0.27 11.14
N VAL C 62 0.94 -0.33 11.29
CA VAL C 62 1.57 -1.28 12.23
C VAL C 62 1.06 -1.05 13.64
N LEU C 63 0.95 0.22 14.07
CA LEU C 63 0.47 0.49 15.42
C LEU C 63 -1.02 0.22 15.56
N GLU C 64 -1.81 0.42 14.48
CA GLU C 64 -3.21 0.04 14.53
C GLU C 64 -3.38 -1.47 14.63
N VAL C 65 -2.54 -2.23 13.93
CA VAL C 65 -2.60 -3.69 14.05
C VAL C 65 -2.26 -4.11 15.46
N ASP C 66 -1.17 -3.56 16.00
CA ASP C 66 -0.78 -3.84 17.38
C ASP C 66 -1.92 -3.56 18.35
N GLN C 67 -2.57 -2.40 18.21
CA GLN C 67 -3.67 -2.05 19.10
C GLN C 67 -4.90 -2.90 18.85
N GLY C 68 -5.11 -3.34 17.62
CA GLY C 68 -6.23 -4.22 17.33
C GLY C 68 -6.16 -5.53 18.11
N PHE C 69 -4.96 -6.10 18.24
CA PHE C 69 -4.82 -7.31 19.03
C PHE C 69 -5.26 -7.09 20.47
N ASP C 70 -4.85 -5.97 21.06
CA ASP C 70 -5.20 -5.70 22.46
C ASP C 70 -6.69 -5.37 22.61
N ASP C 71 -7.24 -4.58 21.68
CA ASP C 71 -8.65 -4.24 21.74
C ASP C 71 -9.55 -5.46 21.55
N HIS C 72 -9.06 -6.51 20.89
CA HIS C 72 -9.87 -7.70 20.68
C HIS C 72 -9.39 -8.89 21.50
N ASN C 73 -8.53 -8.65 22.49
CA ASN C 73 -8.08 -9.68 23.44
C ASN C 73 -7.53 -10.91 22.72
N MET C 74 -6.57 -10.68 21.82
CA MET C 74 -5.87 -11.74 21.10
C MET C 74 -4.38 -11.53 21.26
N PRO C 75 -3.64 -12.57 21.67
CA PRO C 75 -2.18 -12.43 21.84
C PRO C 75 -1.43 -12.44 20.51
N CYS C 76 -0.29 -11.74 20.51
CA CYS C 76 0.58 -11.68 19.34
C CYS C 76 1.95 -11.19 19.79
N ASP C 77 3.01 -11.87 19.34
CA ASP C 77 4.36 -11.46 19.72
C ASP C 77 5.04 -10.59 18.68
N VAL C 78 4.75 -10.78 17.40
CA VAL C 78 5.52 -10.15 16.33
C VAL C 78 4.60 -9.66 15.23
N ILE C 79 4.87 -8.45 14.75
CA ILE C 79 4.26 -7.91 13.55
C ILE C 79 5.37 -7.77 12.50
N TRP C 80 5.08 -8.17 11.26
CA TRP C 80 6.08 -8.30 10.22
C TRP C 80 5.95 -7.20 9.17
N LEU C 81 7.11 -6.77 8.64
CA LEU C 81 7.22 -5.75 7.61
C LEU C 81 7.80 -6.39 6.36
N ASP C 82 6.96 -6.56 5.33
CA ASP C 82 7.40 -7.15 4.08
C ASP C 82 8.08 -6.05 3.25
N ILE C 83 8.34 -6.33 1.97
CA ILE C 83 9.29 -5.54 1.16
C ILE C 83 8.86 -4.10 0.91
N GLU C 84 7.58 -3.78 1.08
CA GLU C 84 7.17 -2.40 0.83
C GLU C 84 7.56 -1.45 1.96
N HIS C 85 8.16 -1.93 3.06
CA HIS C 85 8.64 -1.02 4.09
C HIS C 85 9.95 -0.34 3.74
N ALA C 86 10.70 -0.89 2.80
CA ALA C 86 11.98 -0.34 2.40
C ALA C 86 11.82 0.74 1.32
N ASP C 87 12.94 1.41 0.99
CA ASP C 87 12.95 2.40 -0.10
C ASP C 87 13.11 1.69 -1.44
N GLY C 88 11.97 1.43 -2.10
CA GLY C 88 12.03 0.82 -3.41
C GLY C 88 12.80 -0.48 -3.46
N LYS C 89 12.63 -1.31 -2.43
CA LYS C 89 13.24 -2.65 -2.33
C LYS C 89 14.77 -2.56 -2.30
N ARG C 90 15.29 -1.46 -1.76
CA ARG C 90 16.68 -1.35 -1.34
C ARG C 90 16.73 -1.82 0.12
N TYR C 91 17.27 -3.01 0.36
CA TYR C 91 17.19 -3.55 1.71
C TYR C 91 18.11 -2.78 2.66
N PHE C 92 17.77 -2.85 3.95
CA PHE C 92 18.35 -2.07 5.04
C PHE C 92 17.93 -0.60 5.00
N THR C 93 16.98 -0.23 4.14
CA THR C 93 16.45 1.13 4.11
C THR C 93 14.98 1.13 4.52
N TRP C 94 14.44 2.35 4.68
CA TRP C 94 13.07 2.59 5.09
C TRP C 94 12.42 3.58 4.15
N ASP C 95 11.19 3.32 3.76
CA ASP C 95 10.52 4.29 2.90
C ASP C 95 10.41 5.63 3.64
N PRO C 96 10.93 6.72 3.07
CA PRO C 96 11.00 7.99 3.81
C PRO C 96 9.63 8.61 4.10
N THR C 97 8.58 8.22 3.38
CA THR C 97 7.24 8.74 3.67
C THR C 97 6.49 7.86 4.63
N ARG C 98 6.47 6.55 4.38
CA ARG C 98 5.62 5.65 5.15
C ARG C 98 6.32 5.09 6.39
N PHE C 99 7.64 5.07 6.44
CA PHE C 99 8.39 4.66 7.63
C PHE C 99 9.49 5.69 7.95
N PRO C 100 9.09 6.93 8.28
CA PRO C 100 10.09 7.98 8.53
C PRO C 100 10.79 7.87 9.87
N GLN C 101 10.20 7.21 10.85
CA GLN C 101 10.74 7.15 12.21
C GLN C 101 10.70 5.70 12.71
N PRO C 102 11.51 4.81 12.12
CA PRO C 102 11.43 3.40 12.54
C PRO C 102 11.78 3.18 14.02
N LEU C 103 12.70 3.94 14.58
CA LEU C 103 13.03 3.80 16.01
C LEU C 103 11.82 4.07 16.88
N ASN C 104 11.03 5.10 16.54
N ASN C 104 11.05 5.12 16.55
CA ASN C 104 9.85 5.40 17.36
CA ASN C 104 9.84 5.43 17.31
C ASN C 104 8.80 4.30 17.21
C ASN C 104 8.83 4.29 17.22
N MET C 105 8.64 3.75 16.01
CA MET C 105 7.73 2.61 15.84
C MET C 105 8.20 1.42 16.68
N LEU C 106 9.49 1.12 16.63
CA LEU C 106 10.04 0.00 17.41
C LEU C 106 9.91 0.27 18.91
N GLU C 107 10.09 1.53 19.33
CA GLU C 107 9.90 1.85 20.73
C GLU C 107 8.46 1.63 21.17
N HIS C 108 7.48 2.03 20.35
CA HIS C 108 6.09 1.78 20.72
CA HIS C 108 6.08 1.78 20.68
C HIS C 108 5.79 0.28 20.81
N LEU C 109 6.33 -0.51 19.90
CA LEU C 109 6.15 -1.96 20.00
C LEU C 109 6.80 -2.52 21.26
N ALA C 110 8.02 -2.06 21.58
CA ALA C 110 8.68 -2.47 22.82
C ALA C 110 7.83 -2.14 24.04
N SER C 111 7.15 -0.99 24.02
CA SER C 111 6.31 -0.64 25.16
C SER C 111 5.13 -1.60 25.30
N LYS C 112 4.73 -2.27 24.22
CA LYS C 112 3.75 -3.34 24.28
C LYS C 112 4.42 -4.70 24.47
N ARG C 113 5.75 -4.73 24.62
CA ARG C 113 6.51 -5.97 24.79
C ARG C 113 6.29 -6.90 23.60
N ARG C 114 6.32 -6.32 22.41
CA ARG C 114 6.23 -7.04 21.14
C ARG C 114 7.47 -6.74 20.32
N LYS C 115 7.65 -7.54 19.27
CA LYS C 115 8.79 -7.42 18.38
C LYS C 115 8.31 -7.13 16.97
N LEU C 116 9.27 -6.84 16.11
CA LEU C 116 9.02 -6.63 14.70
C LEU C 116 10.01 -7.45 13.90
N VAL C 117 9.58 -7.94 12.74
CA VAL C 117 10.48 -8.60 11.79
C VAL C 117 10.48 -7.79 10.49
N ALA C 118 11.68 -7.46 10.01
CA ALA C 118 11.84 -6.78 8.73
C ALA C 118 12.46 -7.75 7.72
N ILE C 119 11.98 -7.69 6.48
CA ILE C 119 12.53 -8.54 5.42
C ILE C 119 13.81 -7.92 4.88
N VAL C 120 14.79 -8.77 4.62
CA VAL C 120 16.06 -8.40 4.00
C VAL C 120 16.41 -9.52 3.02
N ASP C 121 16.32 -9.23 1.72
CA ASP C 121 16.61 -10.25 0.72
C ASP C 121 18.04 -10.12 0.25
N PRO C 122 18.62 -11.17 -0.33
CA PRO C 122 20.03 -11.08 -0.72
C PRO C 122 20.29 -10.41 -2.06
N HIS C 123 19.28 -9.96 -2.80
CA HIS C 123 19.59 -9.31 -4.06
C HIS C 123 19.69 -7.81 -3.81
N ILE C 124 20.66 -7.17 -4.44
CA ILE C 124 21.04 -5.79 -4.15
C ILE C 124 20.81 -4.94 -5.39
N LYS C 125 19.95 -3.92 -5.26
CA LYS C 125 19.60 -3.10 -6.41
C LYS C 125 20.83 -2.47 -7.02
N VAL C 126 21.01 -2.63 -8.33
CA VAL C 126 22.09 -1.95 -9.04
C VAL C 126 21.74 -0.48 -9.11
N ASP C 127 22.37 0.34 -8.26
CA ASP C 127 21.97 1.73 -8.06
C ASP C 127 23.16 2.46 -7.43
N SER C 128 23.74 3.41 -8.16
CA SER C 128 24.91 4.10 -7.65
C SER C 128 24.60 4.99 -6.46
N GLY C 129 23.34 5.30 -6.19
CA GLY C 129 23.01 6.00 -4.97
C GLY C 129 22.78 5.11 -3.77
N TYR C 130 22.84 3.80 -3.95
CA TYR C 130 22.54 2.83 -2.90
C TYR C 130 23.88 2.41 -2.29
N ARG C 131 24.09 2.79 -1.03
CA ARG C 131 25.39 2.59 -0.37
C ARG C 131 25.76 1.10 -0.30
N VAL C 132 24.79 0.23 0.00
CA VAL C 132 25.08 -1.20 0.03
C VAL C 132 25.64 -1.66 -1.31
N HIS C 133 25.00 -1.25 -2.41
CA HIS C 133 25.49 -1.64 -3.73
C HIS C 133 26.89 -1.09 -3.99
N GLU C 134 27.14 0.17 -3.61
CA GLU C 134 28.44 0.77 -3.87
C GLU C 134 29.54 0.05 -3.10
N GLU C 135 29.28 -0.28 -1.83
CA GLU C 135 30.28 -0.98 -1.02
C GLU C 135 30.59 -2.36 -1.60
N LEU C 136 29.56 -3.13 -1.94
CA LEU C 136 29.77 -4.48 -2.45
C LEU C 136 30.45 -4.46 -3.82
N ARG C 137 30.08 -3.50 -4.67
CA ARG C 137 30.74 -3.36 -5.96
C ARG C 137 32.21 -2.99 -5.78
N ASN C 138 32.49 -2.00 -4.93
CA ASN C 138 33.86 -1.52 -4.73
C ASN C 138 34.76 -2.60 -4.14
N HIS C 139 34.21 -3.47 -3.27
CA HIS C 139 35.01 -4.48 -2.61
C HIS C 139 34.99 -5.81 -3.34
N GLY C 140 34.40 -5.85 -4.54
CA GLY C 140 34.41 -7.06 -5.36
C GLY C 140 33.74 -8.25 -4.72
N LEU C 141 32.64 -8.03 -3.99
CA LEU C 141 31.99 -9.07 -3.22
C LEU C 141 30.77 -9.66 -3.92
N TYR C 142 30.55 -9.35 -5.18
CA TYR C 142 29.40 -9.86 -5.93
C TYR C 142 29.77 -11.14 -6.67
N VAL C 143 28.77 -12.01 -6.86
CA VAL C 143 28.89 -13.11 -7.81
C VAL C 143 29.25 -12.54 -9.17
N LYS C 144 30.13 -13.24 -9.90
CA LYS C 144 30.65 -12.76 -11.16
C LYS C 144 30.24 -13.67 -12.31
N THR C 145 30.38 -13.15 -13.52
CA THR C 145 30.26 -13.96 -14.72
C THR C 145 31.66 -14.34 -15.18
N ARG C 146 31.73 -15.20 -16.19
CA ARG C 146 33.02 -15.71 -16.63
C ARG C 146 33.93 -14.59 -17.16
N ASP C 147 33.36 -13.52 -17.69
CA ASP C 147 34.20 -12.43 -18.19
C ASP C 147 34.67 -11.50 -17.07
N GLY C 148 34.38 -11.84 -15.82
CA GLY C 148 34.83 -11.06 -14.69
C GLY C 148 33.95 -9.90 -14.29
N SER C 149 32.84 -9.67 -14.96
CA SER C 149 31.97 -8.59 -14.54
C SER C 149 30.99 -9.09 -13.48
N ASP C 150 30.46 -8.15 -12.70
CA ASP C 150 29.50 -8.52 -11.68
C ASP C 150 28.21 -9.01 -12.32
N TYR C 151 27.69 -10.15 -11.85
CA TYR C 151 26.44 -10.70 -12.36
C TYR C 151 25.28 -9.73 -12.08
N GLU C 152 24.42 -9.56 -13.06
CA GLU C 152 23.25 -8.70 -12.91
C GLU C 152 22.02 -9.45 -13.40
N GLY C 153 21.04 -9.57 -12.51
CA GLY C 153 19.77 -10.18 -12.86
C GLY C 153 18.62 -9.26 -12.49
N TRP C 154 17.43 -9.80 -12.37
CA TRP C 154 16.23 -9.01 -12.11
C TRP C 154 15.48 -9.59 -10.92
N CYS C 155 15.10 -8.74 -9.98
CA CYS C 155 14.22 -9.16 -8.88
C CYS C 155 13.37 -7.95 -8.49
N TRP C 156 12.87 -7.95 -7.24
CA TRP C 156 11.92 -6.91 -6.82
C TRP C 156 12.37 -5.47 -7.10
N PRO C 157 13.62 -5.06 -6.88
CA PRO C 157 14.00 -3.69 -7.19
C PRO C 157 14.35 -3.44 -8.65
N GLY C 158 14.01 -4.36 -9.54
CA GLY C 158 14.46 -4.31 -10.90
C GLY C 158 15.81 -4.96 -11.07
N SER C 159 16.70 -4.33 -11.83
CA SER C 159 18.03 -4.89 -12.06
C SER C 159 18.80 -4.95 -10.74
N ALA C 160 19.41 -6.10 -10.45
CA ALA C 160 20.01 -6.34 -9.14
C ALA C 160 21.21 -7.25 -9.28
N SER C 161 22.16 -7.09 -8.36
CA SER C 161 23.30 -7.98 -8.24
C SER C 161 23.18 -8.84 -6.98
N TYR C 162 24.01 -9.88 -6.94
CA TYR C 162 23.91 -10.94 -5.95
C TYR C 162 25.22 -11.09 -5.20
N PRO C 163 25.26 -10.76 -3.92
CA PRO C 163 26.50 -10.93 -3.14
C PRO C 163 26.90 -12.39 -3.10
N ASP C 164 28.21 -12.64 -3.13
CA ASP C 164 28.71 -13.99 -3.09
C ASP C 164 28.75 -14.46 -1.63
N PHE C 165 27.62 -14.98 -1.16
CA PHE C 165 27.58 -15.47 0.21
C PHE C 165 28.43 -16.71 0.46
N THR C 166 28.95 -17.37 -0.59
CA THR C 166 29.93 -18.42 -0.33
C THR C 166 31.28 -17.87 0.11
N ASN C 167 31.51 -16.58 -0.06
CA ASN C 167 32.77 -15.94 0.32
C ASN C 167 32.71 -15.54 1.79
N PRO C 168 33.59 -16.05 2.65
CA PRO C 168 33.53 -15.66 4.07
C PRO C 168 33.67 -14.17 4.31
N ARG C 169 34.43 -13.46 3.46
CA ARG C 169 34.54 -12.02 3.62
C ARG C 169 33.21 -11.34 3.33
N MET C 170 32.41 -11.89 2.41
CA MET C 170 31.09 -11.33 2.17
CA MET C 170 31.08 -11.33 2.16
C MET C 170 30.15 -11.59 3.34
N ARG C 171 30.19 -12.81 3.90
CA ARG C 171 29.35 -13.11 5.06
C ARG C 171 29.71 -12.22 6.24
N ALA C 172 31.00 -11.93 6.41
CA ALA C 172 31.40 -11.03 7.49
C ALA C 172 30.91 -9.61 7.24
N TRP C 173 30.99 -9.16 5.99
CA TRP C 173 30.45 -7.85 5.64
C TRP C 173 28.95 -7.80 5.95
N TRP C 174 28.22 -8.84 5.54
CA TRP C 174 26.78 -8.90 5.77
C TRP C 174 26.46 -8.88 7.24
N SER C 175 27.17 -9.69 8.03
N SER C 175 27.18 -9.67 8.04
CA SER C 175 26.92 -9.73 9.46
CA SER C 175 26.89 -9.72 9.47
C SER C 175 27.12 -8.36 10.09
C SER C 175 27.15 -8.38 10.14
N ASN C 176 28.19 -7.67 9.72
CA ASN C 176 28.47 -6.36 10.30
C ASN C 176 27.45 -5.32 9.88
N MET C 177 26.77 -5.52 8.74
CA MET C 177 25.73 -4.60 8.29
C MET C 177 24.55 -4.57 9.24
N PHE C 178 24.35 -5.59 10.07
CA PHE C 178 23.25 -5.58 11.03
C PHE C 178 23.59 -4.87 12.32
N SER C 179 24.78 -4.28 12.44
CA SER C 179 25.06 -3.48 13.63
C SER C 179 24.08 -2.32 13.71
N PHE C 180 23.78 -1.86 14.92
CA PHE C 180 22.82 -0.77 15.07
C PHE C 180 23.31 0.54 14.46
N ASP C 181 24.63 0.68 14.27
CA ASP C 181 25.18 1.83 13.57
C ASP C 181 25.02 1.70 12.06
N ASN C 182 25.12 0.48 11.53
CA ASN C 182 25.05 0.32 10.08
C ASN C 182 23.61 0.22 9.59
N TYR C 183 22.79 -0.59 10.26
CA TYR C 183 21.37 -0.74 9.90
C TYR C 183 20.60 0.34 10.66
N GLU C 184 20.67 1.56 10.14
CA GLU C 184 20.02 2.68 10.82
C GLU C 184 18.52 2.48 10.88
N GLY C 185 17.94 2.77 12.04
CA GLY C 185 16.55 2.52 12.30
C GLY C 185 16.22 1.18 12.94
N SER C 186 17.18 0.27 13.02
CA SER C 186 16.95 -1.01 13.70
C SER C 186 17.22 -0.89 15.21
N ALA C 187 16.71 -1.86 15.96
CA ALA C 187 16.78 -1.85 17.41
C ALA C 187 16.72 -3.29 17.88
N PRO C 188 16.98 -3.55 19.17
CA PRO C 188 17.03 -4.95 19.64
C PRO C 188 15.74 -5.75 19.49
N ASN C 189 14.56 -5.13 19.35
CA ASN C 189 13.35 -5.90 19.12
C ASN C 189 13.00 -6.01 17.62
N LEU C 190 13.95 -5.71 16.73
CA LEU C 190 13.78 -5.92 15.30
CA LEU C 190 13.78 -5.91 15.30
C LEU C 190 14.55 -7.16 14.87
N TYR C 191 13.84 -8.13 14.29
CA TYR C 191 14.47 -9.36 13.81
C TYR C 191 14.24 -9.45 12.29
N VAL C 192 14.69 -10.54 11.67
CA VAL C 192 14.92 -10.52 10.23
C VAL C 192 14.31 -11.72 9.52
N TRP C 193 13.88 -11.48 8.27
CA TRP C 193 13.31 -12.48 7.37
C TRP C 193 14.14 -12.46 6.08
N ASN C 194 14.78 -13.57 5.75
CA ASN C 194 15.50 -13.73 4.49
C ASN C 194 14.61 -14.47 3.50
N ASP C 195 14.28 -13.83 2.39
CA ASP C 195 13.43 -14.42 1.37
C ASP C 195 14.17 -14.42 0.03
N MET C 196 13.64 -15.15 -0.95
CA MET C 196 14.16 -15.15 -2.31
C MET C 196 15.62 -15.61 -2.36
N ASN C 197 16.08 -16.40 -1.39
CA ASN C 197 17.51 -16.70 -1.31
C ASN C 197 17.86 -18.05 -1.94
N GLU C 198 17.05 -18.52 -2.89
CA GLU C 198 17.41 -19.72 -3.64
C GLU C 198 18.73 -19.62 -4.39
N PRO C 199 19.12 -18.49 -5.01
CA PRO C 199 18.49 -17.16 -5.12
C PRO C 199 17.48 -17.08 -6.26
N SER C 200 16.41 -16.31 -6.06
CA SER C 200 15.44 -16.09 -7.12
C SER C 200 15.96 -15.00 -8.08
N VAL C 201 15.95 -15.30 -9.37
CA VAL C 201 16.38 -14.38 -10.42
C VAL C 201 15.31 -14.40 -11.51
N PHE C 202 14.56 -13.32 -11.62
CA PHE C 202 13.33 -13.35 -12.42
C PHE C 202 13.61 -13.63 -13.90
N ASN C 203 14.74 -13.15 -14.42
CA ASN C 203 15.10 -13.37 -15.82
C ASN C 203 16.17 -14.44 -15.99
N GLY C 204 16.37 -15.29 -14.97
CA GLY C 204 17.34 -16.37 -15.06
C GLY C 204 16.71 -17.70 -15.41
N PRO C 205 17.54 -18.69 -15.77
CA PRO C 205 17.01 -20.02 -16.09
C PRO C 205 16.37 -20.66 -14.86
N GLU C 206 15.14 -21.14 -15.05
CA GLU C 206 14.33 -21.70 -13.96
C GLU C 206 14.17 -20.73 -12.80
N VAL C 207 14.18 -19.43 -13.13
CA VAL C 207 14.00 -18.34 -12.19
C VAL C 207 15.12 -18.32 -11.14
N THR C 208 16.32 -18.73 -11.52
CA THR C 208 17.47 -18.67 -10.62
C THR C 208 18.72 -18.31 -11.41
N MET C 209 19.86 -18.35 -10.74
CA MET C 209 21.13 -17.90 -11.28
C MET C 209 21.65 -18.85 -12.36
N LEU C 210 22.43 -18.29 -13.29
CA LEU C 210 23.11 -19.08 -14.32
C LEU C 210 24.07 -20.09 -13.70
N LYS C 211 24.08 -21.30 -14.27
CA LYS C 211 24.96 -22.38 -13.78
C LYS C 211 26.43 -22.00 -13.86
N ASP C 212 26.82 -21.19 -14.84
CA ASP C 212 28.23 -20.86 -15.04
C ASP C 212 28.61 -19.50 -14.48
N ALA C 213 27.78 -18.92 -13.61
CA ALA C 213 28.28 -17.80 -12.80
C ALA C 213 29.39 -18.30 -11.89
N VAL C 214 30.25 -17.38 -11.43
CA VAL C 214 31.51 -17.77 -10.79
C VAL C 214 31.54 -17.19 -9.39
N HIS C 215 31.88 -18.04 -8.41
CA HIS C 215 31.92 -17.72 -7.00
C HIS C 215 33.36 -17.74 -6.49
N TYR C 216 33.48 -17.43 -5.19
CA TYR C 216 34.76 -17.43 -4.49
C TYR C 216 35.51 -18.73 -4.74
N GLY C 217 36.83 -18.63 -4.96
CA GLY C 217 37.64 -19.79 -5.28
C GLY C 217 37.49 -20.33 -6.69
N GLY C 218 36.73 -19.65 -7.54
CA GLY C 218 36.55 -20.09 -8.91
C GLY C 218 35.49 -21.15 -9.09
N TRP C 219 34.81 -21.58 -8.02
CA TRP C 219 33.77 -22.58 -8.19
C TRP C 219 32.61 -22.00 -8.98
N GLU C 220 31.97 -22.86 -9.77
CA GLU C 220 30.82 -22.43 -10.54
C GLU C 220 29.57 -22.43 -9.69
N HIS C 221 28.57 -21.67 -10.13
CA HIS C 221 27.32 -21.65 -9.40
C HIS C 221 26.68 -23.03 -9.36
N ARG C 222 26.86 -23.83 -10.42
CA ARG C 222 26.31 -25.18 -10.41
C ARG C 222 26.88 -26.02 -9.27
N ASP C 223 28.07 -25.69 -8.78
CA ASP C 223 28.69 -26.48 -7.71
C ASP C 223 28.08 -26.20 -6.35
N ILE C 224 27.63 -24.97 -6.11
CA ILE C 224 27.31 -24.50 -4.76
C ILE C 224 25.83 -24.24 -4.56
N HIS C 225 25.00 -24.41 -5.61
CA HIS C 225 23.69 -23.77 -5.65
C HIS C 225 22.91 -23.98 -4.37
N ASN C 226 22.85 -25.22 -3.87
CA ASN C 226 21.92 -25.52 -2.79
C ASN C 226 22.35 -25.03 -1.42
N ILE C 227 23.56 -24.51 -1.27
CA ILE C 227 23.93 -23.90 0.01
C ILE C 227 23.99 -22.38 -0.06
N TYR C 228 23.64 -21.79 -1.21
CA TYR C 228 23.64 -20.33 -1.28
C TYR C 228 22.68 -19.75 -0.26
N GLY C 229 21.45 -20.26 -0.22
CA GLY C 229 20.48 -19.76 0.75
C GLY C 229 20.88 -20.01 2.18
N LEU C 230 21.48 -21.17 2.46
CA LEU C 230 21.96 -21.46 3.80
C LEU C 230 22.95 -20.41 4.27
N TYR C 231 23.87 -20.01 3.40
CA TYR C 231 24.86 -18.99 3.75
C TYR C 231 24.20 -17.65 4.05
N VAL C 232 23.14 -17.29 3.30
CA VAL C 232 22.38 -16.07 3.61
C VAL C 232 21.83 -16.16 5.02
N HIS C 233 21.14 -17.27 5.32
CA HIS C 233 20.55 -17.52 6.63
C HIS C 233 21.61 -17.42 7.73
N MET C 234 22.75 -18.06 7.51
CA MET C 234 23.83 -18.08 8.49
C MET C 234 24.38 -16.69 8.76
N ALA C 235 24.66 -15.95 7.69
CA ALA C 235 25.29 -14.64 7.87
C ALA C 235 24.34 -13.67 8.55
N THR C 236 23.04 -13.77 8.27
CA THR C 236 22.04 -12.93 8.93
C THR C 236 21.95 -13.25 10.42
N ALA C 237 21.82 -14.55 10.74
CA ALA C 237 21.79 -14.98 12.14
C ALA C 237 23.02 -14.50 12.89
N ASP C 238 24.20 -14.64 12.28
CA ASP C 238 25.41 -14.15 12.93
CA ASP C 238 25.42 -14.14 12.91
C ASP C 238 25.36 -12.64 13.12
N GLY C 239 24.80 -11.91 12.14
CA GLY C 239 24.66 -10.48 12.29
C GLY C 239 23.83 -10.09 13.51
N LEU C 240 22.73 -10.80 13.74
CA LEU C 240 21.88 -10.50 14.89
C LEU C 240 22.56 -10.84 16.20
N ILE C 241 23.39 -11.88 16.22
CA ILE C 241 24.16 -12.18 17.42
C ILE C 241 25.22 -11.10 17.64
N GLN C 242 25.96 -10.75 16.59
CA GLN C 242 27.08 -9.83 16.73
C GLN C 242 26.63 -8.44 17.17
N ARG C 243 25.51 -7.96 16.62
CA ARG C 243 25.07 -6.60 16.94
C ARG C 243 24.78 -6.41 18.42
N SER C 244 24.52 -7.51 19.14
CA SER C 244 24.22 -7.45 20.56
C SER C 244 25.46 -7.70 21.41
N GLY C 245 26.62 -7.81 20.79
CA GLY C 245 27.81 -8.19 21.53
C GLY C 245 27.88 -9.66 21.86
N GLY C 246 27.17 -10.52 21.14
CA GLY C 246 27.21 -11.95 21.37
C GLY C 246 26.27 -12.47 22.44
N ILE C 247 25.32 -11.67 22.89
CA ILE C 247 24.46 -12.04 24.00
C ILE C 247 23.10 -12.54 23.53
N GLU C 248 22.49 -11.89 22.53
CA GLU C 248 21.10 -12.16 22.16
C GLU C 248 21.03 -13.33 21.17
N ARG C 249 20.08 -14.23 21.41
CA ARG C 249 19.83 -15.28 20.42
C ARG C 249 19.15 -14.67 19.19
N PRO C 250 19.48 -15.15 17.99
CA PRO C 250 18.86 -14.58 16.79
C PRO C 250 17.47 -15.16 16.55
N PHE C 251 16.72 -14.46 15.70
CA PHE C 251 15.59 -15.07 15.01
C PHE C 251 15.64 -14.65 13.55
N VAL C 252 15.75 -15.64 12.67
CA VAL C 252 15.78 -15.42 11.23
C VAL C 252 14.91 -16.50 10.60
N LEU C 253 13.94 -16.08 9.79
CA LEU C 253 13.19 -16.98 8.92
C LEU C 253 13.83 -16.97 7.53
N SER C 254 13.95 -18.15 6.94
CA SER C 254 14.60 -18.30 5.64
C SER C 254 13.73 -19.16 4.73
N ARG C 255 13.69 -18.81 3.44
CA ARG C 255 12.90 -19.61 2.51
C ARG C 255 13.71 -20.79 1.96
N ALA C 256 14.91 -20.53 1.46
CA ALA C 256 15.78 -21.58 0.96
C ALA C 256 16.57 -22.16 2.13
N PHE C 257 16.98 -23.41 1.97
CA PHE C 257 17.71 -24.07 3.05
C PHE C 257 18.39 -25.32 2.51
N PHE C 258 19.22 -25.90 3.38
CA PHE C 258 20.01 -27.10 3.08
C PHE C 258 20.24 -27.82 4.40
N SER C 259 20.87 -28.99 4.33
CA SER C 259 21.37 -29.63 5.54
C SER C 259 22.19 -28.64 6.35
N GLY C 260 21.90 -28.54 7.65
CA GLY C 260 22.57 -27.60 8.51
C GLY C 260 21.79 -26.32 8.77
N SER C 261 20.77 -26.03 7.95
CA SER C 261 20.00 -24.81 8.16
C SER C 261 19.30 -24.77 9.51
N GLN C 262 19.06 -25.93 10.13
CA GLN C 262 18.45 -25.93 11.45
C GLN C 262 19.27 -25.14 12.47
N ARG C 263 20.57 -24.95 12.22
CA ARG C 263 21.41 -24.21 13.15
C ARG C 263 21.12 -22.71 13.17
N PHE C 264 20.34 -22.18 12.22
CA PHE C 264 20.27 -20.74 12.03
C PHE C 264 18.89 -20.14 12.19
N GLY C 265 17.86 -20.95 12.44
CA GLY C 265 16.55 -20.39 12.72
C GLY C 265 15.42 -21.21 12.15
N ALA C 266 14.44 -20.53 11.54
CA ALA C 266 13.21 -21.16 11.09
C ALA C 266 13.16 -21.19 9.58
N VAL C 267 12.26 -22.02 9.06
CA VAL C 267 11.92 -22.05 7.65
C VAL C 267 10.40 -22.16 7.53
N TRP C 268 9.89 -21.84 6.33
CA TRP C 268 8.47 -22.05 6.06
C TRP C 268 8.32 -22.54 4.63
N THR C 269 7.14 -23.10 4.34
CA THR C 269 6.94 -23.77 3.06
C THR C 269 6.58 -22.82 1.90
N GLY C 270 6.93 -21.53 2.00
CA GLY C 270 6.82 -20.67 0.81
C GLY C 270 5.40 -20.22 0.49
N ASP C 271 5.15 -19.98 -0.79
CA ASP C 271 3.89 -19.36 -1.26
C ASP C 271 2.84 -20.43 -1.52
N ASN C 272 2.15 -20.83 -0.46
CA ASN C 272 1.04 -21.77 -0.56
C ASN C 272 -0.21 -20.98 -0.99
N THR C 273 -1.35 -21.67 -1.01
CA THR C 273 -2.59 -21.10 -1.53
C THR C 273 -3.71 -21.32 -0.52
N ALA C 274 -4.64 -20.36 -0.46
CA ALA C 274 -5.77 -20.42 0.46
C ALA C 274 -6.78 -21.48 0.04
N GLU C 275 -6.43 -22.76 0.21
CA GLU C 275 -7.29 -23.85 -0.21
C GLU C 275 -7.15 -25.01 0.77
N TRP C 276 -8.20 -25.82 0.88
CA TRP C 276 -8.24 -26.86 1.90
C TRP C 276 -7.12 -27.89 1.74
N ASP C 277 -6.75 -28.23 0.50
CA ASP C 277 -5.69 -29.21 0.31
CA ASP C 277 -5.70 -29.22 0.33
C ASP C 277 -4.32 -28.65 0.66
N HIS C 278 -4.14 -27.34 0.56
CA HIS C 278 -2.90 -26.72 1.04
C HIS C 278 -2.85 -26.70 2.56
N LEU C 279 -3.99 -26.50 3.22
CA LEU C 279 -4.04 -26.69 4.67
C LEU C 279 -3.61 -28.10 5.05
N LYS C 280 -4.15 -29.10 4.33
CA LYS C 280 -3.83 -30.49 4.65
C LYS C 280 -2.34 -30.76 4.47
N ILE C 281 -1.74 -30.25 3.39
CA ILE C 281 -0.38 -30.67 3.07
C ILE C 281 0.67 -30.01 3.97
N SER C 282 0.28 -29.04 4.80
CA SER C 282 1.25 -28.46 5.73
C SER C 282 1.81 -29.51 6.69
N ILE C 283 1.01 -30.53 7.04
CA ILE C 283 1.49 -31.57 7.94
C ILE C 283 2.58 -32.42 7.29
N PRO C 284 2.36 -33.09 6.15
CA PRO C 284 3.46 -33.89 5.58
C PRO C 284 4.68 -33.06 5.21
N MET C 285 4.49 -31.81 4.78
CA MET C 285 5.65 -30.98 4.43
C MET C 285 6.49 -30.68 5.68
N CYS C 286 5.86 -30.24 6.77
CA CYS C 286 6.66 -29.93 7.97
C CYS C 286 7.15 -31.20 8.64
N LEU C 287 6.42 -32.31 8.50
CA LEU C 287 6.92 -33.59 9.01
C LEU C 287 8.18 -34.02 8.25
N SER C 288 8.21 -33.85 6.92
N SER C 288 8.20 -33.85 6.93
CA SER C 288 9.39 -34.24 6.16
CA SER C 288 9.38 -34.23 6.16
C SER C 288 10.59 -33.39 6.56
C SER C 288 10.58 -33.39 6.56
N LEU C 289 10.36 -32.11 6.87
CA LEU C 289 11.44 -31.26 7.35
C LEU C 289 11.86 -31.66 8.76
N ALA C 290 10.90 -31.98 9.62
CA ALA C 290 11.20 -32.39 10.99
C ALA C 290 12.09 -33.64 11.00
N LEU C 291 11.79 -34.61 10.13
CA LEU C 291 12.55 -35.84 10.13
C LEU C 291 14.01 -35.60 9.78
N VAL C 292 14.30 -34.56 9.00
CA VAL C 292 15.68 -34.29 8.58
C VAL C 292 16.28 -33.11 9.35
N GLY C 293 15.77 -32.82 10.54
CA GLY C 293 16.45 -31.91 11.46
C GLY C 293 15.93 -30.49 11.49
N LEU C 294 15.04 -30.11 10.56
CA LEU C 294 14.51 -28.74 10.54
C LEU C 294 13.20 -28.72 11.31
N SER C 295 13.34 -28.58 12.63
CA SER C 295 12.17 -28.63 13.52
C SER C 295 11.37 -27.34 13.55
N PHE C 296 11.94 -26.22 13.09
CA PHE C 296 11.27 -24.92 13.24
C PHE C 296 10.60 -24.55 11.90
N CYS C 297 9.48 -25.22 11.64
CA CYS C 297 8.83 -25.24 10.34
C CYS C 297 7.37 -24.79 10.46
N GLY C 298 6.84 -24.25 9.37
CA GLY C 298 5.44 -23.89 9.32
C GLY C 298 5.03 -23.52 7.91
N ALA C 299 3.74 -23.22 7.75
CA ALA C 299 3.18 -22.77 6.49
C ALA C 299 2.35 -21.51 6.75
N ASP C 300 2.20 -20.67 5.72
CA ASP C 300 1.43 -19.44 5.89
C ASP C 300 0.00 -19.74 6.34
N VAL C 301 -0.37 -19.25 7.51
CA VAL C 301 -1.71 -19.48 8.05
C VAL C 301 -2.71 -18.69 7.23
N GLY C 302 -3.66 -19.40 6.62
CA GLY C 302 -4.63 -18.83 5.70
C GLY C 302 -4.25 -18.99 4.24
N GLY C 303 -3.00 -19.33 3.94
CA GLY C 303 -2.54 -19.40 2.57
C GLY C 303 -2.06 -18.05 2.09
N PHE C 304 -0.95 -18.04 1.37
CA PHE C 304 -0.42 -16.79 0.83
C PHE C 304 -1.30 -16.25 -0.30
N PHE C 305 -1.56 -17.06 -1.33
CA PHE C 305 -2.38 -16.65 -2.46
C PHE C 305 -3.87 -16.81 -2.16
N LYS C 306 -4.66 -15.89 -2.72
CA LYS C 306 -6.13 -15.93 -2.72
C LYS C 306 -6.70 -15.65 -1.34
N ASN C 307 -8.03 -15.56 -1.25
CA ASN C 307 -8.71 -15.17 -0.03
C ASN C 307 -9.39 -16.40 0.55
N PRO C 308 -9.03 -16.83 1.76
CA PRO C 308 -9.69 -17.99 2.35
C PRO C 308 -11.07 -17.64 2.88
N GLU C 309 -12.01 -18.54 2.70
N GLU C 309 -12.01 -18.54 2.70
CA GLU C 309 -13.31 -18.40 3.35
CA GLU C 309 -13.30 -18.39 3.35
C GLU C 309 -13.11 -18.43 4.87
C GLU C 309 -13.10 -18.42 4.87
N PRO C 310 -13.97 -17.75 5.63
CA PRO C 310 -13.76 -17.68 7.10
C PRO C 310 -13.59 -19.04 7.78
N GLU C 311 -14.36 -20.05 7.38
CA GLU C 311 -14.22 -21.35 8.01
C GLU C 311 -12.83 -21.92 7.77
N LEU C 312 -12.30 -21.73 6.56
CA LEU C 312 -10.95 -22.21 6.28
C LEU C 312 -9.93 -21.46 7.12
N LEU C 313 -10.10 -20.14 7.28
CA LEU C 313 -9.15 -19.38 8.09
C LEU C 313 -9.15 -19.86 9.53
N VAL C 314 -10.33 -20.14 10.08
CA VAL C 314 -10.42 -20.69 11.44
C VAL C 314 -9.64 -22.00 11.53
N ARG C 315 -9.92 -22.94 10.63
CA ARG C 315 -9.22 -24.23 10.67
C ARG C 315 -7.72 -24.06 10.47
N TRP C 316 -7.30 -23.07 9.69
CA TRP C 316 -5.87 -22.89 9.50
C TRP C 316 -5.22 -22.33 10.76
N TYR C 317 -5.92 -21.44 11.47
CA TYR C 317 -5.42 -20.97 12.76
C TYR C 317 -5.28 -22.13 13.74
N GLN C 318 -6.25 -23.03 13.75
CA GLN C 318 -6.20 -24.17 14.66
C GLN C 318 -5.06 -25.11 14.28
N MET C 319 -4.86 -25.32 12.97
CA MET C 319 -3.72 -26.11 12.51
C MET C 319 -2.40 -25.44 12.86
N GLY C 320 -2.27 -24.15 12.52
CA GLY C 320 -1.03 -23.44 12.77
C GLY C 320 -0.71 -23.29 14.25
N ALA C 321 -1.73 -23.16 15.10
CA ALA C 321 -1.49 -23.05 16.53
C ALA C 321 -0.75 -24.27 17.10
N TYR C 322 -0.77 -25.40 16.39
CA TYR C 322 -0.08 -26.62 16.84
C TYR C 322 1.07 -27.01 15.92
N GLN C 323 1.59 -26.08 15.14
CA GLN C 323 2.79 -26.31 14.34
C GLN C 323 3.91 -25.37 14.81
N PRO C 324 5.16 -25.76 14.60
CA PRO C 324 6.27 -25.04 15.28
C PRO C 324 6.34 -23.55 14.96
N PHE C 325 6.37 -23.17 13.69
CA PHE C 325 6.42 -21.75 13.31
C PHE C 325 5.02 -21.29 12.91
N PHE C 326 4.50 -20.32 13.65
CA PHE C 326 3.08 -19.96 13.65
C PHE C 326 2.92 -18.53 13.13
N ARG C 327 2.76 -18.37 11.82
CA ARG C 327 2.67 -17.06 11.17
C ARG C 327 1.51 -16.99 10.19
N ALA C 328 0.67 -15.97 10.33
CA ALA C 328 -0.31 -15.64 9.31
C ALA C 328 0.35 -14.69 8.30
N HIS C 329 0.17 -14.97 7.01
CA HIS C 329 0.79 -14.16 5.96
C HIS C 329 -0.11 -14.21 4.74
N ALA C 330 0.06 -13.23 3.83
CA ALA C 330 -0.88 -13.05 2.72
C ALA C 330 -0.28 -12.18 1.61
N HIS C 331 -0.72 -12.44 0.38
CA HIS C 331 -0.25 -11.76 -0.82
C HIS C 331 -0.77 -10.32 -0.90
N LEU C 332 -0.04 -9.49 -1.65
CA LEU C 332 -0.36 -8.06 -1.77
C LEU C 332 -1.82 -7.82 -2.14
N ASP C 333 -2.40 -8.67 -2.97
CA ASP C 333 -3.70 -8.38 -3.55
C ASP C 333 -4.85 -9.04 -2.79
N THR C 334 -4.58 -9.69 -1.65
CA THR C 334 -5.62 -10.29 -0.83
C THR C 334 -6.33 -9.24 0.03
N GLY C 335 -7.54 -9.57 0.45
CA GLY C 335 -8.21 -8.77 1.47
C GLY C 335 -7.51 -8.88 2.82
N ARG C 336 -7.64 -7.82 3.61
CA ARG C 336 -7.10 -7.83 4.97
C ARG C 336 -7.75 -8.94 5.78
N ARG C 337 -6.94 -9.72 6.50
CA ARG C 337 -7.51 -10.80 7.29
C ARG C 337 -6.88 -10.88 8.67
N GLU C 338 -6.58 -9.74 9.28
CA GLU C 338 -6.32 -9.75 10.71
C GLU C 338 -7.51 -10.40 11.42
N PRO C 339 -7.26 -11.25 12.44
CA PRO C 339 -8.32 -12.17 12.89
C PRO C 339 -9.54 -11.50 13.52
N TRP C 340 -9.44 -10.26 13.99
CA TRP C 340 -10.63 -9.59 14.49
C TRP C 340 -11.52 -9.00 13.39
N LEU C 341 -11.15 -9.15 12.12
CA LEU C 341 -12.00 -8.62 11.06
C LEU C 341 -13.15 -9.55 10.71
N LEU C 342 -13.20 -10.75 11.29
CA LEU C 342 -14.23 -11.74 10.99
C LEU C 342 -15.43 -11.59 11.92
N ALA C 343 -16.53 -12.23 11.53
CA ALA C 343 -17.70 -12.32 12.38
C ALA C 343 -17.35 -13.01 13.69
N SER C 344 -18.14 -12.70 14.72
CA SER C 344 -17.75 -13.00 16.10
C SER C 344 -17.53 -14.49 16.33
N GLN C 345 -18.32 -15.35 15.69
CA GLN C 345 -18.15 -16.78 15.91
C GLN C 345 -16.80 -17.28 15.40
N TYR C 346 -16.31 -16.72 14.29
CA TYR C 346 -14.98 -17.10 13.79
C TYR C 346 -13.87 -16.49 14.64
N GLN C 347 -14.06 -15.24 15.06
CA GLN C 347 -13.12 -14.57 15.97
C GLN C 347 -12.89 -15.41 17.23
N ASP C 348 -13.99 -15.85 17.86
CA ASP C 348 -13.88 -16.58 19.11
C ASP C 348 -13.14 -17.89 18.92
N ALA C 349 -13.38 -18.58 17.80
CA ALA C 349 -12.65 -19.81 17.53
C ALA C 349 -11.16 -19.53 17.34
N ILE C 350 -10.84 -18.45 16.62
CA ILE C 350 -9.44 -18.08 16.43
C ILE C 350 -8.80 -17.66 17.75
N ARG C 351 -9.53 -16.87 18.56
CA ARG C 351 -8.99 -16.48 19.85
C ARG C 351 -8.69 -17.70 20.73
N ASP C 352 -9.58 -18.69 20.72
CA ASP C 352 -9.35 -19.90 21.50
C ASP C 352 -8.10 -20.64 21.02
N ALA C 353 -7.90 -20.71 19.70
CA ALA C 353 -6.69 -21.33 19.18
C ALA C 353 -5.45 -20.58 19.63
N LEU C 354 -5.49 -19.25 19.59
CA LEU C 354 -4.33 -18.46 20.04
C LEU C 354 -4.06 -18.69 21.52
N PHE C 355 -5.12 -18.73 22.35
CA PHE C 355 -4.95 -18.97 23.78
C PHE C 355 -4.34 -20.34 24.05
N GLN C 356 -4.79 -21.37 23.33
CA GLN C 356 -4.21 -22.69 23.51
C GLN C 356 -2.72 -22.67 23.21
N ARG C 357 -2.32 -21.98 22.14
CA ARG C 357 -0.92 -21.92 21.78
C ARG C 357 -0.10 -21.22 22.87
N TYR C 358 -0.58 -20.06 23.33
CA TYR C 358 0.19 -19.31 24.32
C TYR C 358 0.30 -20.08 25.63
N SER C 359 -0.79 -20.72 26.06
CA SER C 359 -0.77 -21.53 27.27
C SER C 359 0.24 -22.67 27.17
N LEU C 360 0.46 -23.21 25.98
CA LEU C 360 1.39 -24.32 25.79
C LEU C 360 2.83 -23.89 25.58
N LEU C 361 3.14 -22.59 25.62
CA LEU C 361 4.52 -22.16 25.39
C LEU C 361 5.57 -22.87 26.24
N PRO C 362 5.38 -23.11 27.56
CA PRO C 362 6.42 -23.85 28.31
C PRO C 362 6.67 -25.23 27.72
N PHE C 363 5.61 -25.87 27.24
CA PHE C 363 5.74 -27.17 26.57
C PHE C 363 6.52 -27.05 25.28
N TRP C 364 6.12 -26.12 24.41
CA TRP C 364 6.84 -25.89 23.16
C TRP C 364 8.31 -25.57 23.42
N TYR C 365 8.57 -24.70 24.40
CA TYR C 365 9.94 -24.29 24.69
C TYR C 365 10.78 -25.49 25.14
N THR C 366 10.20 -26.37 25.93
CA THR C 366 10.95 -27.54 26.41
C THR C 366 11.22 -28.52 25.27
N LEU C 367 10.24 -28.72 24.38
CA LEU C 367 10.48 -29.57 23.21
C LEU C 367 11.60 -29.02 22.35
N PHE C 368 11.68 -27.69 22.21
CA PHE C 368 12.75 -27.09 21.42
C PHE C 368 14.09 -27.15 22.15
N TYR C 369 14.08 -27.09 23.50
CA TYR C 369 15.34 -27.32 24.20
C TYR C 369 15.82 -28.76 24.00
N GLN C 370 14.88 -29.72 24.04
CA GLN C 370 15.26 -31.11 23.78
C GLN C 370 15.76 -31.28 22.35
N ALA C 371 15.13 -30.59 21.39
CA ALA C 371 15.64 -30.63 20.01
C ALA C 371 17.06 -30.07 19.95
N HIS C 372 17.30 -28.94 20.64
CA HIS C 372 18.59 -28.28 20.62
C HIS C 372 19.68 -29.15 21.25
N LYS C 373 19.34 -29.86 22.33
CA LYS C 373 20.34 -30.64 23.04
C LYS C 373 20.54 -32.02 22.41
N GLU C 374 19.45 -32.66 21.97
CA GLU C 374 19.49 -34.06 21.56
C GLU C 374 19.39 -34.26 20.06
N GLY C 375 18.82 -33.32 19.33
CA GLY C 375 18.52 -33.51 17.92
C GLY C 375 17.20 -34.19 17.61
N PHE C 376 16.29 -34.28 18.58
CA PHE C 376 14.99 -34.94 18.39
C PHE C 376 13.97 -33.97 17.80
N PRO C 377 13.21 -34.36 16.77
CA PRO C 377 12.25 -33.43 16.18
C PRO C 377 11.14 -33.06 17.15
N VAL C 378 10.66 -31.82 17.02
CA VAL C 378 9.58 -31.34 17.86
C VAL C 378 8.24 -31.91 17.41
N MET C 379 7.92 -31.73 16.14
CA MET C 379 6.71 -32.27 15.53
C MET C 379 7.06 -33.62 14.90
N ARG C 380 6.26 -34.67 15.19
CA ARG C 380 6.69 -36.02 14.84
C ARG C 380 5.60 -36.84 14.15
N PRO C 381 5.96 -37.64 13.15
CA PRO C 381 5.01 -38.62 12.62
C PRO C 381 4.69 -39.64 13.68
N LEU C 382 3.47 -40.19 13.62
CA LEU C 382 3.11 -41.20 14.61
C LEU C 382 4.07 -42.38 14.60
N TRP C 383 4.62 -42.74 13.43
CA TRP C 383 5.49 -43.92 13.40
C TRP C 383 6.78 -43.73 14.18
N VAL C 384 7.18 -42.48 14.43
CA VAL C 384 8.38 -42.25 15.24
C VAL C 384 8.13 -42.69 16.67
N GLN C 385 6.92 -42.51 17.18
CA GLN C 385 6.58 -42.96 18.53
C GLN C 385 6.07 -44.38 18.57
N TYR C 386 5.59 -44.91 17.44
CA TYR C 386 5.01 -46.26 17.39
C TYR C 386 5.66 -47.01 16.23
N PRO C 387 6.97 -47.27 16.35
CA PRO C 387 7.70 -47.82 15.20
C PRO C 387 7.28 -49.22 14.80
N GLU C 388 6.55 -49.93 15.65
CA GLU C 388 6.11 -51.28 15.32
C GLU C 388 4.67 -51.34 14.84
N ASP C 389 3.95 -50.22 14.87
CA ASP C 389 2.57 -50.18 14.40
C ASP C 389 2.58 -49.82 12.92
N MET C 390 2.49 -50.84 12.06
CA MET C 390 2.60 -50.64 10.62
C MET C 390 1.47 -49.80 10.06
N SER C 391 0.34 -49.72 10.75
CA SER C 391 -0.73 -48.86 10.25
C SER C 391 -0.44 -47.38 10.43
N THR C 392 0.67 -46.99 11.07
CA THR C 392 1.00 -45.58 11.21
C THR C 392 2.01 -45.10 10.18
N PHE C 393 2.58 -46.00 9.37
CA PHE C 393 3.76 -45.66 8.60
C PHE C 393 3.49 -44.60 7.53
N SER C 394 2.24 -44.39 7.14
CA SER C 394 1.90 -43.38 6.14
C SER C 394 1.04 -42.24 6.66
N ILE C 395 0.66 -42.25 7.94
CA ILE C 395 -0.30 -41.27 8.45
C ILE C 395 0.28 -39.87 8.30
N GLU C 396 -0.55 -38.95 7.77
CA GLU C 396 -0.13 -37.56 7.59
C GLU C 396 -1.28 -36.58 7.79
N ASP C 397 -2.41 -37.02 8.34
CA ASP C 397 -3.46 -36.11 8.80
C ASP C 397 -3.47 -35.98 10.31
N GLN C 398 -2.41 -36.48 10.96
CA GLN C 398 -2.23 -36.46 12.40
C GLN C 398 -0.75 -36.36 12.69
N PHE C 399 -0.42 -35.83 13.86
CA PHE C 399 0.98 -35.79 14.24
C PHE C 399 1.06 -35.69 15.77
N MET C 400 2.27 -35.88 16.27
CA MET C 400 2.54 -35.72 17.68
C MET C 400 3.48 -34.54 17.90
N LEU C 401 3.32 -33.91 19.06
CA LEU C 401 4.27 -32.94 19.59
C LEU C 401 5.01 -33.65 20.72
N GLY C 402 6.31 -33.88 20.53
CA GLY C 402 7.05 -34.71 21.47
C GLY C 402 6.45 -36.09 21.55
N ASP C 403 6.36 -36.61 22.78
CA ASP C 403 5.71 -37.90 23.02
C ASP C 403 4.38 -37.74 23.73
N ALA C 404 3.92 -36.51 23.96
CA ALA C 404 2.82 -36.26 24.89
C ALA C 404 1.51 -35.88 24.23
N LEU C 405 1.52 -35.16 23.12
CA LEU C 405 0.28 -34.65 22.53
C LEU C 405 0.13 -35.21 21.13
N LEU C 406 -1.06 -35.72 20.84
CA LEU C 406 -1.45 -36.18 19.52
C LEU C 406 -2.50 -35.21 18.97
N ILE C 407 -2.29 -34.72 17.76
CA ILE C 407 -3.11 -33.66 17.17
C ILE C 407 -3.73 -34.18 15.87
N HIS C 408 -5.06 -34.02 15.73
CA HIS C 408 -5.75 -34.28 14.47
C HIS C 408 -6.62 -33.08 14.13
N PRO C 409 -6.04 -32.07 13.51
CA PRO C 409 -6.82 -30.86 13.18
C PRO C 409 -7.88 -31.16 12.13
N VAL C 410 -9.01 -30.46 12.26
CA VAL C 410 -10.04 -30.56 11.23
C VAL C 410 -9.55 -29.87 9.97
N SER C 411 -9.64 -30.57 8.83
CA SER C 411 -9.14 -30.01 7.57
C SER C 411 -10.11 -30.28 6.41
N ASP C 412 -11.42 -30.22 6.68
CA ASP C 412 -12.44 -30.30 5.65
C ASP C 412 -13.56 -29.33 5.98
N ALA C 413 -14.05 -28.62 4.97
CA ALA C 413 -15.18 -27.71 5.17
C ALA C 413 -16.42 -28.48 5.61
N GLY C 414 -17.18 -27.90 6.55
CA GLY C 414 -18.42 -28.49 7.00
C GLY C 414 -18.29 -29.82 7.73
N ALA C 415 -17.11 -30.15 8.24
CA ALA C 415 -16.92 -31.44 8.89
C ALA C 415 -17.80 -31.57 10.13
N HIS C 416 -18.37 -32.76 10.31
CA HIS C 416 -19.11 -33.10 11.51
C HIS C 416 -18.27 -33.87 12.52
N GLY C 417 -17.19 -34.50 12.08
CA GLY C 417 -16.32 -35.23 12.97
C GLY C 417 -15.04 -35.59 12.25
N VAL C 418 -14.13 -36.19 13.01
CA VAL C 418 -12.88 -36.69 12.48
C VAL C 418 -12.67 -38.11 12.99
N GLN C 419 -11.87 -38.85 12.26
CA GLN C 419 -11.48 -40.20 12.63
C GLN C 419 -10.06 -40.12 13.18
N VAL C 420 -9.90 -40.29 14.48
CA VAL C 420 -8.60 -40.17 15.12
C VAL C 420 -8.05 -41.55 15.41
N TYR C 421 -6.87 -41.86 14.86
CA TYR C 421 -6.20 -43.09 15.21
C TYR C 421 -5.37 -42.87 16.46
N LEU C 422 -5.72 -43.57 17.53
CA LEU C 422 -5.04 -43.53 18.81
C LEU C 422 -4.19 -44.79 18.96
N PRO C 423 -2.88 -44.71 18.79
CA PRO C 423 -2.07 -45.94 18.79
C PRO C 423 -1.66 -46.42 20.18
N GLY C 424 -0.97 -47.55 20.23
CA GLY C 424 -0.35 -48.05 21.44
C GLY C 424 -1.13 -49.14 22.13
N GLN C 425 -0.55 -50.34 22.21
CA GLN C 425 -1.11 -51.39 23.04
C GLN C 425 -1.05 -50.98 24.51
N GLU C 426 -2.17 -51.13 25.21
CA GLU C 426 -2.27 -50.79 26.64
C GLU C 426 -1.90 -49.33 26.91
N GLU C 427 -2.08 -48.48 25.91
CA GLU C 427 -1.89 -47.05 26.00
C GLU C 427 -3.24 -46.39 26.25
N VAL C 428 -3.24 -45.28 26.99
CA VAL C 428 -4.44 -44.49 27.15
C VAL C 428 -4.18 -43.08 26.68
N TRP C 429 -5.24 -42.42 26.22
CA TRP C 429 -5.20 -41.07 25.69
C TRP C 429 -6.34 -40.27 26.30
N TYR C 430 -6.06 -39.02 26.66
CA TYR C 430 -7.06 -38.15 27.27
C TYR C 430 -7.42 -37.03 26.31
N ASP C 431 -8.69 -36.94 25.96
CA ASP C 431 -9.23 -35.79 25.24
C ASP C 431 -9.03 -34.56 26.12
N ILE C 432 -8.14 -33.64 25.75
CA ILE C 432 -7.82 -32.55 26.68
C ILE C 432 -8.95 -31.55 26.82
N GLN C 433 -9.98 -31.62 25.99
CA GLN C 433 -11.13 -30.73 26.17
C GLN C 433 -12.18 -31.33 27.10
N SER C 434 -12.48 -32.62 26.96
CA SER C 434 -13.50 -33.27 27.78
C SER C 434 -12.92 -34.11 28.90
N TYR C 435 -11.63 -34.41 28.87
CA TYR C 435 -10.93 -35.28 29.82
C TYR C 435 -11.36 -36.74 29.69
N GLN C 436 -12.19 -37.06 28.71
CA GLN C 436 -12.57 -38.44 28.47
C GLN C 436 -11.32 -39.27 28.14
N LYS C 437 -11.17 -40.40 28.82
CA LYS C 437 -10.06 -41.30 28.56
C LYS C 437 -10.43 -42.30 27.47
N HIS C 438 -9.46 -42.66 26.63
CA HIS C 438 -9.66 -43.62 25.55
C HIS C 438 -8.48 -44.59 25.50
N HIS C 439 -8.77 -45.86 25.32
CA HIS C 439 -7.75 -46.88 25.22
C HIS C 439 -7.30 -47.06 23.77
N GLY C 440 -6.02 -47.34 23.60
CA GLY C 440 -5.47 -47.69 22.30
C GLY C 440 -5.31 -49.19 22.20
N PRO C 441 -5.17 -49.71 20.97
CA PRO C 441 -5.25 -48.94 19.72
C PRO C 441 -6.68 -48.90 19.19
N GLN C 442 -7.09 -47.75 18.65
CA GLN C 442 -8.42 -47.65 18.08
C GLN C 442 -8.48 -46.45 17.14
N THR C 443 -9.47 -46.48 16.28
CA THR C 443 -9.85 -45.32 15.48
C THR C 443 -11.13 -44.77 16.09
N LEU C 444 -11.04 -43.59 16.66
CA LEU C 444 -12.13 -42.95 17.39
C LEU C 444 -12.83 -41.96 16.47
N TYR C 445 -14.15 -42.05 16.41
CA TYR C 445 -14.93 -41.05 15.70
C TYR C 445 -15.23 -39.93 16.68
N LEU C 446 -14.69 -38.75 16.41
CA LEU C 446 -14.81 -37.62 17.32
C LEU C 446 -15.66 -36.54 16.67
N PRO C 447 -16.88 -36.27 17.14
CA PRO C 447 -17.64 -35.14 16.61
C PRO C 447 -16.92 -33.83 16.88
N VAL C 448 -17.05 -32.89 15.95
CA VAL C 448 -16.36 -31.61 16.04
C VAL C 448 -17.36 -30.51 15.74
N THR C 449 -17.04 -29.31 16.25
CA THR C 449 -17.69 -28.07 15.85
C THR C 449 -16.62 -27.11 15.33
N LEU C 450 -17.03 -25.88 15.04
CA LEU C 450 -16.09 -24.89 14.52
C LEU C 450 -14.95 -24.63 15.50
N SER C 451 -15.24 -24.65 16.80
CA SER C 451 -14.26 -24.39 17.84
C SER C 451 -13.35 -25.57 18.14
N SER C 452 -13.60 -26.73 17.55
CA SER C 452 -12.89 -27.93 17.95
C SER C 452 -11.48 -27.95 17.39
N ILE C 453 -10.52 -28.27 18.24
CA ILE C 453 -9.18 -28.71 17.83
C ILE C 453 -8.92 -30.06 18.48
N PRO C 454 -9.08 -31.17 17.77
CA PRO C 454 -8.89 -32.49 18.39
C PRO C 454 -7.47 -32.73 18.90
N VAL C 455 -7.30 -32.70 20.23
CA VAL C 455 -5.99 -32.86 20.84
C VAL C 455 -6.12 -33.85 21.99
N PHE C 456 -5.17 -34.78 22.08
CA PHE C 456 -5.18 -35.82 23.08
C PHE C 456 -3.83 -35.87 23.79
N GLN C 457 -3.86 -35.95 25.12
CA GLN C 457 -2.64 -36.11 25.90
C GLN C 457 -2.44 -37.59 26.21
N ARG C 458 -1.21 -38.08 26.02
CA ARG C 458 -0.89 -39.48 26.21
C ARG C 458 -0.76 -39.82 27.70
N GLY C 459 -1.34 -40.94 28.10
CA GLY C 459 -1.13 -41.42 29.46
C GLY C 459 0.34 -41.63 29.75
N GLY C 460 0.77 -41.26 30.95
CA GLY C 460 2.17 -41.31 31.32
C GLY C 460 2.97 -40.05 31.08
N THR C 461 2.31 -38.92 30.81
CA THR C 461 3.00 -37.69 30.48
C THR C 461 2.54 -36.57 31.38
N ILE C 462 3.38 -35.54 31.48
CA ILE C 462 3.12 -34.34 32.27
C ILE C 462 3.41 -33.14 31.37
N VAL C 463 2.40 -32.33 31.11
CA VAL C 463 2.52 -31.20 30.18
C VAL C 463 2.43 -29.92 30.99
N PRO C 464 3.44 -29.04 30.93
CA PRO C 464 3.36 -27.75 31.63
C PRO C 464 2.73 -26.67 30.77
N ARG C 465 1.88 -25.86 31.40
CA ARG C 465 1.16 -24.78 30.74
C ARG C 465 1.24 -23.48 31.56
N TRP C 466 1.19 -22.34 30.85
CA TRP C 466 0.91 -21.02 31.46
C TRP C 466 -0.58 -20.77 31.26
N MET C 467 -1.38 -20.94 32.30
CA MET C 467 -2.81 -20.74 32.15
C MET C 467 -3.21 -19.26 32.15
N ARG C 468 -2.30 -18.34 32.43
CA ARG C 468 -2.61 -16.90 32.41
C ARG C 468 -2.13 -16.34 31.07
N VAL C 469 -3.01 -16.34 30.08
CA VAL C 469 -2.65 -15.87 28.76
C VAL C 469 -2.60 -14.35 28.77
N ARG C 470 -1.51 -13.79 28.30
CA ARG C 470 -1.38 -12.33 28.24
C ARG C 470 -1.19 -11.92 26.77
N ARG C 471 -0.85 -10.65 26.54
CA ARG C 471 -0.84 -10.12 25.19
C ARG C 471 0.37 -10.57 24.37
N SER C 472 1.42 -11.05 25.01
CA SER C 472 2.62 -11.51 24.33
C SER C 472 3.40 -12.38 25.29
N SER C 473 4.37 -13.13 24.76
CA SER C 473 5.10 -14.06 25.63
C SER C 473 5.99 -13.34 26.62
N ASP C 474 6.59 -12.20 26.26
CA ASP C 474 7.40 -11.47 27.24
C ASP C 474 6.62 -11.18 28.51
N CYS C 475 5.33 -10.88 28.37
CA CYS C 475 4.49 -10.57 29.53
C CYS C 475 4.29 -11.78 30.43
N MET C 476 4.41 -12.98 29.88
CA MET C 476 4.07 -14.21 30.58
C MET C 476 5.27 -14.91 31.22
N LYS C 477 6.48 -14.52 30.88
CA LYS C 477 7.60 -15.43 31.12
C LYS C 477 8.05 -15.47 32.58
N ASP C 478 7.38 -14.75 33.47
CA ASP C 478 7.59 -14.88 34.92
C ASP C 478 6.37 -15.45 35.63
N ASP C 479 5.38 -15.93 34.89
CA ASP C 479 4.12 -16.36 35.47
C ASP C 479 4.19 -17.78 35.99
N PRO C 480 3.29 -18.16 36.88
CA PRO C 480 3.30 -19.52 37.44
C PRO C 480 2.82 -20.57 36.45
N ILE C 481 3.25 -21.80 36.71
CA ILE C 481 3.03 -22.96 35.85
C ILE C 481 1.89 -23.80 36.41
N THR C 482 1.05 -24.33 35.53
CA THR C 482 0.10 -25.39 35.84
C THR C 482 0.59 -26.69 35.22
N LEU C 483 0.65 -27.76 36.01
CA LEU C 483 1.10 -29.07 35.54
C LEU C 483 -0.10 -29.96 35.23
N PHE C 484 -0.13 -30.53 34.02
CA PHE C 484 -1.21 -31.42 33.60
C PHE C 484 -0.66 -32.84 33.57
N VAL C 485 -1.06 -33.65 34.55
CA VAL C 485 -0.52 -34.99 34.74
C VAL C 485 -1.53 -35.98 34.15
N ALA C 486 -1.10 -36.73 33.12
CA ALA C 486 -1.95 -37.74 32.50
C ALA C 486 -1.48 -39.10 32.96
N LEU C 487 -2.27 -39.76 33.80
CA LEU C 487 -1.83 -40.98 34.43
C LEU C 487 -1.87 -42.15 33.44
N SER C 488 -0.79 -42.92 33.43
CA SER C 488 -0.75 -44.17 32.70
C SER C 488 -1.68 -45.18 33.37
N PRO C 489 -1.92 -46.34 32.76
CA PRO C 489 -2.69 -47.37 33.46
C PRO C 489 -2.01 -47.88 34.73
N GLN C 490 -0.69 -47.74 34.83
CA GLN C 490 0.08 -48.12 36.01
C GLN C 490 0.14 -47.01 37.05
N GLY C 491 -0.60 -45.93 36.86
CA GLY C 491 -0.58 -44.82 37.80
C GLY C 491 0.70 -44.00 37.80
N THR C 492 1.37 -43.90 36.66
CA THR C 492 2.63 -43.18 36.55
C THR C 492 2.55 -42.12 35.46
N ALA C 493 3.52 -41.20 35.50
CA ALA C 493 3.66 -40.14 34.50
C ALA C 493 5.01 -39.47 34.69
N GLN C 494 5.51 -38.86 33.62
CA GLN C 494 6.73 -38.08 33.71
C GLN C 494 6.77 -37.01 32.62
N GLY C 495 7.53 -35.96 32.89
CA GLY C 495 7.71 -34.87 31.93
C GLY C 495 8.86 -33.99 32.40
N GLU C 496 9.25 -33.07 31.51
CA GLU C 496 10.32 -32.12 31.78
C GLU C 496 9.85 -30.70 31.56
N LEU C 497 10.66 -29.75 32.02
CA LEU C 497 10.41 -28.32 31.82
C LEU C 497 11.73 -27.58 31.78
N PHE C 498 11.98 -26.88 30.68
CA PHE C 498 13.14 -26.01 30.56
C PHE C 498 12.73 -24.57 30.71
N LEU C 499 13.51 -23.80 31.49
CA LEU C 499 13.27 -22.39 31.70
C LEU C 499 14.60 -21.66 31.67
N ASP C 500 14.59 -20.44 31.14
CA ASP C 500 15.75 -19.55 31.17
C ASP C 500 15.24 -18.12 31.01
N ASP C 501 16.13 -17.20 30.66
CA ASP C 501 15.66 -15.81 30.55
C ASP C 501 14.82 -15.57 29.29
N GLY C 502 14.80 -16.51 28.35
CA GLY C 502 13.92 -16.44 27.21
C GLY C 502 14.53 -15.86 25.95
N HIS C 503 15.77 -15.37 25.99
CA HIS C 503 16.28 -14.70 24.79
C HIS C 503 17.80 -14.60 24.65
N THR C 504 18.59 -14.98 25.65
CA THR C 504 20.04 -14.85 25.54
C THR C 504 20.72 -16.21 25.48
N PHE C 505 22.03 -16.17 25.27
CA PHE C 505 22.85 -17.38 25.35
C PHE C 505 23.35 -17.65 26.79
N ASN C 506 22.77 -17.01 27.81
CA ASN C 506 23.23 -17.24 29.18
C ASN C 506 23.02 -18.68 29.63
N TYR C 507 21.99 -19.35 29.10
CA TYR C 507 21.80 -20.77 29.44
C TYR C 507 23.04 -21.58 29.12
N GLN C 508 23.77 -21.18 28.09
CA GLN C 508 24.96 -21.88 27.62
C GLN C 508 26.25 -21.31 28.18
N THR C 509 26.40 -19.99 28.19
CA THR C 509 27.64 -19.36 28.64
C THR C 509 27.74 -19.25 30.15
N ARG C 510 26.61 -19.25 30.85
CA ARG C 510 26.60 -19.09 32.30
C ARG C 510 25.79 -20.18 32.99
N HIS C 511 25.26 -21.15 32.25
CA HIS C 511 24.43 -22.21 32.82
C HIS C 511 23.30 -21.64 33.66
N GLU C 512 22.74 -20.51 33.17
CA GLU C 512 21.61 -19.87 33.83
C GLU C 512 20.33 -20.38 33.15
N PHE C 513 19.81 -21.48 33.68
CA PHE C 513 18.60 -22.12 33.19
C PHE C 513 18.16 -23.11 34.26
N LEU C 514 16.96 -23.66 34.06
CA LEU C 514 16.47 -24.76 34.88
C LEU C 514 15.98 -25.86 33.95
N LEU C 515 16.31 -27.11 34.28
CA LEU C 515 15.69 -28.27 33.65
C LEU C 515 15.10 -29.11 34.77
N ARG C 516 13.78 -29.13 34.88
CA ARG C 516 13.09 -29.88 35.93
C ARG C 516 12.54 -31.19 35.37
N ARG C 517 12.61 -32.23 36.19
CA ARG C 517 11.95 -33.50 35.93
C ARG C 517 10.76 -33.59 36.87
N PHE C 518 9.57 -33.79 36.31
CA PHE C 518 8.38 -34.07 37.09
C PHE C 518 7.99 -35.52 36.89
N SER C 519 7.76 -36.25 37.98
CA SER C 519 7.45 -37.67 37.88
C SER C 519 6.39 -38.04 38.90
N PHE C 520 5.45 -38.88 38.47
CA PHE C 520 4.36 -39.36 39.30
C PHE C 520 4.44 -40.87 39.35
N SER C 521 4.38 -41.43 40.56
CA SER C 521 4.28 -42.87 40.74
C SER C 521 3.70 -43.12 42.12
N GLY C 522 3.07 -44.29 42.27
CA GLY C 522 2.31 -44.55 43.47
C GLY C 522 1.21 -43.52 43.59
N SER C 523 1.30 -42.67 44.60
CA SER C 523 0.38 -41.56 44.75
C SER C 523 1.13 -40.28 45.06
N THR C 524 2.32 -40.13 44.49
CA THR C 524 3.23 -39.04 44.82
C THR C 524 3.75 -38.39 43.54
N LEU C 525 3.62 -37.06 43.46
CA LEU C 525 4.21 -36.26 42.40
C LEU C 525 5.47 -35.58 42.91
N VAL C 526 6.58 -35.77 42.20
CA VAL C 526 7.89 -35.31 42.65
C VAL C 526 8.49 -34.41 41.58
N SER C 527 9.00 -33.26 42.00
CA SER C 527 9.84 -32.40 41.16
C SER C 527 11.28 -32.51 41.62
N SER C 528 12.17 -32.85 40.69
CA SER C 528 13.59 -32.96 40.95
C SER C 528 14.32 -32.34 39.77
N SER C 529 15.63 -32.16 39.93
CA SER C 529 16.46 -31.56 38.89
C SER C 529 16.86 -32.59 37.83
N ALA C 530 16.62 -32.26 36.56
CA ALA C 530 17.09 -33.11 35.46
C ALA C 530 18.46 -32.69 34.94
N ASP C 531 19.00 -31.56 35.43
CA ASP C 531 20.36 -31.10 35.12
C ASP C 531 20.82 -30.20 36.27
N PRO C 532 21.67 -30.70 37.17
CA PRO C 532 22.06 -29.90 38.33
C PRO C 532 22.92 -28.68 38.00
N LYS C 533 23.55 -28.64 36.83
CA LYS C 533 24.36 -27.49 36.46
C LYS C 533 23.53 -26.23 36.29
N GLY C 534 22.24 -26.36 35.99
CA GLY C 534 21.42 -25.21 35.71
C GLY C 534 20.82 -24.58 36.94
N HIS C 535 21.10 -23.29 37.15
CA HIS C 535 20.46 -22.50 38.18
C HIS C 535 19.89 -21.23 37.56
N LEU C 536 18.81 -20.71 38.13
CA LEU C 536 18.15 -19.54 37.56
C LEU C 536 17.41 -18.77 38.64
N GLU C 537 17.59 -17.45 38.66
CA GLU C 537 16.75 -16.58 39.49
C GLU C 537 15.42 -16.37 38.77
N THR C 538 14.33 -16.85 39.35
CA THR C 538 13.05 -16.72 38.69
C THR C 538 11.94 -16.71 39.73
N PRO C 539 10.90 -15.91 39.53
CA PRO C 539 9.71 -15.96 40.39
C PRO C 539 8.68 -17.01 39.98
N ILE C 540 8.94 -17.77 38.91
CA ILE C 540 7.97 -18.77 38.46
C ILE C 540 7.74 -19.78 39.57
N TRP C 541 6.47 -20.08 39.83
CA TRP C 541 6.06 -21.03 40.85
C TRP C 541 4.96 -21.93 40.30
N ILE C 542 4.65 -23.00 41.03
CA ILE C 542 3.64 -23.97 40.63
C ILE C 542 2.31 -23.54 41.24
N GLU C 543 1.37 -23.08 40.41
CA GLU C 543 0.11 -22.58 40.96
C GLU C 543 -0.99 -23.62 40.97
N ARG C 544 -0.82 -24.76 40.29
CA ARG C 544 -1.93 -25.67 40.11
C ARG C 544 -1.42 -26.98 39.53
N VAL C 545 -2.04 -28.09 39.94
CA VAL C 545 -1.79 -29.39 39.34
C VAL C 545 -3.13 -29.98 38.92
N VAL C 546 -3.22 -30.41 37.66
CA VAL C 546 -4.41 -31.05 37.11
C VAL C 546 -4.03 -32.49 36.79
N ILE C 547 -4.67 -33.44 37.47
CA ILE C 547 -4.36 -34.86 37.30
C ILE C 547 -5.56 -35.55 36.68
N MET C 548 -5.34 -36.13 35.51
CA MET C 548 -6.40 -36.82 34.78
C MET C 548 -6.27 -38.32 35.02
N GLY C 549 -7.41 -38.97 35.30
CA GLY C 549 -7.41 -40.39 35.59
C GLY C 549 -7.14 -40.73 37.04
N ALA C 550 -7.45 -39.83 37.96
CA ALA C 550 -7.15 -40.02 39.38
C ALA C 550 -8.43 -40.12 40.19
N GLY C 551 -8.36 -40.91 41.27
CA GLY C 551 -9.45 -40.96 42.24
C GLY C 551 -9.32 -39.88 43.30
N LYS C 552 -10.39 -39.72 44.08
CA LYS C 552 -10.41 -38.67 45.10
C LYS C 552 -9.56 -39.10 46.28
N PRO C 553 -8.52 -38.36 46.65
CA PRO C 553 -7.73 -38.71 47.83
C PRO C 553 -8.44 -38.28 49.09
N ALA C 554 -7.92 -38.73 50.22
CA ALA C 554 -8.46 -38.27 51.49
C ALA C 554 -7.83 -36.96 51.93
N ALA C 555 -6.55 -36.78 51.63
CA ALA C 555 -5.84 -35.56 51.94
C ALA C 555 -4.67 -35.43 50.97
N VAL C 556 -4.20 -34.19 50.81
CA VAL C 556 -3.10 -33.88 49.91
C VAL C 556 -2.03 -33.16 50.71
N VAL C 557 -0.81 -33.66 50.64
CA VAL C 557 0.28 -33.19 51.48
C VAL C 557 1.44 -32.78 50.60
N LEU C 558 1.95 -31.58 50.82
CA LEU C 558 3.07 -31.03 50.08
C LEU C 558 4.28 -30.93 50.99
N GLN C 559 5.42 -31.40 50.50
CA GLN C 559 6.71 -31.29 51.19
C GLN C 559 7.70 -30.61 50.27
N THR C 560 8.29 -29.52 50.75
CA THR C 560 9.33 -28.79 50.04
C THR C 560 10.55 -28.70 50.93
N LYS C 561 11.73 -28.94 50.34
CA LYS C 561 12.97 -28.73 51.07
C LYS C 561 13.01 -27.30 51.56
N GLY C 562 13.25 -27.12 52.86
CA GLY C 562 13.29 -25.79 53.46
C GLY C 562 11.98 -25.32 54.06
N SER C 563 10.91 -26.12 53.96
CA SER C 563 9.61 -25.71 54.47
C SER C 563 9.00 -26.83 55.30
N PRO C 564 8.13 -26.49 56.23
CA PRO C 564 7.34 -27.53 56.91
C PRO C 564 6.36 -28.17 55.95
N GLU C 565 5.93 -29.38 56.31
CA GLU C 565 4.86 -30.04 55.59
C GLU C 565 3.58 -29.24 55.66
N SER C 566 2.87 -29.12 54.53
CA SER C 566 1.61 -28.39 54.49
C SER C 566 0.55 -29.19 53.76
N ARG C 567 -0.70 -28.78 53.97
CA ARG C 567 -1.86 -29.40 53.35
C ARG C 567 -2.36 -28.53 52.20
N LEU C 568 -2.79 -29.19 51.13
CA LEU C 568 -3.36 -28.51 49.97
C LEU C 568 -4.83 -28.84 49.86
N SER C 569 -5.63 -27.85 49.50
CA SER C 569 -7.01 -28.16 49.18
C SER C 569 -7.09 -28.63 47.72
N PHE C 570 -8.22 -29.24 47.36
CA PHE C 570 -8.35 -29.89 46.07
C PHE C 570 -9.81 -30.02 45.70
N GLN C 571 -10.04 -30.26 44.41
CA GLN C 571 -11.36 -30.50 43.85
C GLN C 571 -11.28 -31.74 42.99
N HIS C 572 -12.32 -32.57 43.03
CA HIS C 572 -12.36 -33.80 42.26
C HIS C 572 -13.69 -33.91 41.54
N ASP C 573 -13.63 -34.32 40.29
CA ASP C 573 -14.84 -34.55 39.51
C ASP C 573 -15.00 -36.05 39.32
N PRO C 574 -15.95 -36.69 39.99
CA PRO C 574 -16.09 -38.16 39.85
C PRO C 574 -16.47 -38.61 38.46
N GLU C 575 -17.15 -37.76 37.68
CA GLU C 575 -17.54 -38.13 36.32
C GLU C 575 -16.35 -38.20 35.38
N THR C 576 -15.40 -37.27 35.53
CA THR C 576 -14.26 -37.21 34.62
C THR C 576 -12.98 -37.78 35.22
N SER C 577 -12.98 -38.12 36.50
CA SER C 577 -11.78 -38.59 37.20
C SER C 577 -10.63 -37.59 37.06
N VAL C 578 -10.95 -36.32 37.27
CA VAL C 578 -9.98 -35.23 37.19
C VAL C 578 -9.80 -34.62 38.57
N LEU C 579 -8.56 -34.56 39.02
CA LEU C 579 -8.20 -34.04 40.34
C LEU C 579 -7.42 -32.75 40.15
N ILE C 580 -7.89 -31.67 40.76
CA ILE C 580 -7.22 -30.38 40.71
C ILE C 580 -6.69 -30.03 42.10
N LEU C 581 -5.38 -29.84 42.19
CA LEU C 581 -4.70 -29.47 43.43
C LEU C 581 -4.51 -27.96 43.46
N ARG C 582 -5.02 -27.31 44.49
CA ARG C 582 -5.03 -25.85 44.55
C ARG C 582 -3.70 -25.30 45.05
N LYS C 583 -3.16 -24.32 44.31
CA LYS C 583 -2.06 -23.43 44.68
C LYS C 583 -0.96 -24.11 45.50
N PRO C 584 -0.18 -25.03 44.92
CA PRO C 584 0.97 -25.54 45.69
C PRO C 584 1.90 -24.44 46.17
N GLY C 585 2.06 -23.37 45.40
CA GLY C 585 2.80 -22.21 45.85
C GLY C 585 4.30 -22.39 45.95
N VAL C 586 4.84 -23.45 45.38
CA VAL C 586 6.26 -23.76 45.51
C VAL C 586 7.02 -23.22 44.30
N SER C 587 8.23 -22.72 44.55
CA SER C 587 9.08 -22.24 43.47
C SER C 587 9.42 -23.38 42.51
N VAL C 588 9.46 -23.06 41.22
CA VAL C 588 9.82 -24.06 40.20
C VAL C 588 11.28 -24.46 40.32
N ALA C 589 12.08 -23.68 41.03
CA ALA C 589 13.48 -24.02 41.23
C ALA C 589 13.70 -25.01 42.37
N SER C 590 12.66 -25.32 43.15
CA SER C 590 12.79 -26.11 44.37
C SER C 590 12.42 -27.58 44.14
N ASP C 591 13.12 -28.47 44.82
CA ASP C 591 12.64 -29.85 44.92
C ASP C 591 11.39 -29.87 45.80
N TRP C 592 10.41 -30.68 45.41
CA TRP C 592 9.20 -30.81 46.21
C TRP C 592 8.51 -32.12 45.87
N SER C 593 7.59 -32.52 46.74
CA SER C 593 6.77 -33.68 46.49
C SER C 593 5.38 -33.44 47.05
N ILE C 594 4.38 -33.90 46.31
CA ILE C 594 2.99 -33.87 46.74
C ILE C 594 2.53 -35.30 46.88
N HIS C 595 1.97 -35.64 48.04
CA HIS C 595 1.47 -36.98 48.30
C HIS C 595 -0.04 -36.96 48.40
N LEU C 596 -0.69 -37.85 47.67
CA LEU C 596 -2.13 -38.03 47.70
C LEU C 596 -2.44 -39.21 48.62
N ARG C 597 -3.12 -38.94 49.73
CA ARG C 597 -3.37 -39.98 50.71
C ARG C 597 -4.74 -40.58 50.51
N LYS D 52 -14.68 -13.21 59.12
CA LYS D 52 -15.75 -13.35 58.15
C LYS D 52 -15.23 -13.86 56.80
N PRO D 53 -16.04 -14.62 56.08
CA PRO D 53 -15.65 -15.13 54.77
C PRO D 53 -16.05 -14.18 53.65
N PHE D 54 -15.61 -14.52 52.43
CA PHE D 54 -15.90 -13.75 51.23
C PHE D 54 -16.85 -14.53 50.34
N THR D 55 -17.91 -13.89 49.88
CA THR D 55 -18.90 -14.54 49.03
C THR D 55 -18.67 -14.13 47.58
N CYS D 56 -18.60 -15.13 46.71
CA CYS D 56 -18.38 -14.86 45.30
C CYS D 56 -19.51 -13.99 44.75
N LEU D 57 -19.13 -12.96 43.99
CA LEU D 57 -20.07 -11.90 43.63
C LEU D 57 -21.29 -12.44 42.89
N ASP D 58 -21.09 -13.44 42.02
CA ASP D 58 -22.24 -14.02 41.35
C ASP D 58 -23.14 -14.81 42.31
N GLY D 59 -22.67 -15.08 43.52
CA GLY D 59 -23.41 -15.84 44.51
C GLY D 59 -23.15 -17.33 44.53
N THR D 60 -22.24 -17.83 43.68
CA THR D 60 -22.08 -19.27 43.54
C THR D 60 -21.43 -19.89 44.77
N ALA D 61 -20.32 -19.32 45.23
CA ALA D 61 -19.51 -19.96 46.25
C ALA D 61 -19.10 -18.96 47.31
N THR D 62 -18.52 -19.47 48.40
CA THR D 62 -17.98 -18.67 49.48
C THR D 62 -16.62 -19.22 49.87
N ILE D 63 -15.65 -18.31 50.02
CA ILE D 63 -14.27 -18.69 50.30
C ILE D 63 -13.78 -17.92 51.52
N PRO D 64 -12.72 -18.40 52.17
CA PRO D 64 -12.12 -17.65 53.28
C PRO D 64 -11.58 -16.30 52.84
N PHE D 65 -11.44 -15.42 53.85
CA PHE D 65 -11.00 -14.05 53.62
C PHE D 65 -9.59 -13.98 53.05
N ASP D 66 -8.72 -14.91 53.44
CA ASP D 66 -7.34 -14.87 52.98
C ASP D 66 -7.16 -15.43 51.58
N GLN D 67 -8.24 -15.82 50.92
CA GLN D 67 -8.19 -16.20 49.51
C GLN D 67 -8.65 -15.07 48.60
N VAL D 68 -8.85 -13.88 49.14
CA VAL D 68 -9.04 -12.68 48.33
C VAL D 68 -7.68 -12.10 48.03
N ASN D 69 -7.40 -11.89 46.74
CA ASN D 69 -6.11 -11.35 46.26
C ASN D 69 -4.93 -12.17 46.75
N ASP D 70 -5.07 -13.50 46.78
CA ASP D 70 -3.95 -14.37 47.12
C ASP D 70 -3.26 -14.93 45.88
N ASP D 71 -3.51 -14.34 44.70
CA ASP D 71 -2.84 -14.69 43.46
C ASP D 71 -3.19 -16.12 43.00
N TYR D 72 -4.39 -16.58 43.32
CA TYR D 72 -4.92 -17.84 42.82
C TYR D 72 -6.41 -17.67 42.59
N CYS D 73 -6.92 -18.15 41.46
CA CYS D 73 -8.31 -17.88 41.11
C CYS D 73 -9.22 -18.90 41.78
N ASP D 74 -10.04 -18.45 42.73
CA ASP D 74 -10.97 -19.32 43.45
C ASP D 74 -12.42 -19.13 43.05
N CYS D 75 -12.73 -18.06 42.33
CA CYS D 75 -14.10 -17.67 42.02
C CYS D 75 -14.35 -17.77 40.52
N LYS D 76 -15.47 -18.38 40.13
CA LYS D 76 -15.76 -18.58 38.71
C LYS D 76 -15.92 -17.25 37.97
N ASP D 77 -16.40 -16.21 38.65
CA ASP D 77 -16.52 -14.89 38.03
C ASP D 77 -15.27 -14.03 38.23
N GLY D 78 -14.23 -14.57 38.86
CA GLY D 78 -13.00 -13.82 39.06
C GLY D 78 -13.06 -12.76 40.12
N SER D 79 -14.16 -12.69 40.89
CA SER D 79 -14.34 -11.59 41.82
C SER D 79 -13.45 -11.69 43.04
N ASP D 80 -12.77 -12.82 43.27
CA ASP D 80 -11.90 -12.91 44.44
C ASP D 80 -10.52 -12.32 44.19
N GLU D 81 -10.20 -11.89 42.97
CA GLU D 81 -8.86 -11.41 42.63
C GLU D 81 -8.93 -10.06 41.91
N PRO D 82 -9.55 -9.04 42.52
CA PRO D 82 -9.61 -7.74 41.85
C PRO D 82 -8.26 -7.09 41.68
N GLY D 83 -7.28 -7.41 42.52
CA GLY D 83 -5.98 -6.77 42.49
C GLY D 83 -4.85 -7.54 41.85
N THR D 84 -5.10 -8.72 41.28
CA THR D 84 -4.03 -9.55 40.73
C THR D 84 -4.37 -9.98 39.31
N ALA D 85 -3.45 -10.71 38.69
CA ALA D 85 -3.63 -11.28 37.36
C ALA D 85 -4.12 -12.72 37.40
N ALA D 86 -4.66 -13.18 38.54
CA ALA D 86 -4.85 -14.62 38.72
C ALA D 86 -6.08 -15.16 38.00
N CYS D 87 -7.12 -14.33 37.80
CA CYS D 87 -8.32 -14.90 37.20
C CYS D 87 -8.42 -14.54 35.72
N PRO D 88 -8.86 -15.48 34.89
CA PRO D 88 -8.94 -15.19 33.45
C PRO D 88 -10.05 -14.21 33.08
N ASN D 89 -11.10 -14.09 33.88
CA ASN D 89 -12.20 -13.18 33.59
C ASN D 89 -12.30 -12.03 34.57
N GLY D 90 -11.27 -11.81 35.37
CA GLY D 90 -11.31 -10.75 36.35
C GLY D 90 -11.14 -9.39 35.70
N SER D 91 -11.30 -8.36 36.53
CA SER D 91 -11.07 -6.99 36.09
C SER D 91 -10.32 -6.25 37.19
N PHE D 92 -9.51 -5.28 36.77
CA PHE D 92 -8.71 -4.46 37.66
C PHE D 92 -9.18 -3.02 37.52
N HIS D 93 -9.47 -2.37 38.64
CA HIS D 93 -10.00 -1.01 38.62
C HIS D 93 -8.88 0.01 38.75
N CYS D 94 -8.83 0.93 37.81
CA CYS D 94 -7.90 2.05 37.85
C CYS D 94 -8.64 3.33 38.20
N THR D 95 -8.36 3.88 39.38
CA THR D 95 -9.07 5.07 39.85
C THR D 95 -8.82 6.23 38.90
N ASN D 96 -7.56 6.45 38.53
CA ASN D 96 -7.16 7.49 37.59
C ASN D 96 -7.69 8.87 38.00
N THR D 97 -7.32 9.29 39.21
CA THR D 97 -7.70 10.61 39.68
C THR D 97 -7.10 11.67 38.76
N GLY D 98 -7.93 12.61 38.30
CA GLY D 98 -7.51 13.57 37.30
C GLY D 98 -7.83 13.17 35.88
N TYR D 99 -8.35 11.97 35.67
CA TYR D 99 -8.82 11.52 34.37
C TYR D 99 -10.06 10.66 34.63
N LYS D 100 -10.43 9.85 33.65
CA LYS D 100 -11.59 8.96 33.72
C LYS D 100 -11.16 7.62 34.32
N PRO D 101 -11.88 7.09 35.31
CA PRO D 101 -11.55 5.75 35.81
C PRO D 101 -11.74 4.70 34.72
N LEU D 102 -11.00 3.61 34.84
CA LEU D 102 -10.97 2.60 33.78
C LEU D 102 -10.88 1.20 34.39
N TYR D 103 -11.57 0.26 33.77
CA TYR D 103 -11.38 -1.16 34.08
C TYR D 103 -10.51 -1.79 33.00
N ILE D 104 -9.58 -2.64 33.42
CA ILE D 104 -8.74 -3.39 32.48
C ILE D 104 -8.82 -4.87 32.80
N LEU D 105 -8.45 -5.70 31.82
CA LEU D 105 -8.40 -7.13 32.03
C LEU D 105 -7.42 -7.48 33.13
N SER D 106 -7.76 -8.48 33.94
CA SER D 106 -6.84 -8.97 34.98
C SER D 106 -5.51 -9.39 34.38
N SER D 107 -5.53 -9.97 33.18
CA SER D 107 -4.29 -10.39 32.52
C SER D 107 -3.36 -9.23 32.21
N ARG D 108 -3.78 -7.99 32.38
CA ARG D 108 -2.88 -6.87 32.16
C ARG D 108 -2.39 -6.26 33.47
N VAL D 109 -2.64 -6.91 34.60
CA VAL D 109 -2.05 -6.52 35.87
C VAL D 109 -0.64 -7.09 35.95
N ASN D 110 0.35 -6.22 36.12
CA ASN D 110 1.76 -6.63 36.19
C ASN D 110 2.18 -7.43 34.97
N ASP D 111 1.74 -7.00 33.78
CA ASP D 111 2.24 -7.61 32.56
C ASP D 111 3.43 -6.86 31.98
N GLY D 112 3.92 -5.83 32.67
CA GLY D 112 5.01 -5.01 32.16
C GLY D 112 4.59 -3.88 31.26
N VAL D 113 3.30 -3.75 30.96
CA VAL D 113 2.79 -2.73 30.04
C VAL D 113 1.93 -1.78 30.87
N CYS D 114 2.11 -0.48 30.65
CA CYS D 114 1.35 0.55 31.36
C CYS D 114 -0.03 0.66 30.75
N ASP D 115 -1.04 0.11 31.42
CA ASP D 115 -2.40 0.18 30.91
C ASP D 115 -3.22 1.32 31.51
N CYS D 116 -2.92 1.73 32.73
CA CYS D 116 -3.65 2.80 33.39
C CYS D 116 -2.79 4.06 33.44
N CYS D 117 -3.43 5.21 33.20
CA CYS D 117 -2.67 6.45 33.21
C CYS D 117 -2.03 6.70 34.58
N ASP D 118 -2.69 6.26 35.66
CA ASP D 118 -2.08 6.43 36.98
C ASP D 118 -1.00 5.40 37.28
N GLY D 119 -0.81 4.40 36.41
CA GLY D 119 0.25 3.42 36.56
C GLY D 119 0.04 2.35 37.61
N THR D 120 -1.14 2.27 38.22
CA THR D 120 -1.34 1.35 39.34
C THR D 120 -1.50 -0.11 38.94
N ASP D 121 -1.71 -0.42 37.65
CA ASP D 121 -1.74 -1.81 37.24
C ASP D 121 -0.36 -2.46 37.27
N GLU D 122 0.71 -1.67 37.30
CA GLU D 122 2.08 -2.17 37.31
C GLU D 122 2.69 -1.81 38.66
N TYR D 123 2.57 -2.72 39.62
CA TYR D 123 3.09 -2.46 40.95
C TYR D 123 4.13 -3.47 41.40
N ASN D 124 4.39 -4.52 40.63
CA ASN D 124 5.40 -5.51 40.96
C ASN D 124 5.88 -6.24 39.70
N SER D 125 6.26 -5.48 38.68
CA SER D 125 6.62 -6.07 37.40
C SER D 125 7.98 -5.65 36.87
N GLY D 126 8.65 -4.70 37.50
CA GLY D 126 9.86 -4.16 36.93
C GLY D 126 9.65 -3.06 35.90
N THR D 127 8.41 -2.80 35.50
CA THR D 127 8.09 -1.63 34.70
C THR D 127 7.56 -0.54 35.63
N VAL D 128 8.17 0.63 35.57
CA VAL D 128 7.78 1.77 36.37
C VAL D 128 6.95 2.68 35.47
N CYS D 129 5.66 2.80 35.74
CA CYS D 129 4.76 3.61 34.94
C CYS D 129 4.60 4.97 35.59
N GLU D 130 4.90 6.02 34.83
CA GLU D 130 4.67 7.37 35.30
C GLU D 130 3.19 7.73 35.19
N ASN D 131 2.76 8.69 35.99
CA ASN D 131 1.38 9.15 35.95
C ASN D 131 1.21 10.13 34.78
N THR D 132 0.32 9.78 33.86
CA THR D 132 0.06 10.59 32.67
C THR D 132 -1.41 10.95 32.53
N CYS D 133 -2.16 10.97 33.64
CA CYS D 133 -3.61 11.19 33.52
C CYS D 133 -3.96 12.60 33.05
N ARG D 134 -3.06 13.56 33.19
CA ARG D 134 -3.35 14.91 32.73
C ARG D 134 -3.48 14.93 31.19
N VAL E 32 -5.21 22.42 13.03
CA VAL E 32 -4.03 23.09 12.52
C VAL E 32 -3.15 23.57 13.68
N ASP E 33 -1.84 23.58 13.45
CA ASP E 33 -0.87 24.14 14.40
C ASP E 33 -0.60 25.58 13.99
N ARG E 34 -1.25 26.52 14.66
CA ARG E 34 -1.13 27.91 14.26
C ARG E 34 0.26 28.46 14.51
N SER E 35 0.96 27.93 15.52
CA SER E 35 2.28 28.48 15.88
C SER E 35 3.30 28.30 14.78
N ASN E 36 3.07 27.37 13.84
CA ASN E 36 3.95 27.18 12.71
C ASN E 36 3.90 28.33 11.72
N PHE E 37 2.82 29.12 11.74
CA PHE E 37 2.57 30.11 10.71
C PHE E 37 2.50 31.50 11.33
N LYS E 38 3.16 32.46 10.68
CA LYS E 38 3.28 33.81 11.21
C LYS E 38 1.93 34.52 11.19
N THR E 39 1.63 35.20 12.28
CA THR E 39 0.63 36.26 12.27
C THR E 39 1.24 37.51 11.63
N CYS E 40 0.40 38.51 11.40
CA CYS E 40 0.92 39.77 10.84
C CYS E 40 1.97 40.38 11.76
N ASP E 41 1.74 40.29 13.07
CA ASP E 41 2.71 40.84 14.03
C ASP E 41 4.05 40.12 13.96
N GLU E 42 4.04 38.83 13.61
CA GLU E 42 5.30 38.10 13.49
C GLU E 42 5.94 38.26 12.12
N SER E 43 5.23 38.85 11.17
CA SER E 43 5.79 39.21 9.87
C SER E 43 6.22 40.68 9.98
N SER E 44 7.53 40.92 10.06
CA SER E 44 8.01 42.25 10.46
C SER E 44 7.59 43.32 9.46
N PHE E 45 7.62 43.02 8.16
CA PHE E 45 7.17 44.02 7.19
C PHE E 45 5.67 44.29 7.32
N CYS E 46 4.88 43.26 7.68
CA CYS E 46 3.48 43.51 7.94
C CYS E 46 3.30 44.37 9.18
N LYS E 47 4.11 44.11 10.21
CA LYS E 47 4.04 44.91 11.43
C LYS E 47 4.43 46.36 11.15
N ARG E 48 5.51 46.58 10.40
CA ARG E 48 5.89 47.95 10.07
C ARG E 48 4.79 48.67 9.30
N GLN E 49 4.25 48.03 8.26
CA GLN E 49 3.21 48.66 7.46
C GLN E 49 1.98 48.95 8.31
N ARG E 50 1.51 47.94 9.05
CA ARG E 50 0.25 48.09 9.77
C ARG E 50 0.32 49.09 10.92
N SER E 51 1.52 49.44 11.40
CA SER E 51 1.65 50.43 12.46
C SER E 51 1.49 51.86 11.97
N ILE E 52 1.61 52.10 10.67
CA ILE E 52 1.33 53.42 10.10
C ILE E 52 -0.15 53.71 10.27
N ARG E 53 -0.45 54.83 10.92
CA ARG E 53 -1.84 55.09 11.24
C ARG E 53 -2.46 56.03 10.21
N PRO E 54 -3.78 55.96 10.03
CA PRO E 54 -4.44 56.80 9.03
C PRO E 54 -4.27 58.28 9.34
N GLY E 55 -3.85 59.03 8.34
CA GLY E 55 -3.63 60.44 8.54
C GLY E 55 -3.17 61.10 7.26
N LEU E 56 -2.48 62.22 7.41
CA LEU E 56 -1.96 62.94 6.27
C LEU E 56 -0.72 62.22 5.77
N SER E 57 -0.74 61.81 4.51
CA SER E 57 0.38 61.08 3.95
C SER E 57 1.60 62.01 3.84
N PRO E 58 2.81 61.51 4.14
CA PRO E 58 4.01 62.31 3.93
C PRO E 58 4.45 62.38 2.48
N TYR E 59 3.76 61.67 1.60
CA TYR E 59 4.08 61.66 0.19
C TYR E 59 3.38 62.83 -0.51
N ARG E 60 4.08 63.45 -1.44
CA ARG E 60 3.47 64.50 -2.24
C ARG E 60 4.06 64.47 -3.64
N ALA E 61 3.24 64.86 -4.61
CA ALA E 61 3.64 64.85 -6.02
C ALA E 61 4.31 66.16 -6.39
N LEU E 62 5.42 66.08 -7.10
CA LEU E 62 6.15 67.25 -7.58
C LEU E 62 5.62 67.57 -8.98
N LEU E 63 4.55 68.38 -9.03
CA LEU E 63 3.88 68.68 -10.29
C LEU E 63 4.81 69.33 -11.30
N ASP E 64 5.93 69.91 -10.85
CA ASP E 64 6.89 70.47 -11.80
C ASP E 64 7.52 69.38 -12.66
N THR E 65 7.58 68.14 -12.18
CA THR E 65 8.20 67.04 -12.90
C THR E 65 7.24 66.26 -13.78
N LEU E 66 5.97 66.65 -13.82
CA LEU E 66 4.97 65.92 -14.58
C LEU E 66 5.31 65.89 -16.06
N GLN E 67 5.17 64.72 -16.68
CA GLN E 67 5.38 64.56 -18.11
C GLN E 67 4.28 63.66 -18.65
N LEU E 68 3.58 64.16 -19.67
CA LEU E 68 2.49 63.44 -20.31
C LEU E 68 2.91 62.97 -21.70
N GLY E 69 2.60 61.72 -22.01
CA GLY E 69 2.93 61.15 -23.28
C GLY E 69 1.72 60.46 -23.87
N PRO E 70 1.86 59.87 -25.05
CA PRO E 70 0.72 59.12 -25.62
C PRO E 70 0.33 57.92 -24.77
N ASP E 71 1.29 57.29 -24.09
CA ASP E 71 1.03 56.04 -23.38
C ASP E 71 1.01 56.18 -21.87
N ALA E 72 1.65 57.20 -21.30
CA ALA E 72 1.72 57.25 -19.85
C ALA E 72 1.97 58.68 -19.38
N LEU E 73 1.51 58.97 -18.18
CA LEU E 73 1.92 60.14 -17.42
C LEU E 73 2.92 59.71 -16.36
N THR E 74 4.06 60.40 -16.27
CA THR E 74 5.03 60.15 -15.22
C THR E 74 5.21 61.41 -14.39
N VAL E 75 5.21 61.25 -13.07
CA VAL E 75 5.40 62.35 -12.14
C VAL E 75 6.18 61.83 -10.94
N HIS E 76 7.09 62.67 -10.42
CA HIS E 76 7.88 62.31 -9.26
C HIS E 76 7.07 62.47 -7.98
N LEU E 77 7.29 61.55 -7.05
CA LEU E 77 6.77 61.66 -5.69
C LEU E 77 7.93 61.79 -4.72
N ILE E 78 7.67 62.42 -3.57
CA ILE E 78 8.68 62.58 -2.53
C ILE E 78 8.00 62.36 -1.18
N HIS E 79 8.70 61.65 -0.27
CA HIS E 79 8.35 61.58 1.16
C HIS E 79 8.95 62.79 1.86
N GLU E 80 8.10 63.58 2.49
CA GLU E 80 8.52 64.85 3.02
C GLU E 80 9.57 64.69 4.13
N VAL E 81 9.53 63.60 4.89
CA VAL E 81 10.45 63.43 5.99
C VAL E 81 11.79 62.85 5.52
N THR E 82 11.75 61.78 4.73
CA THR E 82 12.98 61.08 4.34
C THR E 82 13.59 61.57 3.04
N LYS E 83 12.84 62.33 2.23
CA LYS E 83 13.29 62.87 0.94
C LYS E 83 13.59 61.79 -0.12
N VAL E 84 13.01 60.60 0.03
CA VAL E 84 13.13 59.52 -0.96
C VAL E 84 12.33 59.88 -2.21
N LEU E 85 12.90 59.73 -3.40
CA LEU E 85 12.16 60.09 -4.61
C LEU E 85 11.61 58.85 -5.31
N LEU E 86 10.31 58.86 -5.59
CA LEU E 86 9.64 57.80 -6.32
C LEU E 86 9.12 58.31 -7.65
N VAL E 87 8.84 57.38 -8.56
CA VAL E 87 8.28 57.69 -9.88
C VAL E 87 6.92 57.01 -9.99
N LEU E 88 5.87 57.80 -10.24
CA LEU E 88 4.54 57.29 -10.52
C LEU E 88 4.32 57.24 -12.02
N GLU E 89 3.99 56.06 -12.54
CA GLU E 89 3.60 55.88 -13.93
C GLU E 89 2.11 55.58 -13.98
N LEU E 90 1.34 56.51 -14.54
CA LEU E 90 -0.11 56.43 -14.58
C LEU E 90 -0.56 56.25 -16.02
N GLN E 91 -1.46 55.29 -16.24
CA GLN E 91 -1.91 54.96 -17.58
C GLN E 91 -3.41 54.72 -17.60
N GLY E 92 -4.07 55.28 -18.61
CA GLY E 92 -5.39 54.84 -18.98
C GLY E 92 -5.27 53.72 -19.99
N LEU E 93 -6.09 52.69 -19.83
CA LEU E 93 -6.03 51.53 -20.69
C LEU E 93 -7.35 51.35 -21.43
N GLN E 94 -7.27 50.75 -22.61
CA GLN E 94 -8.46 50.27 -23.31
C GLN E 94 -9.28 49.36 -22.40
N LYS E 95 -10.58 49.26 -22.66
CA LYS E 95 -11.53 48.47 -21.87
C LYS E 95 -11.76 49.07 -20.48
N ASP E 96 -11.57 50.39 -20.33
CA ASP E 96 -11.92 51.12 -19.11
C ASP E 96 -11.14 50.60 -17.90
N MET E 97 -9.83 50.61 -18.03
CA MET E 97 -8.96 50.27 -16.92
C MET E 97 -7.90 51.34 -16.73
N THR E 98 -7.41 51.44 -15.50
CA THR E 98 -6.30 52.30 -15.14
C THR E 98 -5.24 51.44 -14.50
N ARG E 99 -3.97 51.72 -14.84
CA ARG E 99 -2.83 51.06 -14.23
C ARG E 99 -1.99 52.10 -13.49
N ILE E 100 -1.65 51.79 -12.25
CA ILE E 100 -0.79 52.63 -11.42
C ILE E 100 0.46 51.83 -11.08
N ARG E 101 1.61 52.36 -11.47
CA ARG E 101 2.89 51.78 -11.11
C ARG E 101 3.73 52.82 -10.38
N ILE E 102 4.29 52.42 -9.25
CA ILE E 102 5.14 53.28 -8.43
C ILE E 102 6.41 52.51 -8.13
N ASP E 103 7.56 53.13 -8.42
CA ASP E 103 8.88 52.54 -8.20
C ASP E 103 9.81 53.63 -7.68
N GLU E 104 10.99 53.23 -7.21
CA GLU E 104 11.99 54.20 -6.81
C GLU E 104 12.54 54.93 -8.03
N LEU E 105 12.85 56.23 -7.85
CA LEU E 105 13.40 57.01 -8.95
C LEU E 105 14.82 56.57 -9.29
N GLU E 106 15.70 56.52 -8.29
CA GLU E 106 17.09 56.09 -8.47
C GLU E 106 17.34 54.96 -7.48
N PRO E 107 16.84 53.77 -7.76
CA PRO E 107 17.05 52.64 -6.84
C PRO E 107 18.46 52.10 -6.96
N ARG E 108 18.98 51.61 -5.83
CA ARG E 108 20.30 51.00 -5.84
C ARG E 108 20.35 49.81 -6.78
N ARG E 109 19.27 49.02 -6.81
CA ARG E 109 19.10 47.86 -7.68
C ARG E 109 17.67 47.86 -8.19
N PRO E 110 17.42 47.31 -9.38
CA PRO E 110 16.03 47.23 -9.87
C PRO E 110 15.20 46.29 -9.00
N ARG E 111 13.96 46.70 -8.75
CA ARG E 111 13.00 45.90 -8.02
C ARG E 111 12.29 44.92 -8.94
N TYR E 112 11.73 43.87 -8.34
CA TYR E 112 11.07 42.83 -9.12
C TYR E 112 9.79 43.35 -9.77
N ARG E 113 9.60 42.98 -11.03
CA ARG E 113 8.35 43.20 -11.75
C ARG E 113 7.86 41.86 -12.28
N VAL E 114 6.64 41.48 -11.93
CA VAL E 114 6.15 40.11 -12.15
C VAL E 114 6.07 39.78 -13.64
N PRO E 115 6.82 38.80 -14.12
CA PRO E 115 6.74 38.39 -15.52
C PRO E 115 5.74 37.27 -15.71
N ASP E 116 5.44 37.00 -16.98
CA ASP E 116 4.74 35.81 -17.45
C ASP E 116 3.28 35.71 -17.00
N VAL E 117 2.80 36.64 -16.19
CA VAL E 117 1.39 36.60 -15.77
C VAL E 117 0.49 37.33 -16.76
N LEU E 118 0.89 38.54 -17.17
CA LEU E 118 0.15 39.26 -18.20
C LEU E 118 0.36 38.60 -19.56
N VAL E 119 -0.73 38.38 -20.29
CA VAL E 119 -0.61 37.71 -21.59
C VAL E 119 -0.17 38.65 -22.69
N ALA E 120 -0.25 39.96 -22.49
CA ALA E 120 0.14 40.94 -23.50
C ALA E 120 0.43 42.26 -22.82
N ASP E 121 1.10 43.14 -23.55
CA ASP E 121 1.26 44.52 -23.11
C ASP E 121 -0.07 45.25 -23.27
N PRO E 122 -0.74 45.65 -22.20
CA PRO E 122 -2.12 46.13 -22.31
C PRO E 122 -2.21 47.37 -23.18
N PRO E 123 -3.18 47.42 -24.09
CA PRO E 123 -3.34 48.61 -24.93
C PRO E 123 -3.73 49.83 -24.09
N THR E 124 -3.09 50.96 -24.37
CA THR E 124 -3.29 52.17 -23.59
C THR E 124 -4.39 53.06 -24.19
N ALA E 125 -4.84 54.01 -23.38
CA ALA E 125 -5.73 55.09 -23.81
C ALA E 125 -5.06 56.42 -23.47
N ARG E 126 -5.33 57.43 -24.30
CA ARG E 126 -4.67 58.72 -24.16
C ARG E 126 -5.19 59.47 -22.93
N LEU E 127 -4.28 60.04 -22.15
CA LEU E 127 -4.63 60.94 -21.08
C LEU E 127 -4.48 62.38 -21.58
N SER E 128 -5.42 63.25 -21.16
CA SER E 128 -5.43 64.65 -21.55
C SER E 128 -5.64 65.51 -20.32
N VAL E 129 -4.91 66.61 -20.22
CA VAL E 129 -5.06 67.56 -19.12
C VAL E 129 -6.31 68.40 -19.38
N SER E 130 -7.34 68.21 -18.55
CA SER E 130 -8.58 68.95 -18.63
C SER E 130 -8.83 69.81 -17.38
N GLY E 131 -7.84 69.91 -16.50
CA GLY E 131 -7.95 70.70 -15.29
C GLY E 131 -6.59 70.84 -14.65
N ARG E 132 -6.32 71.99 -14.02
CA ARG E 132 -4.98 72.27 -13.53
C ARG E 132 -5.05 73.40 -12.50
N ASP E 133 -4.25 73.28 -11.45
CA ASP E 133 -4.04 74.37 -10.50
C ASP E 133 -2.74 74.07 -9.75
N ASP E 134 -2.54 74.77 -8.63
CA ASP E 134 -1.29 74.60 -7.89
C ASP E 134 -1.18 73.23 -7.24
N ASN E 135 -2.31 72.65 -6.81
CA ASN E 135 -2.30 71.42 -6.03
C ASN E 135 -3.09 70.29 -6.68
N SER E 136 -3.38 70.38 -7.97
CA SER E 136 -4.22 69.37 -8.60
C SER E 136 -4.01 69.38 -10.10
N VAL E 137 -4.12 68.21 -10.71
CA VAL E 137 -4.25 68.05 -12.14
C VAL E 137 -5.41 67.10 -12.40
N GLU E 138 -6.34 67.49 -13.26
CA GLU E 138 -7.40 66.61 -13.68
C GLU E 138 -7.07 66.09 -15.08
N LEU E 139 -7.18 64.78 -15.25
CA LEU E 139 -6.89 64.13 -16.52
C LEU E 139 -8.16 63.48 -17.06
N THR E 140 -8.33 63.52 -18.37
CA THR E 140 -9.43 62.85 -19.05
C THR E 140 -8.88 61.66 -19.83
N VAL E 141 -9.52 60.52 -19.67
CA VAL E 141 -9.10 59.30 -20.36
C VAL E 141 -9.75 59.28 -21.74
N ALA E 142 -8.93 59.32 -22.78
CA ALA E 142 -9.40 59.36 -24.16
C ALA E 142 -10.38 60.52 -24.33
N GLU E 143 -11.63 60.21 -24.69
CA GLU E 143 -12.66 61.23 -24.89
C GLU E 143 -13.75 61.14 -23.82
N GLY E 144 -13.42 60.61 -22.64
CA GLY E 144 -14.38 60.50 -21.57
C GLY E 144 -15.10 59.16 -21.62
N PRO E 145 -15.96 58.89 -20.61
CA PRO E 145 -16.32 59.76 -19.49
C PRO E 145 -15.39 59.69 -18.28
N TYR E 146 -14.34 58.87 -18.35
CA TYR E 146 -13.50 58.61 -17.19
C TYR E 146 -12.46 59.71 -17.00
N LYS E 147 -12.32 60.16 -15.76
CA LYS E 147 -11.34 61.18 -15.41
C LYS E 147 -10.56 60.78 -14.16
N ILE E 148 -9.30 61.23 -14.10
CA ILE E 148 -8.39 60.96 -12.97
C ILE E 148 -7.90 62.29 -12.44
N ILE E 149 -8.12 62.53 -11.14
CA ILE E 149 -7.65 63.73 -10.46
C ILE E 149 -6.43 63.37 -9.62
N LEU E 150 -5.27 63.90 -10.01
CA LEU E 150 -4.06 63.76 -9.23
C LEU E 150 -3.92 64.97 -8.31
N THR E 151 -3.99 64.72 -7.00
CA THR E 151 -3.75 65.76 -5.99
C THR E 151 -2.28 65.73 -5.60
N ALA E 152 -1.67 66.92 -5.52
CA ALA E 152 -0.23 67.01 -5.25
C ALA E 152 0.09 66.80 -3.77
N GLN E 153 -0.62 67.50 -2.88
CA GLN E 153 -0.27 67.48 -1.47
C GLN E 153 -1.52 67.42 -0.57
N PRO E 154 -1.70 66.37 0.22
CA PRO E 154 -0.89 65.14 0.16
C PRO E 154 -1.22 64.33 -1.09
N PHE E 155 -0.29 63.49 -1.54
CA PHE E 155 -0.50 62.71 -2.76
C PHE E 155 -1.79 61.88 -2.69
N ARG E 156 -2.53 61.88 -3.79
CA ARG E 156 -3.82 61.23 -3.85
C ARG E 156 -4.24 61.12 -5.30
N LEU E 157 -5.02 60.09 -5.61
CA LEU E 157 -5.61 59.88 -6.93
C LEU E 157 -7.09 59.58 -6.75
N ASP E 158 -7.92 60.21 -7.58
CA ASP E 158 -9.36 59.95 -7.56
C ASP E 158 -9.80 59.62 -8.98
N LEU E 159 -10.63 58.60 -9.11
CA LEU E 159 -11.14 58.16 -10.41
C LEU E 159 -12.64 58.41 -10.46
N LEU E 160 -13.09 59.06 -11.52
CA LEU E 160 -14.50 59.41 -11.66
C LEU E 160 -15.00 59.01 -13.04
N GLU E 161 -16.27 58.63 -13.09
CA GLU E 161 -17.03 58.59 -14.33
C GLU E 161 -17.86 59.86 -14.36
N ASP E 162 -17.51 60.77 -15.28
CA ASP E 162 -18.10 62.09 -15.32
C ASP E 162 -17.90 62.79 -13.98
N ARG E 163 -18.97 62.93 -13.20
CA ARG E 163 -18.91 63.58 -11.91
C ARG E 163 -19.06 62.61 -10.74
N SER E 164 -19.12 61.31 -11.00
CA SER E 164 -19.31 60.30 -9.96
C SER E 164 -17.95 59.74 -9.56
N LEU E 165 -17.59 59.89 -8.28
CA LEU E 165 -16.35 59.32 -7.76
C LEU E 165 -16.50 57.82 -7.62
N LEU E 166 -15.65 57.06 -8.33
CA LEU E 166 -15.67 55.61 -8.25
C LEU E 166 -14.77 55.07 -7.14
N LEU E 167 -13.55 55.60 -7.04
CA LEU E 167 -12.59 55.13 -6.06
C LEU E 167 -11.45 56.15 -5.99
N SER E 168 -10.84 56.22 -4.81
CA SER E 168 -9.67 57.06 -4.60
C SER E 168 -8.51 56.21 -4.06
N VAL E 169 -7.30 56.71 -4.28
CA VAL E 169 -6.07 56.02 -3.93
C VAL E 169 -5.30 56.88 -2.94
N ASN E 170 -4.90 56.28 -1.82
CA ASN E 170 -4.19 56.95 -0.73
C ASN E 170 -5.06 57.95 0.00
N ALA E 171 -6.39 57.76 -0.04
CA ALA E 171 -7.30 58.66 0.65
C ALA E 171 -7.15 58.58 2.16
N ARG E 172 -6.83 57.41 2.71
CA ARG E 172 -6.56 57.29 4.13
C ARG E 172 -5.09 57.51 4.46
N GLY E 173 -4.27 57.85 3.48
CA GLY E 173 -2.88 58.18 3.70
C GLY E 173 -2.00 57.05 4.20
N LEU E 174 -2.26 55.82 3.75
CA LEU E 174 -1.54 54.65 4.25
C LEU E 174 -0.45 54.17 3.31
N MET E 175 -0.15 54.91 2.25
CA MET E 175 0.89 54.50 1.32
C MET E 175 2.25 54.44 2.04
N ALA E 176 2.98 53.36 1.81
CA ALA E 176 4.31 53.16 2.38
C ALA E 176 5.19 52.46 1.36
N PHE E 177 6.37 53.01 1.12
CA PHE E 177 7.30 52.46 0.14
C PHE E 177 8.69 52.47 0.77
N GLU E 178 9.11 51.33 1.31
CA GLU E 178 10.43 51.21 1.93
C GLU E 178 11.46 51.07 0.81
N HIS E 179 12.29 52.10 0.65
CA HIS E 179 13.29 52.09 -0.39
C HIS E 179 14.47 51.19 0.01
N GLN E 180 15.19 50.72 -1.01
CA GLN E 180 16.34 49.85 -0.77
C GLN E 180 17.46 50.66 -0.12
N ARG E 181 17.82 50.29 1.12
CA ARG E 181 18.86 50.98 1.85
C ARG E 181 20.23 50.34 1.59
N ALA E 182 21.27 50.97 2.14
CA ALA E 182 22.61 50.42 2.07
C ALA E 182 22.77 49.29 3.08
N PRO E 183 23.51 48.23 2.74
CA PRO E 183 23.76 47.08 3.63
C PRO E 183 24.56 47.41 4.89
N GLU F 1 12.30 48.84 13.63
CA GLU F 1 13.67 48.51 14.01
C GLU F 1 13.91 46.99 14.14
N PRO F 2 13.21 46.30 15.06
CA PRO F 2 13.53 44.89 15.27
C PRO F 2 12.94 44.02 14.17
N GLY F 3 13.77 43.17 13.59
CA GLY F 3 13.34 42.33 12.49
C GLY F 3 13.32 42.99 11.15
N ALA F 4 13.75 44.26 11.05
CA ALA F 4 13.78 44.93 9.75
C ALA F 4 14.86 44.36 8.85
N TRP F 5 15.96 43.86 9.44
CA TRP F 5 16.99 43.18 8.67
C TRP F 5 16.94 41.70 9.01
N GLU F 6 18.01 41.15 9.60
CA GLU F 6 18.00 39.74 10.01
C GLU F 6 16.83 39.47 10.94
N GLU F 7 16.10 38.40 10.65
CA GLU F 7 14.86 38.11 11.34
C GLU F 7 14.76 36.60 11.56
N THR F 8 14.18 36.20 12.69
CA THR F 8 14.03 34.79 13.03
C THR F 8 12.58 34.52 13.39
N PHE F 9 12.10 33.35 12.96
CA PHE F 9 10.77 32.86 13.32
C PHE F 9 10.92 31.41 13.70
N LYS F 10 10.53 31.06 14.93
CA LYS F 10 10.70 29.72 15.47
C LYS F 10 12.17 29.39 15.40
N THR F 11 12.59 28.37 14.67
CA THR F 11 13.97 27.95 14.56
C THR F 11 14.66 28.52 13.33
N HIS F 12 13.91 29.17 12.44
CA HIS F 12 14.41 29.55 11.13
C HIS F 12 14.86 31.00 11.11
N SER F 13 15.94 31.25 10.36
CA SER F 13 16.54 32.56 10.28
C SER F 13 16.56 33.02 8.83
N ASP F 14 16.17 34.28 8.61
CA ASP F 14 16.20 34.94 7.32
C ASP F 14 17.32 35.98 7.37
N SER F 15 18.37 35.76 6.58
CA SER F 15 19.49 36.70 6.59
C SER F 15 19.11 38.06 6.01
N LYS F 16 18.02 38.13 5.23
CA LYS F 16 17.44 39.34 4.64
C LYS F 16 18.50 40.32 4.17
N PRO F 17 19.29 39.97 3.15
CA PRO F 17 20.42 40.84 2.76
C PRO F 17 20.00 42.20 2.20
N TYR F 18 18.76 42.36 1.76
CA TYR F 18 18.30 43.62 1.17
C TYR F 18 17.54 44.50 2.15
N GLY F 19 17.29 44.02 3.36
CA GLY F 19 16.65 44.83 4.37
C GLY F 19 15.19 45.08 4.07
N PRO F 20 14.61 46.08 4.73
CA PRO F 20 13.19 46.38 4.54
C PRO F 20 12.94 46.96 3.15
N THR F 21 12.01 46.35 2.41
CA THR F 21 11.67 46.79 1.06
C THR F 21 10.17 46.73 0.80
N SER F 22 9.35 46.71 1.84
CA SER F 22 7.92 46.47 1.63
C SER F 22 7.24 47.70 1.02
N VAL F 23 6.17 47.45 0.30
CA VAL F 23 5.37 48.48 -0.36
C VAL F 23 3.91 48.27 0.04
N GLY F 24 3.15 49.35 0.00
CA GLY F 24 1.76 49.30 0.42
C GLY F 24 0.98 50.48 -0.11
N LEU F 25 -0.33 50.30 -0.23
CA LEU F 25 -1.18 51.34 -0.76
C LEU F 25 -2.62 51.02 -0.39
N ASP F 26 -3.40 52.05 -0.09
CA ASP F 26 -4.78 51.88 0.28
C ASP F 26 -5.68 52.41 -0.82
N PHE F 27 -6.90 51.89 -0.85
CA PHE F 27 -7.90 52.22 -1.86
C PHE F 27 -9.23 52.39 -1.16
N SER F 28 -10.01 53.37 -1.60
CA SER F 28 -11.32 53.65 -1.02
C SER F 28 -12.40 53.39 -2.06
N LEU F 29 -13.44 52.68 -1.66
CA LEU F 29 -14.51 52.26 -2.57
C LEU F 29 -15.83 52.83 -2.06
N PRO F 30 -16.15 54.08 -2.42
CA PRO F 30 -17.43 54.65 -1.98
C PRO F 30 -18.61 53.91 -2.59
N GLY F 31 -19.59 53.60 -1.75
CA GLY F 31 -20.77 52.87 -2.17
C GLY F 31 -20.66 51.37 -2.09
N MET F 32 -19.47 50.83 -1.83
CA MET F 32 -19.25 49.38 -1.78
C MET F 32 -19.30 48.89 -0.34
N GLU F 33 -20.17 47.93 -0.07
CA GLU F 33 -20.26 47.23 1.21
C GLU F 33 -19.83 45.78 1.13
N HIS F 34 -19.63 45.23 -0.06
CA HIS F 34 -19.35 43.81 -0.25
C HIS F 34 -18.13 43.64 -1.14
N VAL F 35 -17.12 42.92 -0.66
CA VAL F 35 -15.96 42.58 -1.47
C VAL F 35 -15.73 41.08 -1.41
N TYR F 36 -15.10 40.56 -2.45
CA TYR F 36 -14.94 39.12 -2.69
C TYR F 36 -13.61 38.88 -3.36
N GLY F 37 -13.14 37.64 -3.27
CA GLY F 37 -11.96 37.25 -4.01
C GLY F 37 -10.75 36.93 -3.14
N ILE F 38 -9.58 37.41 -3.58
CA ILE F 38 -8.27 37.10 -3.01
C ILE F 38 -8.20 35.69 -2.42
N PRO F 39 -8.49 34.63 -3.17
CA PRO F 39 -8.22 33.28 -2.68
C PRO F 39 -6.72 33.07 -2.51
N GLU F 40 -6.33 32.05 -1.74
CA GLU F 40 -7.22 31.01 -1.23
C GLU F 40 -7.34 31.03 0.29
N HIS F 41 -8.58 31.06 0.78
CA HIS F 41 -8.82 31.04 2.21
C HIS F 41 -10.03 30.15 2.45
N ALA F 42 -9.98 29.40 3.54
CA ALA F 42 -11.12 28.59 3.99
C ALA F 42 -12.08 29.50 4.76
N ASP F 43 -12.75 30.36 3.99
CA ASP F 43 -13.56 31.43 4.59
C ASP F 43 -14.75 31.71 3.69
N SER F 44 -15.62 32.60 4.16
CA SER F 44 -16.86 32.88 3.47
C SER F 44 -16.62 33.60 2.15
N LEU F 45 -17.61 33.50 1.26
CA LEU F 45 -17.50 34.15 -0.05
C LEU F 45 -17.36 35.65 0.11
N ARG F 46 -18.28 36.27 0.85
CA ARG F 46 -18.15 37.69 1.14
C ARG F 46 -17.06 37.89 2.19
N LEU F 47 -16.00 38.60 1.83
CA LEU F 47 -14.87 38.75 2.72
C LEU F 47 -15.28 39.56 3.94
N LYS F 48 -14.66 39.24 5.08
CA LYS F 48 -14.94 39.92 6.33
C LYS F 48 -14.00 41.11 6.54
N VAL F 49 -14.46 42.06 7.35
CA VAL F 49 -13.60 43.15 7.79
C VAL F 49 -12.47 42.57 8.62
N THR F 50 -11.27 43.14 8.46
CA THR F 50 -10.08 42.69 9.18
C THR F 50 -9.71 43.59 10.36
N GLU F 51 -10.53 44.60 10.68
CA GLU F 51 -10.15 45.63 11.65
C GLU F 51 -9.77 45.03 12.99
N GLY F 52 -10.59 44.13 13.52
CA GLY F 52 -10.30 43.61 14.84
C GLY F 52 -9.40 42.40 14.89
N GLY F 53 -8.78 42.01 13.78
CA GLY F 53 -8.01 40.77 13.72
C GLY F 53 -6.92 40.81 12.70
N GLU F 54 -6.71 39.68 12.04
CA GLU F 54 -5.66 39.52 11.06
C GLU F 54 -6.10 40.02 9.68
N PRO F 55 -5.18 40.59 8.91
CA PRO F 55 -5.46 40.78 7.49
C PRO F 55 -5.54 39.43 6.79
N TYR F 56 -6.16 39.43 5.61
CA TYR F 56 -6.10 38.26 4.76
C TYR F 56 -4.71 38.13 4.17
N ARG F 57 -4.14 36.93 4.22
CA ARG F 57 -2.77 36.70 3.82
C ARG F 57 -2.71 35.95 2.50
N LEU F 58 -1.84 36.39 1.61
CA LEU F 58 -1.63 35.74 0.32
C LEU F 58 -0.19 35.26 0.29
N TYR F 59 0.01 33.99 0.63
CA TYR F 59 1.35 33.41 0.63
C TYR F 59 1.15 31.90 0.51
N ASN F 60 1.49 31.34 -0.65
CA ASN F 60 1.19 29.94 -0.91
C ASN F 60 1.86 29.05 0.12
N LEU F 61 1.05 28.39 0.95
CA LEU F 61 1.55 27.63 2.08
C LEU F 61 0.80 26.31 2.19
N ASP F 62 1.50 25.30 2.72
CA ASP F 62 0.96 23.97 2.97
C ASP F 62 0.56 23.92 4.44
N VAL F 63 -0.73 24.00 4.71
CA VAL F 63 -1.28 24.05 6.06
C VAL F 63 -1.94 22.70 6.36
N PHE F 64 -1.27 21.92 7.21
CA PHE F 64 -1.76 20.57 7.55
C PHE F 64 -3.02 20.64 8.41
N GLN F 65 -4.06 19.93 7.99
CA GLN F 65 -5.37 19.92 8.66
C GLN F 65 -5.89 21.35 8.87
N TYR F 66 -5.95 22.11 7.77
CA TYR F 66 -6.37 23.49 7.88
C TYR F 66 -7.82 23.57 8.39
N GLU F 67 -8.12 24.65 9.10
CA GLU F 67 -9.43 24.83 9.73
C GLU F 67 -10.24 25.86 8.96
N LEU F 68 -11.52 25.98 9.34
CA LEU F 68 -12.48 26.75 8.58
C LEU F 68 -12.71 28.12 9.20
N ASN F 69 -13.09 29.08 8.34
CA ASN F 69 -13.48 30.44 8.72
C ASN F 69 -12.36 31.16 9.47
N ASN F 70 -11.24 31.34 8.77
CA ASN F 70 -10.13 32.12 9.27
C ASN F 70 -9.32 32.62 8.09
N PRO F 71 -8.50 33.64 8.26
CA PRO F 71 -7.81 34.24 7.11
C PRO F 71 -6.41 33.70 6.86
N MET F 72 -6.08 32.55 7.44
CA MET F 72 -4.74 31.99 7.20
C MET F 72 -4.55 31.72 5.71
N ALA F 73 -3.34 31.94 5.24
CA ALA F 73 -3.02 31.68 3.85
C ALA F 73 -3.00 30.19 3.56
N LEU F 74 -3.61 29.78 2.44
CA LEU F 74 -3.58 28.39 2.02
C LEU F 74 -2.70 28.25 0.77
N TYR F 75 -2.98 27.26 -0.08
CA TYR F 75 -2.01 26.80 -1.06
C TYR F 75 -1.84 27.77 -2.23
N GLY F 76 -2.88 28.55 -2.53
CA GLY F 76 -2.82 29.44 -3.69
C GLY F 76 -3.10 30.90 -3.35
N SER F 77 -2.71 31.82 -4.24
CA SER F 77 -2.83 33.26 -4.02
C SER F 77 -3.20 33.93 -5.32
N VAL F 78 -4.37 34.53 -5.39
CA VAL F 78 -4.79 35.32 -6.55
C VAL F 78 -5.09 36.74 -6.07
N PRO F 79 -4.17 37.68 -6.29
CA PRO F 79 -4.31 39.06 -5.74
C PRO F 79 -5.28 39.91 -6.54
N VAL F 80 -6.54 39.49 -6.52
CA VAL F 80 -7.61 40.15 -7.25
C VAL F 80 -8.81 40.27 -6.33
N LEU F 81 -9.33 41.48 -6.18
CA LEU F 81 -10.45 41.74 -5.30
C LEU F 81 -11.59 42.36 -6.11
N LEU F 82 -12.79 41.83 -5.94
CA LEU F 82 -13.98 42.33 -6.60
C LEU F 82 -14.86 43.06 -5.60
N ALA F 83 -15.40 44.20 -6.02
CA ALA F 83 -16.31 45.00 -5.22
C ALA F 83 -17.64 45.09 -5.95
N HIS F 84 -18.73 44.79 -5.25
CA HIS F 84 -20.05 44.78 -5.84
C HIS F 84 -21.02 45.63 -5.03
N SER F 85 -21.81 46.44 -5.73
CA SER F 85 -22.94 47.14 -5.14
C SER F 85 -24.12 47.02 -6.09
N PHE F 86 -25.27 47.51 -5.63
CA PHE F 86 -26.45 47.60 -6.49
C PHE F 86 -26.15 48.37 -7.77
N HIS F 87 -25.19 49.31 -7.72
CA HIS F 87 -24.98 50.27 -8.80
C HIS F 87 -23.82 49.92 -9.71
N ARG F 88 -22.77 49.28 -9.19
CA ARG F 88 -21.56 49.12 -9.99
C ARG F 88 -20.74 47.95 -9.50
N ASP F 89 -19.82 47.52 -10.36
CA ASP F 89 -18.83 46.51 -10.03
C ASP F 89 -17.46 47.06 -10.39
N LEU F 90 -16.49 46.79 -9.52
CA LEU F 90 -15.12 47.20 -9.69
C LEU F 90 -14.21 46.03 -9.33
N GLY F 91 -13.01 46.04 -9.88
CA GLY F 91 -12.01 45.06 -9.50
C GLY F 91 -10.66 45.72 -9.29
N ILE F 92 -9.90 45.16 -8.36
CA ILE F 92 -8.53 45.60 -8.10
C ILE F 92 -7.60 44.40 -8.27
N PHE F 93 -6.61 44.55 -9.15
CA PHE F 93 -5.65 43.50 -9.48
C PHE F 93 -4.27 44.02 -9.07
N TRP F 94 -3.77 43.49 -7.95
CA TRP F 94 -2.50 43.91 -7.35
C TRP F 94 -1.42 42.96 -7.84
N LEU F 95 -0.69 43.36 -8.88
CA LEU F 95 0.27 42.46 -9.53
C LEU F 95 1.59 42.45 -8.77
N ASN F 96 1.65 41.61 -7.74
CA ASN F 96 2.83 41.47 -6.91
C ASN F 96 2.97 40.01 -6.51
N ALA F 97 4.19 39.46 -6.62
CA ALA F 97 4.43 38.04 -6.37
C ALA F 97 4.95 37.73 -4.98
N ALA F 98 5.19 38.75 -4.15
CA ALA F 98 5.74 38.56 -2.81
C ALA F 98 4.62 38.34 -1.80
N GLU F 99 5.00 37.91 -0.60
CA GLU F 99 4.03 37.77 0.49
C GLU F 99 3.24 39.06 0.62
N THR F 100 1.92 38.91 0.68
CA THR F 100 1.03 40.07 0.65
C THR F 100 -0.07 39.90 1.67
N TRP F 101 -0.35 40.96 2.43
CA TRP F 101 -1.44 41.00 3.40
C TRP F 101 -2.47 42.02 2.92
N VAL F 102 -3.74 41.72 3.14
CA VAL F 102 -4.83 42.57 2.65
C VAL F 102 -5.73 42.92 3.82
N ASP F 103 -5.83 44.21 4.13
CA ASP F 103 -6.72 44.71 5.17
C ASP F 103 -7.99 45.27 4.55
N ILE F 104 -9.12 45.01 5.22
CA ILE F 104 -10.45 45.39 4.74
C ILE F 104 -11.19 46.08 5.87
N SER F 105 -11.67 47.30 5.63
CA SER F 105 -12.37 48.08 6.64
C SER F 105 -13.54 48.82 6.02
N SER F 106 -14.58 49.03 6.84
CA SER F 106 -15.81 49.68 6.43
C SER F 106 -15.98 51.02 7.14
N ASN F 107 -16.75 51.91 6.50
CA ASN F 107 -17.03 53.23 7.06
C ASN F 107 -18.52 53.48 7.14
N THR G 1 -23.63 56.72 1.54
CA THR G 1 -22.64 56.91 2.60
C THR G 1 -21.67 55.73 2.82
N PRO G 2 -22.16 54.48 2.82
CA PRO G 2 -21.26 53.36 3.14
C PRO G 2 -20.09 53.27 2.16
N GLN G 3 -18.96 52.81 2.69
CA GLN G 3 -17.71 52.78 1.95
C GLN G 3 -16.83 51.67 2.51
N THR G 4 -16.08 51.03 1.61
CA THR G 4 -15.12 50.00 2.00
C THR G 4 -13.72 50.44 1.59
N ASP G 5 -12.78 50.31 2.51
CA ASP G 5 -11.38 50.60 2.25
C ASP G 5 -10.57 49.31 2.19
N ILE G 6 -9.66 49.24 1.23
CA ILE G 6 -8.82 48.08 0.96
C ILE G 6 -7.37 48.53 1.00
N ARG G 7 -6.52 47.77 1.68
CA ARG G 7 -5.10 48.07 1.74
C ARG G 7 -4.28 46.82 1.44
N TRP G 8 -3.35 46.94 0.50
CA TRP G 8 -2.44 45.85 0.10
C TRP G 8 -1.05 46.15 0.62
N MET G 9 -0.40 45.13 1.20
CA MET G 9 0.94 45.28 1.77
C MET G 9 1.79 44.09 1.34
N SER G 10 2.85 44.35 0.57
CA SER G 10 3.67 43.30 -0.02
C SER G 10 5.12 43.48 0.38
N GLU G 11 5.85 42.36 0.46
CA GLU G 11 7.20 42.37 1.05
C GLU G 11 8.23 43.04 0.15
N SER G 12 8.10 42.91 -1.17
CA SER G 12 9.08 43.47 -2.09
C SER G 12 8.40 43.71 -3.43
N GLY G 13 9.21 43.93 -4.48
CA GLY G 13 8.69 44.29 -5.77
C GLY G 13 8.27 45.76 -5.80
N ILE G 14 7.57 46.11 -6.87
CA ILE G 14 7.05 47.46 -7.06
C ILE G 14 5.57 47.50 -6.73
N ILE G 15 5.00 48.70 -6.72
CA ILE G 15 3.55 48.86 -6.73
C ILE G 15 3.08 48.79 -8.17
N ASP G 16 2.16 47.87 -8.46
CA ASP G 16 1.65 47.68 -9.81
C ASP G 16 0.22 47.19 -9.64
N VAL G 17 -0.74 48.07 -9.89
CA VAL G 17 -2.14 47.78 -9.62
C VAL G 17 -2.95 48.16 -10.85
N PHE G 18 -3.91 47.30 -11.20
CA PHE G 18 -4.88 47.58 -12.27
C PHE G 18 -6.22 47.84 -11.63
N LEU G 19 -6.82 48.96 -11.99
CA LEU G 19 -8.17 49.29 -11.55
C LEU G 19 -9.12 48.99 -12.70
N MET G 20 -10.04 48.07 -12.48
CA MET G 20 -10.91 47.57 -13.54
C MET G 20 -12.31 48.09 -13.26
N LEU G 21 -12.75 49.03 -14.11
CA LEU G 21 -13.80 49.96 -13.72
C LEU G 21 -15.21 49.48 -14.07
N GLY G 22 -15.36 48.24 -14.54
CA GLY G 22 -16.68 47.72 -14.84
C GLY G 22 -17.32 48.42 -16.02
N PRO G 23 -18.58 48.87 -15.87
CA PRO G 23 -19.40 48.91 -14.65
C PRO G 23 -20.09 47.60 -14.24
N SER G 24 -20.31 46.68 -15.16
CA SER G 24 -20.91 45.41 -14.76
C SER G 24 -19.81 44.41 -14.38
N VAL G 25 -20.22 43.37 -13.64
CA VAL G 25 -19.24 42.36 -13.22
C VAL G 25 -18.70 41.61 -14.44
N PHE G 26 -19.51 41.48 -15.49
CA PHE G 26 -19.01 40.83 -16.70
C PHE G 26 -18.01 41.69 -17.43
N ASP G 27 -18.14 43.02 -17.34
CA ASP G 27 -17.09 43.90 -17.82
C ASP G 27 -15.79 43.65 -17.06
N VAL G 28 -15.88 43.49 -15.74
CA VAL G 28 -14.70 43.22 -14.93
C VAL G 28 -14.06 41.89 -15.32
N PHE G 29 -14.89 40.85 -15.50
CA PHE G 29 -14.38 39.57 -16.00
C PHE G 29 -13.62 39.78 -17.31
N ARG G 30 -14.22 40.54 -18.24
CA ARG G 30 -13.58 40.81 -19.51
C ARG G 30 -12.29 41.60 -19.34
N GLN G 31 -12.32 42.60 -18.49
CA GLN G 31 -11.12 43.41 -18.24
C GLN G 31 -10.00 42.55 -17.68
N TYR G 32 -10.28 41.78 -16.62
CA TYR G 32 -9.25 40.94 -16.03
C TYR G 32 -8.75 39.88 -17.02
N ALA G 33 -9.67 39.30 -17.80
CA ALA G 33 -9.26 38.28 -18.78
C ALA G 33 -8.36 38.84 -19.86
N SER G 34 -8.56 40.10 -20.26
CA SER G 34 -7.66 40.68 -21.26
C SER G 34 -6.25 40.83 -20.72
N LEU G 35 -6.12 40.98 -19.39
CA LEU G 35 -4.80 41.08 -18.78
C LEU G 35 -4.15 39.71 -18.58
N THR G 36 -4.85 38.75 -17.97
CA THR G 36 -4.23 37.48 -17.56
C THR G 36 -4.69 36.27 -18.37
N GLY G 37 -5.55 36.45 -19.37
CA GLY G 37 -5.99 35.32 -20.17
C GLY G 37 -7.20 34.64 -19.58
N THR G 38 -7.57 33.52 -20.19
CA THR G 38 -8.79 32.81 -19.84
C THR G 38 -8.49 31.35 -19.48
N GLN G 39 -9.51 30.72 -18.94
CA GLN G 39 -9.47 29.29 -18.63
C GLN G 39 -9.11 28.47 -19.86
N ALA G 40 -8.05 27.68 -19.77
CA ALA G 40 -7.75 26.70 -20.81
C ALA G 40 -8.93 25.76 -21.00
N LEU G 41 -9.22 25.42 -22.24
CA LEU G 41 -10.34 24.52 -22.51
C LEU G 41 -9.99 23.09 -22.10
N PRO G 42 -10.63 22.53 -21.08
CA PRO G 42 -10.27 21.18 -20.64
C PRO G 42 -10.62 20.16 -21.70
N PRO G 43 -9.78 19.13 -21.90
CA PRO G 43 -10.24 17.98 -22.67
C PRO G 43 -11.48 17.42 -21.99
N LEU G 44 -12.40 16.92 -22.81
CA LEU G 44 -13.72 16.54 -22.31
C LEU G 44 -13.63 15.54 -21.17
N PHE G 45 -12.74 14.54 -21.27
CA PHE G 45 -12.66 13.50 -20.24
C PHE G 45 -12.42 14.11 -18.87
N SER G 46 -11.68 15.22 -18.80
CA SER G 46 -11.35 15.79 -17.50
C SER G 46 -12.55 16.44 -16.82
N LEU G 47 -13.66 16.61 -17.53
CA LEU G 47 -14.92 17.07 -16.94
C LEU G 47 -15.77 15.91 -16.44
N GLY G 48 -15.32 14.67 -16.65
CA GLY G 48 -15.98 13.51 -16.09
C GLY G 48 -15.65 13.32 -14.63
N TYR G 49 -15.88 12.10 -14.14
CA TYR G 49 -15.62 11.75 -12.76
C TYR G 49 -14.22 11.13 -12.63
N HIS G 50 -13.45 11.61 -11.65
CA HIS G 50 -12.10 11.12 -11.36
C HIS G 50 -12.09 10.31 -10.06
N GLN G 51 -11.49 9.12 -10.11
CA GLN G 51 -11.40 8.23 -8.95
C GLN G 51 -9.96 8.16 -8.47
N SER G 52 -9.73 8.60 -7.24
CA SER G 52 -8.38 8.71 -6.69
C SER G 52 -8.36 8.26 -5.24
N ARG G 53 -7.17 7.91 -4.79
CA ARG G 53 -6.86 7.88 -3.36
C ARG G 53 -5.35 7.77 -3.23
N TRP G 54 -4.88 8.01 -2.03
CA TRP G 54 -3.52 7.67 -1.62
C TRP G 54 -3.63 6.32 -0.91
N ASN G 55 -3.28 5.22 -1.58
CA ASN G 55 -2.79 5.06 -2.95
C ASN G 55 -3.46 3.80 -3.52
N TYR G 56 -3.66 3.69 -4.82
CA TYR G 56 -3.92 2.36 -5.37
C TYR G 56 -2.59 1.62 -5.42
N ARG G 57 -2.60 0.37 -4.97
CA ARG G 57 -1.35 -0.23 -4.52
C ARG G 57 -0.49 -0.80 -5.66
N ASP G 58 -1.09 -1.26 -6.74
CA ASP G 58 -0.32 -1.83 -7.84
C ASP G 58 -1.20 -1.85 -9.08
N GLU G 59 -0.65 -2.40 -10.17
CA GLU G 59 -1.40 -2.45 -11.43
C GLU G 59 -2.67 -3.26 -11.29
N ALA G 60 -2.61 -4.40 -10.58
CA ALA G 60 -3.82 -5.20 -10.39
C ALA G 60 -4.91 -4.41 -9.67
N ASP G 61 -4.51 -3.61 -8.68
CA ASP G 61 -5.47 -2.79 -7.95
C ASP G 61 -6.15 -1.78 -8.88
N VAL G 62 -5.37 -1.10 -9.72
CA VAL G 62 -5.94 -0.15 -10.68
C VAL G 62 -6.94 -0.84 -11.60
N LEU G 63 -6.61 -2.03 -12.08
CA LEU G 63 -7.51 -2.74 -12.99
C LEU G 63 -8.75 -3.28 -12.27
N GLU G 64 -8.62 -3.63 -10.98
CA GLU G 64 -9.82 -4.04 -10.22
C GLU G 64 -10.75 -2.86 -10.01
N VAL G 65 -10.20 -1.67 -9.76
CA VAL G 65 -11.03 -0.48 -9.62
C VAL G 65 -11.74 -0.20 -10.94
N ASP G 66 -11.01 -0.23 -12.05
CA ASP G 66 -11.62 -0.03 -13.37
C ASP G 66 -12.76 -1.00 -13.60
N GLN G 67 -12.54 -2.28 -13.30
CA GLN G 67 -13.59 -3.28 -13.51
C GLN G 67 -14.73 -3.09 -12.52
N GLY G 68 -14.43 -2.62 -11.31
CA GLY G 68 -15.48 -2.36 -10.35
C GLY G 68 -16.49 -1.34 -10.84
N PHE G 69 -16.01 -0.28 -11.49
CA PHE G 69 -16.93 0.70 -12.05
C PHE G 69 -17.89 0.04 -13.05
N ASP G 70 -17.36 -0.80 -13.94
CA ASP G 70 -18.22 -1.43 -14.93
C ASP G 70 -19.14 -2.48 -14.29
N ASP G 71 -18.62 -3.27 -13.35
CA ASP G 71 -19.47 -4.29 -12.72
C ASP G 71 -20.61 -3.67 -11.91
N HIS G 72 -20.47 -2.43 -11.45
CA HIS G 72 -21.53 -1.80 -10.66
C HIS G 72 -22.20 -0.65 -11.41
N ASN G 73 -22.01 -0.57 -12.73
CA ASN G 73 -22.69 0.40 -13.59
C ASN G 73 -22.53 1.82 -13.07
N MET G 74 -21.28 2.23 -12.90
CA MET G 74 -20.96 3.60 -12.51
C MET G 74 -19.95 4.16 -13.49
N PRO G 75 -20.19 5.34 -14.05
CA PRO G 75 -19.24 5.94 -14.99
C PRO G 75 -18.03 6.52 -14.27
N CYS G 76 -16.89 6.50 -14.95
CA CYS G 76 -15.64 7.05 -14.43
C CYS G 76 -14.70 7.25 -15.61
N ASP G 77 -14.06 8.42 -15.69
CA ASP G 77 -13.14 8.68 -16.80
C ASP G 77 -11.68 8.45 -16.46
N VAL G 78 -11.26 8.70 -15.21
CA VAL G 78 -9.84 8.72 -14.86
C VAL G 78 -9.62 8.01 -13.52
N ILE G 79 -8.58 7.19 -13.46
CA ILE G 79 -8.09 6.63 -12.21
C ILE G 79 -6.72 7.22 -11.94
N TRP G 80 -6.49 7.63 -10.70
CA TRP G 80 -5.32 8.42 -10.32
C TRP G 80 -4.32 7.59 -9.54
N LEU G 81 -3.04 7.87 -9.78
CA LEU G 81 -1.93 7.22 -9.11
C LEU G 81 -1.19 8.26 -8.28
N ASP G 82 -1.32 8.15 -6.96
CA ASP G 82 -0.66 9.07 -6.05
C ASP G 82 0.80 8.61 -5.86
N ILE G 83 1.50 9.18 -4.87
CA ILE G 83 2.97 9.11 -4.83
C ILE G 83 3.52 7.70 -4.64
N GLU G 84 2.73 6.75 -4.14
CA GLU G 84 3.29 5.41 -3.94
C GLU G 84 3.45 4.63 -5.24
N HIS G 85 3.03 5.18 -6.38
CA HIS G 85 3.23 4.46 -7.64
C HIS G 85 4.67 4.57 -8.13
N ALA G 86 5.42 5.55 -7.66
CA ALA G 86 6.79 5.78 -8.10
C ALA G 86 7.79 4.93 -7.31
N ASP G 87 9.06 4.98 -7.72
CA ASP G 87 10.13 4.30 -6.99
C ASP G 87 10.57 5.19 -5.84
N GLY G 88 10.01 4.96 -4.65
CA GLY G 88 10.42 5.72 -3.48
C GLY G 88 10.28 7.22 -3.65
N LYS G 89 9.20 7.66 -4.30
CA LYS G 89 8.91 9.08 -4.50
C LYS G 89 9.99 9.76 -5.34
N ARG G 90 10.62 9.01 -6.23
CA ARG G 90 11.42 9.57 -7.32
C ARG G 90 10.48 9.77 -8.50
N TYR G 91 10.12 11.02 -8.79
CA TYR G 91 9.09 11.24 -9.79
C TYR G 91 9.63 10.92 -11.19
N PHE G 92 8.70 10.62 -12.09
CA PHE G 92 8.93 10.07 -13.43
C PHE G 92 9.38 8.62 -13.40
N THR G 93 9.34 7.95 -12.24
CA THR G 93 9.68 6.53 -12.18
C THR G 93 8.46 5.71 -11.77
N TRP G 94 8.64 4.39 -11.80
CA TRP G 94 7.60 3.44 -11.45
C TRP G 94 8.17 2.42 -10.48
N ASP G 95 7.42 2.11 -9.43
CA ASP G 95 7.91 1.09 -8.49
C ASP G 95 8.13 -0.22 -9.23
N PRO G 96 9.34 -0.78 -9.19
CA PRO G 96 9.64 -1.94 -10.05
C PRO G 96 8.88 -3.21 -9.69
N THR G 97 8.32 -3.31 -8.48
CA THR G 97 7.53 -4.49 -8.13
C THR G 97 6.05 -4.27 -8.41
N ARG G 98 5.51 -3.14 -7.96
CA ARG G 98 4.07 -2.93 -8.02
C ARG G 98 3.60 -2.30 -9.33
N PHE G 99 4.48 -1.61 -10.05
CA PHE G 99 4.16 -1.07 -11.37
C PHE G 99 5.25 -1.43 -12.37
N PRO G 100 5.43 -2.73 -12.63
CA PRO G 100 6.51 -3.15 -13.54
C PRO G 100 6.20 -2.92 -15.00
N GLN G 101 4.92 -2.81 -15.39
CA GLN G 101 4.50 -2.72 -16.79
C GLN G 101 3.48 -1.60 -16.96
N PRO G 102 3.90 -0.33 -16.76
CA PRO G 102 2.91 0.75 -16.84
C PRO G 102 2.27 0.85 -18.23
N LEU G 103 3.03 0.60 -19.29
CA LEU G 103 2.44 0.67 -20.64
C LEU G 103 1.29 -0.31 -20.79
N ASN G 104 1.44 -1.53 -20.26
CA ASN G 104 0.35 -2.50 -20.36
C ASN G 104 -0.85 -2.05 -19.54
N MET G 105 -0.61 -1.49 -18.34
CA MET G 105 -1.72 -0.97 -17.55
C MET G 105 -2.45 0.13 -18.33
N LEU G 106 -1.68 1.04 -18.93
CA LEU G 106 -2.31 2.13 -19.69
C LEU G 106 -3.06 1.61 -20.90
N GLU G 107 -2.53 0.56 -21.54
CA GLU G 107 -3.23 -0.02 -22.68
C GLU G 107 -4.53 -0.68 -22.27
N HIS G 108 -4.55 -1.36 -21.11
N HIS G 108 -4.57 -1.33 -21.10
CA HIS G 108 -5.80 -1.91 -20.60
CA HIS G 108 -5.83 -1.89 -20.62
C HIS G 108 -6.82 -0.82 -20.33
C HIS G 108 -6.84 -0.78 -20.32
N LEU G 109 -6.37 0.30 -19.77
N LEU G 109 -6.37 0.34 -19.74
CA LEU G 109 -7.30 1.41 -19.52
CA LEU G 109 -7.26 1.47 -19.49
C LEU G 109 -7.76 2.05 -20.82
C LEU G 109 -7.75 2.07 -20.81
N ALA G 110 -6.87 2.15 -21.81
CA ALA G 110 -7.27 2.66 -23.12
C ALA G 110 -8.34 1.78 -23.74
N SER G 111 -8.23 0.46 -23.56
CA SER G 111 -9.23 -0.44 -24.12
C SER G 111 -10.59 -0.26 -23.45
N LYS G 112 -10.62 0.26 -22.22
CA LYS G 112 -11.87 0.67 -21.57
C LYS G 112 -12.20 2.13 -21.85
N ARG G 113 -11.39 2.81 -22.68
CA ARG G 113 -11.59 4.21 -23.02
C ARG G 113 -11.55 5.09 -21.76
N ARG G 114 -10.58 4.80 -20.90
CA ARG G 114 -10.35 5.59 -19.71
C ARG G 114 -8.92 6.09 -19.70
N LYS G 115 -8.66 7.04 -18.81
CA LYS G 115 -7.36 7.66 -18.68
C LYS G 115 -6.80 7.38 -17.30
N LEU G 116 -5.54 7.76 -17.13
CA LEU G 116 -4.86 7.69 -15.85
C LEU G 116 -4.17 9.03 -15.61
N VAL G 117 -4.09 9.44 -14.34
CA VAL G 117 -3.30 10.59 -13.93
C VAL G 117 -2.25 10.11 -12.94
N ALA G 118 -1.00 10.49 -13.18
CA ALA G 118 0.11 10.19 -12.29
C ALA G 118 0.58 11.47 -11.63
N ILE G 119 0.95 11.39 -10.35
CA ILE G 119 1.44 12.56 -9.63
C ILE G 119 2.91 12.80 -9.97
N VAL G 120 3.27 14.06 -10.16
CA VAL G 120 4.65 14.49 -10.39
C VAL G 120 4.83 15.78 -9.60
N ASP G 121 5.61 15.72 -8.51
CA ASP G 121 5.81 16.86 -7.64
C ASP G 121 7.11 17.57 -7.98
N PRO G 122 7.25 18.84 -7.61
CA PRO G 122 8.44 19.61 -7.96
C PRO G 122 9.64 19.39 -7.05
N HIS G 123 9.63 18.46 -6.10
CA HIS G 123 10.81 18.18 -5.30
C HIS G 123 11.50 16.91 -5.81
N ILE G 124 12.83 16.94 -5.88
CA ILE G 124 13.61 15.89 -6.55
C ILE G 124 14.55 15.25 -5.54
N LYS G 125 14.42 13.94 -5.35
CA LYS G 125 15.18 13.24 -4.31
C LYS G 125 16.69 13.41 -4.53
N VAL G 126 17.39 13.83 -3.47
CA VAL G 126 18.85 13.91 -3.56
C VAL G 126 19.42 12.51 -3.59
N ASP G 127 19.83 12.05 -4.78
CA ASP G 127 20.19 10.64 -4.97
C ASP G 127 21.01 10.53 -6.24
N SER G 128 22.28 10.15 -6.10
CA SER G 128 23.15 10.08 -7.27
C SER G 128 22.76 8.97 -8.22
N GLY G 129 21.94 8.01 -7.81
CA GLY G 129 21.45 7.04 -8.77
C GLY G 129 20.19 7.47 -9.50
N TYR G 130 19.67 8.64 -9.19
CA TYR G 130 18.41 9.14 -9.75
C TYR G 130 18.77 10.07 -10.92
N ARG G 131 18.43 9.65 -12.15
CA ARG G 131 18.85 10.39 -13.34
C ARG G 131 18.35 11.84 -13.31
N VAL G 132 17.10 12.06 -12.92
CA VAL G 132 16.57 13.43 -12.88
C VAL G 132 17.43 14.31 -11.99
N HIS G 133 17.75 13.82 -10.79
CA HIS G 133 18.58 14.60 -9.88
C HIS G 133 19.94 14.89 -10.50
N GLU G 134 20.57 13.88 -11.10
CA GLU G 134 21.90 14.08 -11.64
C GLU G 134 21.89 15.11 -12.76
N GLU G 135 20.87 15.05 -13.63
N GLU G 135 20.86 15.06 -13.62
CA GLU G 135 20.79 16.01 -14.72
CA GLU G 135 20.80 16.01 -14.73
C GLU G 135 20.60 17.43 -14.20
C GLU G 135 20.57 17.43 -14.23
N LEU G 136 19.69 17.60 -13.24
CA LEU G 136 19.41 18.95 -12.74
C LEU G 136 20.59 19.51 -11.97
N ARG G 137 21.30 18.66 -11.23
CA ARG G 137 22.51 19.07 -10.52
C ARG G 137 23.59 19.48 -11.51
N ASN G 138 23.82 18.65 -12.53
CA ASN G 138 24.88 18.92 -13.49
C ASN G 138 24.61 20.18 -14.30
N HIS G 139 23.35 20.48 -14.58
CA HIS G 139 23.01 21.65 -15.40
C HIS G 139 22.70 22.88 -14.57
N GLY G 140 22.90 22.83 -13.26
CA GLY G 140 22.68 23.99 -12.42
C GLY G 140 21.25 24.51 -12.42
N LEU G 141 20.26 23.62 -12.48
CA LEU G 141 18.88 24.04 -12.60
C LEU G 141 18.13 24.04 -11.27
N TYR G 142 18.84 23.86 -10.16
CA TYR G 142 18.22 23.86 -8.84
C TYR G 142 18.21 25.24 -8.22
N VAL G 143 17.19 25.49 -7.39
CA VAL G 143 17.21 26.64 -6.49
C VAL G 143 18.48 26.60 -5.65
N LYS G 144 19.05 27.77 -5.38
CA LYS G 144 20.35 27.89 -4.72
C LYS G 144 20.21 28.53 -3.34
N THR G 145 21.23 28.31 -2.52
CA THR G 145 21.40 29.06 -1.27
C THR G 145 22.47 30.13 -1.45
N ARG G 146 22.61 30.99 -0.44
CA ARG G 146 23.54 32.10 -0.58
C ARG G 146 24.99 31.66 -0.75
N ASP G 147 25.35 30.48 -0.28
CA ASP G 147 26.73 30.00 -0.46
C ASP G 147 26.97 29.34 -1.81
N GLY G 148 26.01 29.39 -2.73
CA GLY G 148 26.20 28.82 -4.06
C GLY G 148 25.89 27.33 -4.18
N SER G 149 25.45 26.69 -3.11
CA SER G 149 25.09 25.28 -3.16
C SER G 149 23.61 25.13 -3.53
N ASP G 150 23.26 23.94 -4.03
CA ASP G 150 21.88 23.65 -4.34
C ASP G 150 21.09 23.54 -3.03
N TYR G 151 19.94 24.19 -2.97
CA TYR G 151 19.11 24.09 -1.77
C TYR G 151 18.68 22.66 -1.53
N GLU G 152 18.69 22.23 -0.28
CA GLU G 152 18.22 20.91 0.10
C GLU G 152 17.27 21.03 1.26
N GLY G 153 16.06 20.52 1.09
CA GLY G 153 15.08 20.45 2.15
C GLY G 153 14.58 19.03 2.29
N TRP G 154 13.43 18.85 2.91
CA TRP G 154 12.89 17.53 3.19
C TRP G 154 11.46 17.47 2.69
N CYS G 155 11.14 16.43 1.92
CA CYS G 155 9.76 16.19 1.50
C CYS G 155 9.57 14.68 1.41
N TRP G 156 8.59 14.23 0.62
CA TRP G 156 8.24 12.81 0.61
C TRP G 156 9.42 11.87 0.39
N PRO G 157 10.38 12.14 -0.51
CA PRO G 157 11.51 11.21 -0.67
C PRO G 157 12.63 11.41 0.35
N GLY G 158 12.37 12.15 1.42
CA GLY G 158 13.44 12.51 2.32
C GLY G 158 14.15 13.77 1.85
N SER G 159 15.48 13.79 1.90
CA SER G 159 16.23 14.94 1.42
CA SER G 159 16.22 14.95 1.42
C SER G 159 15.97 15.15 -0.06
N ALA G 160 15.65 16.39 -0.44
CA ALA G 160 15.28 16.68 -1.82
C ALA G 160 15.68 18.11 -2.16
N SER G 161 15.97 18.34 -3.44
CA SER G 161 16.21 19.66 -3.97
C SER G 161 15.04 20.10 -4.84
N TYR G 162 15.02 21.39 -5.14
CA TYR G 162 13.88 22.03 -5.78
C TYR G 162 14.32 22.68 -7.09
N PRO G 163 13.84 22.20 -8.23
CA PRO G 163 14.18 22.84 -9.50
C PRO G 163 13.69 24.27 -9.50
N ASP G 164 14.48 25.14 -10.14
CA ASP G 164 14.15 26.56 -10.22
C ASP G 164 13.19 26.76 -11.38
N PHE G 165 11.89 26.57 -11.13
CA PHE G 165 10.92 26.75 -12.20
C PHE G 165 10.76 28.22 -12.64
N THR G 166 11.32 29.19 -11.91
CA THR G 166 11.33 30.55 -12.44
C THR G 166 12.33 30.72 -13.58
N ASN G 167 13.22 29.75 -13.77
CA ASN G 167 14.22 29.78 -14.83
C ASN G 167 13.65 29.22 -16.12
N PRO G 168 13.61 29.99 -17.21
CA PRO G 168 13.02 29.44 -18.46
C PRO G 168 13.72 28.20 -18.96
N ARG G 169 15.02 28.06 -18.70
CA ARG G 169 15.73 26.85 -19.12
C ARG G 169 15.24 25.65 -18.33
N MET G 170 14.96 25.83 -17.03
CA MET G 170 14.43 24.75 -16.22
CA MET G 170 14.43 24.74 -16.22
C MET G 170 13.04 24.33 -16.66
N ARG G 171 12.18 25.31 -17.00
CA ARG G 171 10.84 24.98 -17.49
C ARG G 171 10.91 24.23 -18.81
N ALA G 172 11.88 24.59 -19.68
CA ALA G 172 12.03 23.86 -20.93
C ALA G 172 12.52 22.44 -20.70
N TRP G 173 13.43 22.25 -19.74
CA TRP G 173 13.88 20.90 -19.38
C TRP G 173 12.71 20.06 -18.88
N TRP G 174 11.91 20.64 -17.98
CA TRP G 174 10.76 19.94 -17.41
C TRP G 174 9.77 19.55 -18.49
N SER G 175 9.44 20.47 -19.38
N SER G 175 9.44 20.47 -19.38
CA SER G 175 8.51 20.18 -20.48
CA SER G 175 8.51 20.18 -20.48
C SER G 175 9.03 19.03 -21.33
C SER G 175 9.03 19.03 -21.33
N ASN G 176 10.31 19.07 -21.69
CA ASN G 176 10.87 18.00 -22.52
C ASN G 176 10.95 16.66 -21.79
N MET G 177 10.98 16.67 -20.45
CA MET G 177 10.97 15.42 -19.69
C MET G 177 9.70 14.61 -19.89
N PHE G 178 8.61 15.27 -20.31
CA PHE G 178 7.36 14.54 -20.53
C PHE G 178 7.26 13.91 -21.91
N SER G 179 8.29 13.98 -22.74
CA SER G 179 8.22 13.21 -23.98
C SER G 179 8.11 11.73 -23.66
N PHE G 180 7.50 10.98 -24.57
CA PHE G 180 7.30 9.56 -24.33
C PHE G 180 8.63 8.81 -24.27
N ASP G 181 9.69 9.37 -24.84
CA ASP G 181 11.04 8.81 -24.74
C ASP G 181 11.68 9.10 -23.39
N ASN G 182 11.43 10.27 -22.81
CA ASN G 182 12.08 10.58 -21.55
C ASN G 182 11.30 10.03 -20.35
N TYR G 183 9.98 10.20 -20.36
CA TYR G 183 9.12 9.68 -19.29
C TYR G 183 8.73 8.26 -19.67
N GLU G 184 9.66 7.34 -19.45
CA GLU G 184 9.44 5.96 -19.87
C GLU G 184 8.26 5.34 -19.11
N GLY G 185 7.42 4.61 -19.84
CA GLY G 185 6.22 4.05 -19.27
C GLY G 185 4.97 4.91 -19.41
N SER G 186 5.10 6.17 -19.85
CA SER G 186 3.96 7.04 -20.07
C SER G 186 3.37 6.80 -21.48
N ALA G 187 2.15 7.28 -21.68
CA ALA G 187 1.41 7.08 -22.93
C ALA G 187 0.39 8.20 -23.07
N PRO G 188 -0.22 8.36 -24.25
CA PRO G 188 -1.11 9.52 -24.46
C PRO G 188 -2.31 9.56 -23.54
N ASN G 189 -2.72 8.46 -22.92
CA ASN G 189 -3.83 8.54 -21.97
C ASN G 189 -3.36 8.68 -20.52
N LEU G 190 -2.09 9.05 -20.30
CA LEU G 190 -1.58 9.39 -18.97
CA LEU G 190 -1.57 9.38 -18.98
C LEU G 190 -1.47 10.90 -18.86
N TYR G 191 -2.12 11.47 -17.84
CA TYR G 191 -2.07 12.89 -17.55
C TYR G 191 -1.46 13.10 -16.17
N VAL G 192 -1.38 14.36 -15.72
CA VAL G 192 -0.45 14.70 -14.64
C VAL G 192 -1.11 15.52 -13.55
N TRP G 193 -0.64 15.31 -12.32
CA TRP G 193 -1.05 16.02 -11.12
C TRP G 193 0.19 16.62 -10.47
N ASN G 194 0.25 17.95 -10.36
CA ASN G 194 1.33 18.66 -9.66
C ASN G 194 0.86 18.99 -8.25
N ASP G 195 1.53 18.43 -7.25
CA ASP G 195 1.20 18.65 -5.86
C ASP G 195 2.40 19.28 -5.16
N MET G 196 2.17 19.80 -3.94
CA MET G 196 3.25 20.29 -3.09
C MET G 196 4.04 21.42 -3.74
N ASN G 197 3.43 22.18 -4.66
CA ASN G 197 4.19 23.14 -5.47
C ASN G 197 4.12 24.56 -4.92
N GLU G 198 3.86 24.71 -3.62
CA GLU G 198 3.91 26.05 -2.99
C GLU G 198 5.27 26.74 -3.08
N PRO G 199 6.44 26.07 -2.92
CA PRO G 199 6.76 24.66 -2.68
C PRO G 199 6.65 24.25 -1.23
N SER G 200 6.25 23.00 -1.00
CA SER G 200 6.23 22.47 0.35
C SER G 200 7.61 21.95 0.74
N VAL G 201 8.08 22.37 1.92
CA VAL G 201 9.38 22.00 2.47
C VAL G 201 9.16 21.65 3.94
N PHE G 202 9.26 20.36 4.29
CA PHE G 202 8.80 19.91 5.60
C PHE G 202 9.60 20.52 6.75
N ASN G 203 10.90 20.75 6.56
CA ASN G 203 11.72 21.36 7.60
C ASN G 203 12.00 22.84 7.34
N GLY G 204 11.23 23.48 6.46
CA GLY G 204 11.44 24.88 6.16
C GLY G 204 10.51 25.77 6.96
N PRO G 205 10.79 27.07 6.97
CA PRO G 205 9.94 28.00 7.74
C PRO G 205 8.53 28.02 7.17
N GLU G 206 7.54 27.86 8.05
CA GLU G 206 6.13 27.76 7.64
C GLU G 206 5.95 26.64 6.62
N VAL G 207 6.80 25.62 6.70
CA VAL G 207 6.74 24.44 5.84
C VAL G 207 6.96 24.84 4.38
N THR G 208 7.77 25.87 4.13
CA THR G 208 8.08 26.23 2.75
C THR G 208 9.55 26.68 2.66
N MET G 209 9.91 27.20 1.50
CA MET G 209 11.28 27.56 1.16
CA MET G 209 11.29 27.54 1.19
C MET G 209 11.76 28.77 1.95
N LEU G 210 13.05 28.79 2.29
CA LEU G 210 13.65 29.94 2.94
C LEU G 210 13.50 31.20 2.09
N LYS G 211 13.20 32.32 2.76
CA LYS G 211 13.04 33.60 2.07
C LYS G 211 14.29 34.01 1.30
N ASP G 212 15.48 33.67 1.81
CA ASP G 212 16.74 34.12 1.22
C ASP G 212 17.40 33.08 0.33
N ALA G 213 16.66 32.03 -0.07
CA ALA G 213 17.13 31.22 -1.18
C ALA G 213 17.14 32.05 -2.46
N VAL G 214 17.93 31.62 -3.44
CA VAL G 214 18.26 32.44 -4.60
C VAL G 214 17.84 31.71 -5.88
N HIS G 215 17.16 32.44 -6.77
CA HIS G 215 16.60 31.94 -8.03
C HIS G 215 17.28 32.57 -9.24
N TYR G 216 16.79 32.18 -10.41
CA TYR G 216 17.24 32.71 -11.69
C TYR G 216 17.27 34.24 -11.66
N GLY G 217 18.33 34.81 -12.24
CA GLY G 217 18.51 36.25 -12.23
C GLY G 217 18.95 36.85 -10.91
N GLY G 218 19.23 36.01 -9.91
CA GLY G 218 19.65 36.50 -8.61
C GLY G 218 18.53 36.91 -7.69
N TRP G 219 17.28 36.79 -8.12
CA TRP G 219 16.16 37.16 -7.26
C TRP G 219 16.05 36.21 -6.08
N GLU G 220 15.59 36.75 -4.95
CA GLU G 220 15.36 35.95 -3.76
C GLU G 220 14.01 35.24 -3.84
N HIS G 221 13.88 34.17 -3.05
CA HIS G 221 12.62 33.45 -3.01
C HIS G 221 11.49 34.33 -2.52
N ARG G 222 11.78 35.27 -1.62
CA ARG G 222 10.76 36.20 -1.15
C ARG G 222 10.17 37.03 -2.30
N ASP G 223 10.95 37.25 -3.37
CA ASP G 223 10.48 38.05 -4.49
C ASP G 223 9.49 37.29 -5.38
N ILE G 224 9.66 35.97 -5.51
CA ILE G 224 9.00 35.18 -6.54
C ILE G 224 7.99 34.18 -5.98
N HIS G 225 7.85 34.09 -4.65
CA HIS G 225 7.25 32.91 -4.04
C HIS G 225 5.92 32.51 -4.67
N ASN G 226 5.01 33.47 -4.86
CA ASN G 226 3.65 33.11 -5.21
C ASN G 226 3.48 32.68 -6.67
N ILE G 227 4.50 32.78 -7.52
CA ILE G 227 4.41 32.27 -8.88
C ILE G 227 5.23 31.00 -9.09
N TYR G 228 5.89 30.49 -8.04
CA TYR G 228 6.65 29.24 -8.18
C TYR G 228 5.72 28.09 -8.62
N GLY G 229 4.59 27.93 -7.93
CA GLY G 229 3.67 26.86 -8.31
C GLY G 229 3.08 27.04 -9.69
N LEU G 230 2.73 28.29 -10.05
CA LEU G 230 2.22 28.57 -11.39
C LEU G 230 3.21 28.11 -12.45
N TYR G 231 4.50 28.36 -12.22
CA TYR G 231 5.51 27.93 -13.18
C TYR G 231 5.57 26.42 -13.31
N VAL G 232 5.43 25.69 -12.19
CA VAL G 232 5.36 24.22 -12.27
C VAL G 232 4.18 23.80 -13.15
N HIS G 233 3.01 24.35 -12.85
CA HIS G 233 1.79 24.08 -13.59
C HIS G 233 1.99 24.37 -15.07
N MET G 234 2.59 25.52 -15.38
CA MET G 234 2.80 25.93 -16.76
C MET G 234 3.71 24.97 -17.50
N ALA G 235 4.84 24.63 -16.89
CA ALA G 235 5.81 23.76 -17.55
C ALA G 235 5.25 22.36 -17.74
N THR G 236 4.47 21.86 -16.78
CA THR G 236 3.85 20.55 -16.94
C THR G 236 2.84 20.56 -18.09
N ALA G 237 1.95 21.54 -18.09
CA ALA G 237 0.98 21.65 -19.19
C ALA G 237 1.69 21.73 -20.54
N ASP G 238 2.75 22.54 -20.64
CA ASP G 238 3.51 22.62 -21.88
CA ASP G 238 3.49 22.61 -21.89
C ASP G 238 4.15 21.28 -22.22
N GLY G 239 4.60 20.54 -21.20
CA GLY G 239 5.14 19.21 -21.46
C GLY G 239 4.15 18.28 -22.12
N LEU G 240 2.89 18.28 -21.64
CA LEU G 240 1.89 17.41 -22.22
C LEU G 240 1.52 17.83 -23.64
N ILE G 241 1.54 19.12 -23.93
CA ILE G 241 1.29 19.58 -25.31
C ILE G 241 2.43 19.16 -26.22
N GLN G 242 3.67 19.40 -25.78
CA GLN G 242 4.83 19.13 -26.64
C GLN G 242 4.97 17.65 -26.96
N ARG G 243 4.72 16.78 -25.99
CA ARG G 243 4.95 15.35 -26.22
C ARG G 243 4.06 14.82 -27.35
N SER G 244 2.95 15.49 -27.65
CA SER G 244 2.04 15.10 -28.70
C SER G 244 2.34 15.79 -30.03
N GLY G 245 3.43 16.56 -30.11
CA GLY G 245 3.66 17.36 -31.28
C GLY G 245 2.79 18.60 -31.35
N GLY G 246 2.28 19.06 -30.22
CA GLY G 246 1.46 20.26 -30.20
C GLY G 246 0.00 20.05 -30.53
N ILE G 247 -0.49 18.82 -30.54
CA ILE G 247 -1.85 18.53 -30.98
C ILE G 247 -2.81 18.37 -29.80
N GLU G 248 -2.39 17.67 -28.74
CA GLU G 248 -3.29 17.28 -27.67
C GLU G 248 -3.40 18.37 -26.62
N ARG G 249 -4.61 18.63 -26.17
CA ARG G 249 -4.80 19.53 -25.04
C ARG G 249 -4.32 18.86 -23.75
N PRO G 250 -3.71 19.61 -22.84
CA PRO G 250 -3.25 19.02 -21.58
C PRO G 250 -4.38 18.87 -20.57
N PHE G 251 -4.11 18.07 -19.55
CA PHE G 251 -4.83 18.15 -18.28
C PHE G 251 -3.80 18.05 -17.17
N VAL G 252 -3.74 19.09 -16.34
CA VAL G 252 -2.82 19.15 -15.20
C VAL G 252 -3.59 19.75 -14.05
N LEU G 253 -3.65 19.04 -12.93
CA LEU G 253 -4.15 19.58 -11.67
C LEU G 253 -2.99 20.13 -10.85
N SER G 254 -3.21 21.29 -10.23
CA SER G 254 -2.17 21.94 -9.45
C SER G 254 -2.73 22.35 -8.10
N ARG G 255 -1.91 22.23 -7.05
CA ARG G 255 -2.39 22.67 -5.73
C ARG G 255 -2.17 24.16 -5.53
N ALA G 256 -0.96 24.64 -5.83
CA ALA G 256 -0.62 26.05 -5.72
C ALA G 256 -0.95 26.76 -7.03
N PHE G 257 -1.21 28.07 -6.95
CA PHE G 257 -1.60 28.81 -8.14
C PHE G 257 -1.44 30.31 -7.89
N PHE G 258 -1.59 31.07 -8.97
CA PHE G 258 -1.46 32.52 -8.95
C PHE G 258 -2.35 33.08 -10.06
N SER G 259 -2.43 34.41 -10.15
CA SER G 259 -3.05 35.02 -11.32
C SER G 259 -2.44 34.46 -12.58
N GLY G 260 -3.29 34.04 -13.52
CA GLY G 260 -2.85 33.41 -14.74
C GLY G 260 -2.89 31.89 -14.73
N SER G 261 -3.01 31.27 -13.55
CA SER G 261 -3.03 29.80 -13.46
C SER G 261 -4.21 29.21 -14.21
N GLN G 262 -5.27 29.98 -14.44
CA GLN G 262 -6.39 29.48 -15.23
C GLN G 262 -5.96 29.05 -16.62
N ARG G 263 -4.85 29.58 -17.14
CA ARG G 263 -4.38 29.22 -18.47
C ARG G 263 -3.84 27.79 -18.55
N PHE G 264 -3.62 27.10 -17.42
CA PHE G 264 -2.85 25.87 -17.44
C PHE G 264 -3.59 24.64 -16.93
N GLY G 265 -4.84 24.77 -16.47
CA GLY G 265 -5.58 23.59 -16.12
C GLY G 265 -6.46 23.77 -14.90
N ALA G 266 -6.44 22.79 -14.01
CA ALA G 266 -7.35 22.77 -12.87
C ALA G 266 -6.60 23.01 -11.59
N VAL G 267 -7.35 23.37 -10.55
CA VAL G 267 -6.84 23.45 -9.19
C VAL G 267 -7.90 22.83 -8.28
N TRP G 268 -7.49 22.47 -7.07
CA TRP G 268 -8.44 21.99 -6.07
C TRP G 268 -8.00 22.56 -4.72
N THR G 269 -8.91 22.49 -3.74
CA THR G 269 -8.70 23.19 -2.47
C THR G 269 -7.89 22.39 -1.45
N GLY G 270 -7.08 21.42 -1.89
CA GLY G 270 -6.11 20.79 -1.01
C GLY G 270 -6.71 19.78 -0.04
N ASP G 271 -6.07 19.66 1.12
CA ASP G 271 -6.39 18.59 2.06
C ASP G 271 -7.51 19.04 3.00
N ASN G 272 -8.74 18.87 2.53
CA ASN G 272 -9.91 19.11 3.36
C ASN G 272 -10.14 17.88 4.24
N THR G 273 -11.25 17.87 4.97
CA THR G 273 -11.52 16.86 5.98
C THR G 273 -12.94 16.34 5.80
N ALA G 274 -13.13 15.06 6.11
CA ALA G 274 -14.43 14.40 5.96
C ALA G 274 -15.44 14.87 7.00
N GLU G 275 -15.91 16.11 6.88
CA GLU G 275 -16.84 16.69 7.83
C GLU G 275 -17.83 17.59 7.09
N TRP G 276 -19.02 17.74 7.69
CA TRP G 276 -20.10 18.44 7.00
C TRP G 276 -19.73 19.89 6.70
N ASP G 277 -19.03 20.55 7.62
CA ASP G 277 -18.70 21.95 7.40
CA ASP G 277 -18.67 21.95 7.42
C ASP G 277 -17.66 22.11 6.29
N HIS G 278 -16.81 21.09 6.07
CA HIS G 278 -15.93 21.13 4.91
C HIS G 278 -16.70 20.89 3.62
N LEU G 279 -17.75 20.05 3.66
CA LEU G 279 -18.63 19.95 2.50
C LEU G 279 -19.22 21.32 2.17
N LYS G 280 -19.69 22.03 3.20
CA LYS G 280 -20.33 23.33 2.99
C LYS G 280 -19.38 24.33 2.38
N ILE G 281 -18.14 24.38 2.87
CA ILE G 281 -17.22 25.44 2.46
C ILE G 281 -16.68 25.25 1.06
N SER G 282 -16.91 24.09 0.43
CA SER G 282 -16.45 23.92 -0.94
C SER G 282 -17.12 24.92 -1.88
N ILE G 283 -18.35 25.32 -1.58
CA ILE G 283 -19.03 26.28 -2.44
C ILE G 283 -18.35 27.64 -2.35
N PRO G 284 -18.23 28.29 -1.18
CA PRO G 284 -17.58 29.61 -1.17
C PRO G 284 -16.14 29.58 -1.64
N MET G 285 -15.40 28.50 -1.37
CA MET G 285 -14.00 28.45 -1.82
C MET G 285 -13.91 28.41 -3.34
N CYS G 286 -14.69 27.54 -3.99
CA CYS G 286 -14.61 27.50 -5.45
C CYS G 286 -15.28 28.74 -6.07
N LEU G 287 -16.29 29.30 -5.41
CA LEU G 287 -16.88 30.54 -5.90
C LEU G 287 -15.86 31.68 -5.88
N SER G 288 -15.08 31.78 -4.80
CA SER G 288 -14.07 32.84 -4.76
C SER G 288 -13.00 32.63 -5.82
N LEU G 289 -12.72 31.38 -6.17
CA LEU G 289 -11.78 31.14 -7.27
C LEU G 289 -12.40 31.49 -8.61
N ALA G 290 -13.67 31.13 -8.81
CA ALA G 290 -14.35 31.43 -10.07
C ALA G 290 -14.35 32.93 -10.36
N LEU G 291 -14.57 33.76 -9.32
CA LEU G 291 -14.64 35.20 -9.53
C LEU G 291 -13.33 35.79 -10.06
N VAL G 292 -12.21 35.13 -9.76
CA VAL G 292 -10.91 35.63 -10.22
C VAL G 292 -10.36 34.80 -11.37
N GLY G 293 -11.22 34.13 -12.13
CA GLY G 293 -10.81 33.55 -13.38
C GLY G 293 -10.47 32.08 -13.34
N LEU G 294 -10.38 31.46 -12.15
CA LEU G 294 -10.01 30.05 -12.03
C LEU G 294 -11.30 29.22 -11.95
N SER G 295 -11.85 28.90 -13.12
CA SER G 295 -13.14 28.23 -13.21
C SER G 295 -13.07 26.73 -13.00
N PHE G 296 -11.89 26.13 -13.09
CA PHE G 296 -11.74 24.67 -13.05
C PHE G 296 -11.31 24.30 -11.63
N CYS G 297 -12.28 24.33 -10.71
CA CYS G 297 -12.05 24.23 -9.28
C CYS G 297 -12.88 23.09 -8.70
N GLY G 298 -12.41 22.54 -7.58
CA GLY G 298 -13.17 21.52 -6.88
C GLY G 298 -12.54 21.19 -5.54
N ALA G 299 -13.21 20.32 -4.81
CA ALA G 299 -12.72 19.84 -3.52
C ALA G 299 -12.79 18.33 -3.49
N ASP G 300 -11.90 17.71 -2.69
CA ASP G 300 -11.87 16.26 -2.59
C ASP G 300 -13.22 15.73 -2.15
N VAL G 301 -13.85 14.93 -2.99
CA VAL G 301 -15.17 14.37 -2.70
C VAL G 301 -15.04 13.31 -1.61
N GLY G 302 -15.75 13.52 -0.51
CA GLY G 302 -15.66 12.68 0.67
C GLY G 302 -14.73 13.23 1.75
N GLY G 303 -13.88 14.18 1.42
CA GLY G 303 -12.88 14.70 2.34
C GLY G 303 -11.58 13.91 2.28
N PHE G 304 -10.46 14.62 2.31
CA PHE G 304 -9.17 13.95 2.27
C PHE G 304 -8.89 13.22 3.57
N PHE G 305 -8.91 13.95 4.70
CA PHE G 305 -8.67 13.35 6.02
C PHE G 305 -9.92 12.68 6.57
N LYS G 306 -9.72 11.60 7.31
CA LYS G 306 -10.76 10.90 8.07
C LYS G 306 -11.74 10.16 7.17
N ASN G 307 -12.66 9.42 7.80
CA ASN G 307 -13.58 8.55 7.09
C ASN G 307 -14.97 9.16 7.12
N PRO G 308 -15.58 9.46 5.98
CA PRO G 308 -16.93 10.02 6.01
C PRO G 308 -17.96 8.93 6.28
N GLU G 309 -18.98 9.27 7.06
CA GLU G 309 -20.10 8.36 7.19
C GLU G 309 -20.83 8.30 5.84
N PRO G 310 -21.57 7.21 5.57
CA PRO G 310 -22.13 7.03 4.23
C PRO G 310 -23.02 8.19 3.77
N GLU G 311 -23.83 8.75 4.67
CA GLU G 311 -24.71 9.85 4.28
C GLU G 311 -23.92 11.07 3.83
N LEU G 312 -22.83 11.38 4.53
CA LEU G 312 -21.99 12.52 4.12
C LEU G 312 -21.35 12.26 2.76
N LEU G 313 -20.86 11.04 2.54
CA LEU G 313 -20.24 10.71 1.27
C LEU G 313 -21.23 10.84 0.13
N VAL G 314 -22.48 10.39 0.33
CA VAL G 314 -23.52 10.57 -0.67
C VAL G 314 -23.73 12.04 -0.96
N ARG G 315 -23.90 12.85 0.09
CA ARG G 315 -24.09 14.28 -0.13
C ARG G 315 -22.88 14.90 -0.81
N TRP G 316 -21.68 14.41 -0.53
CA TRP G 316 -20.49 14.97 -1.16
C TRP G 316 -20.45 14.62 -2.64
N TYR G 317 -20.88 13.41 -2.99
CA TYR G 317 -21.00 13.06 -4.41
C TYR G 317 -21.99 13.98 -5.12
N GLN G 318 -23.11 14.29 -4.48
CA GLN G 318 -24.11 15.14 -5.12
C GLN G 318 -23.59 16.56 -5.26
N MET G 319 -22.87 17.05 -4.26
CA MET G 319 -22.23 18.36 -4.36
C MET G 319 -21.17 18.35 -5.45
N GLY G 320 -20.26 17.39 -5.42
CA GLY G 320 -19.18 17.37 -6.39
C GLY G 320 -19.66 17.18 -7.82
N ALA G 321 -20.75 16.43 -8.00
CA ALA G 321 -21.31 16.22 -9.33
C ALA G 321 -21.72 17.52 -9.99
N TYR G 322 -21.93 18.58 -9.23
CA TYR G 322 -22.30 19.87 -9.79
C TYR G 322 -21.24 20.93 -9.59
N GLN G 323 -19.98 20.52 -9.35
CA GLN G 323 -18.85 21.43 -9.30
C GLN G 323 -17.85 21.09 -10.40
N PRO G 324 -17.04 22.07 -10.86
CA PRO G 324 -16.29 21.87 -12.11
C PRO G 324 -15.33 20.69 -12.13
N PHE G 325 -14.44 20.59 -11.14
CA PHE G 325 -13.48 19.49 -11.05
C PHE G 325 -14.01 18.47 -10.04
N PHE G 326 -14.28 17.26 -10.52
CA PHE G 326 -15.06 16.26 -9.80
C PHE G 326 -14.16 15.06 -9.47
N ARG G 327 -13.50 15.09 -8.31
CA ARG G 327 -12.57 14.03 -7.92
C ARG G 327 -12.80 13.57 -6.49
N ALA G 328 -12.97 12.26 -6.32
CA ALA G 328 -12.93 11.63 -5.01
C ALA G 328 -11.47 11.28 -4.69
N HIS G 329 -11.04 11.61 -3.48
CA HIS G 329 -9.66 11.40 -3.05
C HIS G 329 -9.66 11.18 -1.53
N ALA G 330 -8.58 10.57 -1.02
CA ALA G 330 -8.57 10.12 0.37
C ALA G 330 -7.14 9.88 0.86
N HIS G 331 -6.95 10.08 2.17
CA HIS G 331 -5.65 9.94 2.82
C HIS G 331 -5.24 8.47 2.93
N LEU G 332 -3.92 8.25 3.03
CA LEU G 332 -3.35 6.90 3.04
C LEU G 332 -4.01 5.99 4.08
N ASP G 333 -4.40 6.54 5.23
CA ASP G 333 -4.86 5.73 6.35
C ASP G 333 -6.38 5.65 6.44
N THR G 334 -7.10 6.16 5.44
CA THR G 334 -8.55 6.03 5.39
C THR G 334 -8.98 4.66 4.89
N GLY G 335 -10.19 4.27 5.24
CA GLY G 335 -10.79 3.10 4.61
C GLY G 335 -11.07 3.33 3.14
N ARG G 336 -11.03 2.24 2.38
CA ARG G 336 -11.36 2.29 0.97
C ARG G 336 -12.80 2.75 0.81
N ARG G 337 -13.04 3.71 -0.09
CA ARG G 337 -14.40 4.19 -0.28
C ARG G 337 -14.72 4.36 -1.76
N GLU G 338 -14.26 3.44 -2.61
CA GLU G 338 -14.82 3.37 -3.94
C GLU G 338 -16.33 3.24 -3.83
N PRO G 339 -17.10 3.93 -4.68
CA PRO G 339 -18.53 4.15 -4.37
C PRO G 339 -19.37 2.88 -4.33
N TRP G 340 -18.93 1.77 -4.93
CA TRP G 340 -19.70 0.54 -4.83
C TRP G 340 -19.48 -0.20 -3.52
N LEU G 341 -18.63 0.29 -2.62
CA LEU G 341 -18.40 -0.41 -1.37
C LEU G 341 -19.47 -0.14 -0.32
N LEU G 342 -20.40 0.77 -0.61
CA LEU G 342 -21.43 1.15 0.35
C LEU G 342 -22.67 0.26 0.20
N ALA G 343 -23.54 0.32 1.21
CA ALA G 343 -24.82 -0.36 1.13
C ALA G 343 -25.61 0.19 -0.06
N SER G 344 -26.54 -0.64 -0.54
CA SER G 344 -27.14 -0.40 -1.86
C SER G 344 -27.87 0.93 -1.93
N GLN G 345 -28.51 1.37 -0.84
CA GLN G 345 -29.24 2.63 -0.90
C GLN G 345 -28.30 3.81 -1.12
N TYR G 346 -27.10 3.75 -0.55
CA TYR G 346 -26.12 4.82 -0.79
C TYR G 346 -25.49 4.67 -2.17
N GLN G 347 -25.21 3.44 -2.59
CA GLN G 347 -24.70 3.20 -3.94
C GLN G 347 -25.58 3.83 -5.00
N ASP G 348 -26.89 3.61 -4.88
CA ASP G 348 -27.83 4.08 -5.90
C ASP G 348 -27.89 5.60 -5.94
N ALA G 349 -27.85 6.26 -4.77
CA ALA G 349 -27.85 7.71 -4.76
C ALA G 349 -26.58 8.25 -5.41
N ILE G 350 -25.45 7.63 -5.15
CA ILE G 350 -24.19 8.05 -5.76
C ILE G 350 -24.22 7.78 -7.27
N ARG G 351 -24.75 6.62 -7.68
CA ARG G 351 -24.90 6.33 -9.10
C ARG G 351 -25.79 7.37 -9.78
N ASP G 352 -26.90 7.74 -9.14
N ASP G 352 -26.91 7.72 -9.15
CA ASP G 352 -27.78 8.76 -9.71
CA ASP G 352 -27.78 8.77 -9.70
C ASP G 352 -27.04 10.08 -9.92
C ASP G 352 -26.99 10.05 -9.95
N ALA G 353 -26.21 10.48 -8.95
CA ALA G 353 -25.44 11.71 -9.09
C ALA G 353 -24.44 11.63 -10.24
N LEU G 354 -23.77 10.49 -10.40
CA LEU G 354 -22.82 10.32 -11.49
C LEU G 354 -23.51 10.39 -12.85
N PHE G 355 -24.69 9.75 -12.96
CA PHE G 355 -25.45 9.80 -14.19
C PHE G 355 -25.86 11.23 -14.54
N GLN G 356 -26.31 11.99 -13.54
CA GLN G 356 -26.65 13.39 -13.78
C GLN G 356 -25.46 14.18 -14.30
N ARG G 357 -24.28 13.95 -13.73
CA ARG G 357 -23.09 14.66 -14.18
C ARG G 357 -22.74 14.28 -15.62
N TYR G 358 -22.76 12.98 -15.93
CA TYR G 358 -22.38 12.56 -17.28
C TYR G 358 -23.39 13.05 -18.31
N SER G 359 -24.68 13.02 -17.98
CA SER G 359 -25.70 13.51 -18.89
C SER G 359 -25.51 14.99 -19.19
N LEU G 360 -24.98 15.75 -18.24
CA LEU G 360 -24.79 17.19 -18.39
C LEU G 360 -23.47 17.57 -19.03
N LEU G 361 -22.63 16.60 -19.41
CA LEU G 361 -21.34 16.94 -20.01
C LEU G 361 -21.42 17.93 -21.19
N PRO G 362 -22.36 17.83 -22.13
CA PRO G 362 -22.43 18.85 -23.20
C PRO G 362 -22.65 20.25 -22.65
N PHE G 363 -23.44 20.36 -21.59
CA PHE G 363 -23.64 21.64 -20.92
C PHE G 363 -22.34 22.12 -20.27
N TRP G 364 -21.70 21.27 -19.47
CA TRP G 364 -20.43 21.64 -18.85
C TRP G 364 -19.41 22.04 -19.91
N TYR G 365 -19.32 21.27 -20.99
CA TYR G 365 -18.33 21.56 -22.03
C TYR G 365 -18.58 22.91 -22.68
N THR G 366 -19.85 23.25 -22.90
CA THR G 366 -20.17 24.54 -23.50
C THR G 366 -19.89 25.68 -22.54
N LEU G 367 -20.20 25.50 -21.25
CA LEU G 367 -19.83 26.53 -20.28
C LEU G 367 -18.33 26.77 -20.26
N PHE G 368 -17.53 25.70 -20.40
CA PHE G 368 -16.08 25.90 -20.40
C PHE G 368 -15.58 26.51 -21.69
N TYR G 369 -16.21 26.22 -22.83
CA TYR G 369 -15.86 26.93 -24.04
C TYR G 369 -16.14 28.41 -23.90
N GLN G 370 -17.28 28.76 -23.30
CA GLN G 370 -17.61 30.16 -23.06
C GLN G 370 -16.61 30.82 -22.10
N ALA G 371 -16.21 30.09 -21.06
CA ALA G 371 -15.15 30.60 -20.19
C ALA G 371 -13.86 30.81 -20.96
N HIS G 372 -13.52 29.86 -21.85
CA HIS G 372 -12.28 29.95 -22.61
C HIS G 372 -12.29 31.13 -23.59
N LYS G 373 -13.44 31.41 -24.20
CA LYS G 373 -13.51 32.48 -25.21
C LYS G 373 -13.71 33.85 -24.58
N GLU G 374 -14.53 33.95 -23.54
CA GLU G 374 -14.91 35.24 -22.96
C GLU G 374 -14.28 35.55 -21.61
N GLY G 375 -13.86 34.55 -20.85
CA GLY G 375 -13.42 34.80 -19.49
C GLY G 375 -14.54 34.82 -18.47
N PHE G 376 -15.72 34.30 -18.80
CA PHE G 376 -16.84 34.27 -17.86
C PHE G 376 -16.77 33.02 -17.00
N PRO G 377 -16.95 33.14 -15.68
CA PRO G 377 -16.82 31.97 -14.81
C PRO G 377 -17.88 30.91 -15.08
N VAL G 378 -17.49 29.65 -14.90
CA VAL G 378 -18.43 28.55 -15.08
C VAL G 378 -19.39 28.49 -13.90
N MET G 379 -18.84 28.43 -12.69
CA MET G 379 -19.62 28.38 -11.46
C MET G 379 -19.78 29.79 -10.90
N ARG G 380 -21.01 30.19 -10.56
CA ARG G 380 -21.23 31.62 -10.30
C ARG G 380 -22.02 31.86 -9.02
N PRO G 381 -21.65 32.89 -8.24
CA PRO G 381 -22.51 33.34 -7.15
C PRO G 381 -23.80 33.89 -7.72
N LEU G 382 -24.88 33.76 -6.94
CA LEU G 382 -26.16 34.29 -7.42
C LEU G 382 -26.08 35.78 -7.73
N TRP G 383 -25.28 36.55 -6.98
CA TRP G 383 -25.25 37.99 -7.22
C TRP G 383 -24.64 38.35 -8.56
N VAL G 384 -23.83 37.47 -9.16
CA VAL G 384 -23.32 37.75 -10.49
C VAL G 384 -24.46 37.77 -11.51
N GLN G 385 -25.46 36.90 -11.31
CA GLN G 385 -26.63 36.86 -12.20
C GLN G 385 -27.73 37.82 -11.77
N TYR G 386 -27.74 38.25 -10.51
CA TYR G 386 -28.78 39.13 -9.97
C TYR G 386 -28.10 40.25 -9.21
N PRO G 387 -27.37 41.11 -9.91
CA PRO G 387 -26.54 42.11 -9.24
C PRO G 387 -27.35 43.16 -8.49
N GLU G 388 -28.66 43.27 -8.74
CA GLU G 388 -29.50 44.23 -8.05
C GLU G 388 -30.29 43.64 -6.90
N ASP G 389 -30.24 42.33 -6.69
CA ASP G 389 -30.93 41.68 -5.57
C ASP G 389 -29.95 41.58 -4.40
N MET G 390 -30.02 42.57 -3.50
CA MET G 390 -29.06 42.66 -2.41
C MET G 390 -29.13 41.49 -1.46
N SER G 391 -30.25 40.76 -1.42
CA SER G 391 -30.31 39.59 -0.57
C SER G 391 -29.47 38.41 -1.10
N THR G 392 -28.85 38.54 -2.28
CA THR G 392 -27.97 37.48 -2.81
C THR G 392 -26.50 37.78 -2.58
N PHE G 393 -26.16 38.95 -2.03
CA PHE G 393 -24.76 39.38 -2.04
C PHE G 393 -23.86 38.51 -1.17
N SER G 394 -24.41 37.75 -0.22
CA SER G 394 -23.62 36.88 0.64
C SER G 394 -23.96 35.39 0.51
N ILE G 395 -24.88 35.03 -0.38
CA ILE G 395 -25.33 33.64 -0.46
C ILE G 395 -24.18 32.73 -0.84
N GLU G 396 -24.02 31.62 -0.09
CA GLU G 396 -22.95 30.68 -0.37
C GLU G 396 -23.35 29.23 -0.09
N ASP G 397 -24.63 28.94 0.14
CA ASP G 397 -25.14 27.58 0.15
C ASP G 397 -25.88 27.24 -1.15
N GLN G 398 -25.71 28.08 -2.18
CA GLN G 398 -26.31 27.93 -3.50
C GLN G 398 -25.35 28.51 -4.51
N PHE G 399 -25.47 28.06 -5.76
CA PHE G 399 -24.66 28.67 -6.81
C PHE G 399 -25.35 28.41 -8.15
N MET G 400 -24.83 29.07 -9.17
CA MET G 400 -25.32 28.95 -10.53
C MET G 400 -24.27 28.26 -11.40
N LEU G 401 -24.72 27.50 -12.39
CA LEU G 401 -23.85 27.04 -13.47
C LEU G 401 -24.26 27.83 -14.70
N GLY G 402 -23.38 28.69 -15.18
CA GLY G 402 -23.76 29.63 -16.22
C GLY G 402 -24.93 30.46 -15.75
N ASP G 403 -25.90 30.67 -16.62
CA ASP G 403 -27.14 31.36 -16.28
C ASP G 403 -28.34 30.42 -16.22
N ALA G 404 -28.12 29.11 -16.34
CA ALA G 404 -29.20 28.17 -16.61
C ALA G 404 -29.61 27.31 -15.43
N LEU G 405 -28.69 26.90 -14.57
CA LEU G 405 -29.00 25.96 -13.50
C LEU G 405 -28.67 26.58 -12.15
N LEU G 406 -29.61 26.47 -11.22
CA LEU G 406 -29.41 26.89 -9.83
C LEU G 406 -29.35 25.63 -8.97
N ILE G 407 -28.30 25.52 -8.16
CA ILE G 407 -28.00 24.31 -7.39
C ILE G 407 -28.00 24.67 -5.90
N HIS G 408 -28.74 23.90 -5.10
CA HIS G 408 -28.71 24.00 -3.64
C HIS G 408 -28.53 22.60 -3.08
N PRO G 409 -27.30 22.12 -3.02
CA PRO G 409 -27.08 20.75 -2.51
C PRO G 409 -27.39 20.63 -1.03
N VAL G 410 -27.90 19.47 -0.65
CA VAL G 410 -28.12 19.20 0.76
C VAL G 410 -26.77 19.09 1.45
N SER G 411 -26.59 19.81 2.55
CA SER G 411 -25.31 19.81 3.25
C SER G 411 -25.49 19.73 4.76
N ASP G 412 -26.51 18.99 5.21
CA ASP G 412 -26.71 18.73 6.63
C ASP G 412 -27.21 17.30 6.80
N ALA G 413 -26.66 16.59 7.80
CA ALA G 413 -27.10 15.23 8.08
C ALA G 413 -28.56 15.21 8.54
N GLY G 414 -29.29 14.20 8.07
CA GLY G 414 -30.68 14.00 8.44
C GLY G 414 -31.65 15.07 7.98
N ALA G 415 -31.27 15.90 7.01
CA ALA G 415 -32.14 16.99 6.57
C ALA G 415 -33.43 16.45 5.97
N HIS G 416 -34.54 17.13 6.29
CA HIS G 416 -35.82 16.82 5.71
C HIS G 416 -36.18 17.70 4.52
N GLY G 417 -35.53 18.86 4.41
CA GLY G 417 -35.77 19.76 3.29
C GLY G 417 -34.69 20.81 3.27
N VAL G 418 -34.73 21.65 2.23
CA VAL G 418 -33.84 22.80 2.11
C VAL G 418 -34.68 24.03 1.78
N GLN G 419 -34.11 25.19 2.10
CA GLN G 419 -34.69 26.48 1.77
C GLN G 419 -33.95 27.01 0.55
N VAL G 420 -34.61 27.01 -0.60
CA VAL G 420 -34.00 27.44 -1.84
C VAL G 420 -34.48 28.84 -2.15
N TYR G 421 -33.56 29.77 -2.27
CA TYR G 421 -33.90 31.11 -2.72
C TYR G 421 -33.88 31.14 -4.25
N LEU G 422 -35.04 31.39 -4.84
CA LEU G 422 -35.20 31.50 -6.28
C LEU G 422 -35.27 32.97 -6.65
N PRO G 423 -34.23 33.55 -7.21
CA PRO G 423 -34.23 35.00 -7.43
C PRO G 423 -34.89 35.45 -8.73
N GLY G 424 -34.95 36.76 -8.93
CA GLY G 424 -35.38 37.33 -10.19
C GLY G 424 -36.82 37.81 -10.19
N GLN G 425 -37.01 39.11 -10.37
CA GLN G 425 -38.32 39.66 -10.65
C GLN G 425 -38.77 39.18 -12.03
N GLU G 426 -40.00 38.70 -12.14
CA GLU G 426 -40.52 38.19 -13.41
C GLU G 426 -39.69 37.03 -13.95
N GLU G 427 -39.01 36.29 -13.07
CA GLU G 427 -38.29 35.09 -13.45
C GLU G 427 -39.11 33.86 -13.08
N VAL G 428 -38.94 32.79 -13.88
CA VAL G 428 -39.53 31.50 -13.55
C VAL G 428 -38.41 30.47 -13.47
N TRP G 429 -38.63 29.45 -12.63
CA TRP G 429 -37.67 28.38 -12.38
C TRP G 429 -38.40 27.04 -12.40
N TYR G 430 -37.77 26.04 -13.01
CA TYR G 430 -38.36 24.71 -13.11
C TYR G 430 -37.54 23.73 -12.26
N ASP G 431 -38.22 23.07 -11.33
CA ASP G 431 -37.66 21.94 -10.62
C ASP G 431 -37.38 20.83 -11.63
N ILE G 432 -36.11 20.52 -11.90
CA ILE G 432 -35.81 19.59 -12.99
C ILE G 432 -36.19 18.16 -12.69
N GLN G 433 -36.54 17.84 -11.45
CA GLN G 433 -37.01 16.49 -11.14
C GLN G 433 -38.53 16.36 -11.25
N SER G 434 -39.27 17.37 -10.82
CA SER G 434 -40.74 17.33 -10.85
C SER G 434 -41.35 18.17 -11.96
N TYR G 435 -40.56 19.05 -12.60
CA TYR G 435 -41.00 19.98 -13.63
C TYR G 435 -41.93 21.06 -13.10
N GLN G 436 -42.16 21.10 -11.79
CA GLN G 436 -42.95 22.16 -11.20
C GLN G 436 -42.29 23.51 -11.44
N LYS G 437 -43.07 24.49 -11.88
CA LYS G 437 -42.57 25.84 -12.09
C LYS G 437 -42.70 26.65 -10.79
N HIS G 438 -41.76 27.57 -10.60
CA HIS G 438 -41.81 28.48 -9.45
C HIS G 438 -41.42 29.88 -9.91
N HIS G 439 -42.18 30.88 -9.49
CA HIS G 439 -41.86 32.26 -9.83
C HIS G 439 -40.90 32.84 -8.81
N GLY G 440 -40.01 33.72 -9.29
CA GLY G 440 -39.16 34.47 -8.41
C GLY G 440 -39.70 35.87 -8.23
N PRO G 441 -39.31 36.56 -7.15
CA PRO G 441 -38.42 36.02 -6.11
C PRO G 441 -39.20 35.33 -4.99
N GLN G 442 -38.67 34.22 -4.49
CA GLN G 442 -39.29 33.53 -3.38
C GLN G 442 -38.24 32.64 -2.71
N THR G 443 -38.51 32.28 -1.46
CA THR G 443 -37.75 31.26 -0.76
C THR G 443 -38.64 30.03 -0.67
N LEU G 444 -38.27 28.99 -1.39
CA LEU G 444 -39.08 27.79 -1.51
C LEU G 444 -38.57 26.76 -0.51
N TYR G 445 -39.50 26.17 0.25
CA TYR G 445 -39.16 25.04 1.11
C TYR G 445 -39.30 23.76 0.29
N LEU G 446 -38.19 23.07 0.06
CA LEU G 446 -38.18 21.89 -0.78
C LEU G 446 -37.86 20.66 0.05
N PRO G 447 -38.81 19.75 0.25
CA PRO G 447 -38.48 18.49 0.94
C PRO G 447 -37.46 17.71 0.12
N VAL G 448 -36.58 17.00 0.82
CA VAL G 448 -35.53 16.22 0.19
C VAL G 448 -35.53 14.83 0.81
N THR G 449 -34.99 13.88 0.06
CA THR G 449 -34.61 12.56 0.56
C THR G 449 -33.12 12.36 0.27
N LEU G 450 -32.64 11.15 0.55
CA LEU G 450 -31.22 10.86 0.33
C LEU G 450 -30.82 11.04 -1.14
N SER G 451 -31.74 10.73 -2.05
CA SER G 451 -31.48 10.82 -3.49
C SER G 451 -31.59 12.24 -4.04
N SER G 452 -32.01 13.21 -3.25
CA SER G 452 -32.30 14.53 -3.77
C SER G 452 -31.04 15.35 -4.05
N ILE G 453 -31.00 15.97 -5.22
CA ILE G 453 -30.09 17.06 -5.52
C ILE G 453 -30.94 18.23 -6.01
N PRO G 454 -31.23 19.20 -5.15
CA PRO G 454 -32.09 20.33 -5.56
C PRO G 454 -31.47 21.16 -6.67
N VAL G 455 -32.02 21.02 -7.89
CA VAL G 455 -31.52 21.71 -9.07
C VAL G 455 -32.71 22.30 -9.80
N PHE G 456 -32.57 23.55 -10.24
CA PHE G 456 -33.64 24.28 -10.92
C PHE G 456 -33.09 24.87 -12.21
N GLN G 457 -33.83 24.71 -13.30
CA GLN G 457 -33.46 25.33 -14.57
C GLN G 457 -34.23 26.64 -14.74
N ARG G 458 -33.52 27.69 -15.16
CA ARG G 458 -34.11 29.00 -15.31
C ARG G 458 -34.92 29.11 -16.59
N GLY G 459 -36.10 29.72 -16.48
CA GLY G 459 -36.87 30.03 -17.68
C GLY G 459 -36.08 30.89 -18.64
N GLY G 460 -36.23 30.59 -19.93
CA GLY G 460 -35.48 31.27 -20.96
C GLY G 460 -34.19 30.58 -21.36
N THR G 461 -33.96 29.35 -20.94
CA THR G 461 -32.69 28.69 -21.21
C THR G 461 -32.93 27.33 -21.88
N ILE G 462 -31.88 26.87 -22.55
CA ILE G 462 -31.89 25.58 -23.23
C ILE G 462 -30.64 24.84 -22.82
N VAL G 463 -30.82 23.69 -22.19
CA VAL G 463 -29.73 22.90 -21.64
C VAL G 463 -29.61 21.60 -22.45
N PRO G 464 -28.47 21.33 -23.07
CA PRO G 464 -28.27 20.08 -23.81
C PRO G 464 -27.71 18.97 -22.92
N ARG G 465 -28.23 17.76 -23.13
CA ARG G 465 -27.80 16.59 -22.36
C ARG G 465 -27.57 15.39 -23.27
N TRP G 466 -26.63 14.53 -22.85
CA TRP G 466 -26.48 13.17 -23.39
C TRP G 466 -27.24 12.24 -22.45
N MET G 467 -28.45 11.82 -22.85
CA MET G 467 -29.23 10.96 -21.97
C MET G 467 -28.78 9.51 -21.98
N ARG G 468 -27.84 9.13 -22.84
CA ARG G 468 -27.35 7.76 -22.89
C ARG G 468 -26.03 7.72 -22.10
N VAL G 469 -26.13 7.44 -20.82
CA VAL G 469 -24.95 7.43 -19.97
C VAL G 469 -24.18 6.14 -20.23
N ARG G 470 -22.91 6.27 -20.54
CA ARG G 470 -22.05 5.13 -20.78
C ARG G 470 -20.93 5.12 -19.73
N ARG G 471 -19.95 4.24 -19.92
CA ARG G 471 -18.96 4.03 -18.86
C ARG G 471 -17.95 5.15 -18.74
N SER G 472 -17.78 5.98 -19.77
CA SER G 472 -16.85 7.10 -19.74
C SER G 472 -17.24 8.08 -20.83
N SER G 473 -16.66 9.27 -20.79
CA SER G 473 -17.07 10.30 -21.74
C SER G 473 -16.63 9.98 -23.17
N ASP G 474 -15.47 9.33 -23.36
CA ASP G 474 -15.06 8.93 -24.70
C ASP G 474 -16.12 8.07 -25.37
N CYS G 475 -16.78 7.21 -24.60
CA CYS G 475 -17.81 6.33 -25.16
C CYS G 475 -19.02 7.12 -25.63
N MET G 476 -19.25 8.30 -25.05
CA MET G 476 -20.48 9.04 -25.27
C MET G 476 -20.35 10.12 -26.34
N LYS G 477 -19.14 10.45 -26.78
CA LYS G 477 -18.97 11.73 -27.45
C LYS G 477 -19.44 11.74 -28.90
N ASP G 478 -20.01 10.64 -29.41
CA ASP G 478 -20.66 10.65 -30.70
C ASP G 478 -22.17 10.42 -30.57
N ASP G 479 -22.69 10.45 -29.34
CA ASP G 479 -24.08 10.10 -29.06
C ASP G 479 -25.03 11.26 -29.31
N PRO G 480 -26.33 10.97 -29.49
CA PRO G 480 -27.30 12.03 -29.74
C PRO G 480 -27.63 12.85 -28.50
N ILE G 481 -28.07 14.09 -28.75
CA ILE G 481 -28.35 15.11 -27.74
C ILE G 481 -29.84 15.18 -27.49
N THR G 482 -30.22 15.38 -26.23
CA THR G 482 -31.58 15.78 -25.84
C THR G 482 -31.53 17.22 -25.36
N LEU G 483 -32.42 18.06 -25.91
CA LEU G 483 -32.48 19.48 -25.57
C LEU G 483 -33.58 19.72 -24.54
N PHE G 484 -33.23 20.38 -23.43
CA PHE G 484 -34.20 20.69 -22.37
C PHE G 484 -34.49 22.17 -22.45
N VAL G 485 -35.68 22.51 -22.96
CA VAL G 485 -36.07 23.89 -23.21
C VAL G 485 -36.99 24.34 -22.08
N ALA G 486 -36.56 25.34 -21.32
CA ALA G 486 -37.35 25.90 -20.22
C ALA G 486 -37.86 27.28 -20.65
N LEU G 487 -39.17 27.38 -20.87
CA LEU G 487 -39.75 28.60 -21.45
C LEU G 487 -39.81 29.74 -20.43
N SER G 488 -39.42 30.94 -20.88
CA SER G 488 -39.59 32.18 -20.13
C SER G 488 -41.08 32.54 -20.02
N PRO G 489 -41.43 33.55 -19.21
CA PRO G 489 -42.83 34.00 -19.19
C PRO G 489 -43.32 34.53 -20.53
N GLN G 490 -42.42 34.99 -21.40
CA GLN G 490 -42.78 35.41 -22.75
C GLN G 490 -42.77 34.25 -23.75
N GLY G 491 -42.62 33.01 -23.29
CA GLY G 491 -42.58 31.87 -24.19
C GLY G 491 -41.32 31.77 -25.04
N THR G 492 -40.17 32.22 -24.51
CA THR G 492 -38.92 32.24 -25.25
C THR G 492 -37.84 31.50 -24.46
N ALA G 493 -36.78 31.13 -25.18
CA ALA G 493 -35.62 30.47 -24.58
C ALA G 493 -34.47 30.45 -25.58
N GLN G 494 -33.26 30.36 -25.06
CA GLN G 494 -32.08 30.25 -25.91
C GLN G 494 -30.96 29.55 -25.15
N GLY G 495 -30.05 28.96 -25.91
CA GLY G 495 -28.89 28.27 -25.38
C GLY G 495 -27.90 27.99 -26.49
N GLU G 496 -26.71 27.55 -26.10
CA GLU G 496 -25.65 27.22 -27.04
C GLU G 496 -25.15 25.80 -26.79
N LEU G 497 -24.38 25.29 -27.76
CA LEU G 497 -23.76 23.98 -27.62
C LEU G 497 -22.46 24.03 -28.41
N PHE G 498 -21.34 23.73 -27.74
CA PHE G 498 -20.05 23.62 -28.39
C PHE G 498 -19.68 22.14 -28.49
N LEU G 499 -19.18 21.76 -29.66
CA LEU G 499 -18.75 20.40 -29.94
C LEU G 499 -17.44 20.45 -30.71
N ASP G 500 -16.56 19.48 -30.45
CA ASP G 500 -15.32 19.33 -31.21
C ASP G 500 -14.86 17.88 -31.05
N ASP G 501 -13.60 17.60 -31.38
CA ASP G 501 -13.18 16.20 -31.25
C ASP G 501 -13.00 15.77 -29.80
N GLY G 502 -12.99 16.73 -28.86
CA GLY G 502 -12.99 16.41 -27.45
C GLY G 502 -11.63 16.45 -26.78
N HIS G 503 -10.54 16.63 -27.52
CA HIS G 503 -9.22 16.54 -26.88
C HIS G 503 -8.07 17.27 -27.57
N THR G 504 -8.25 17.81 -28.78
CA THR G 504 -7.13 18.44 -29.49
C THR G 504 -7.33 19.95 -29.61
N PHE G 505 -6.30 20.62 -30.13
CA PHE G 505 -6.38 22.03 -30.46
C PHE G 505 -6.92 22.29 -31.87
N ASN G 506 -7.51 21.28 -32.52
CA ASN G 506 -8.02 21.47 -33.87
C ASN G 506 -9.11 22.51 -33.95
N TYR G 507 -9.89 22.68 -32.87
CA TYR G 507 -10.92 23.71 -32.88
C TYR G 507 -10.32 25.07 -33.17
N GLN G 508 -9.07 25.28 -32.73
CA GLN G 508 -8.36 26.55 -32.85
C GLN G 508 -7.49 26.60 -34.10
N THR G 509 -6.73 25.53 -34.38
CA THR G 509 -5.80 25.55 -35.49
C THR G 509 -6.48 25.25 -36.83
N ARG G 510 -7.61 24.55 -36.81
CA ARG G 510 -8.29 24.15 -38.02
C ARG G 510 -9.77 24.53 -38.04
N HIS G 511 -10.26 25.22 -37.01
CA HIS G 511 -11.67 25.60 -36.91
C HIS G 511 -12.58 24.39 -37.05
N GLU G 512 -12.14 23.28 -36.49
CA GLU G 512 -12.92 22.04 -36.50
C GLU G 512 -13.70 21.97 -35.19
N PHE G 513 -14.91 22.54 -35.22
CA PHE G 513 -15.81 22.56 -34.07
C PHE G 513 -17.19 22.97 -34.56
N LEU G 514 -18.17 22.89 -33.67
CA LEU G 514 -19.48 23.46 -33.90
C LEU G 514 -19.86 24.32 -32.70
N LEU G 515 -20.42 25.49 -32.97
CA LEU G 515 -21.10 26.28 -31.95
C LEU G 515 -22.51 26.54 -32.46
N ARG G 516 -23.49 25.87 -31.86
CA ARG G 516 -24.86 26.00 -32.28
C ARG G 516 -25.61 26.94 -31.36
N ARG G 517 -26.51 27.73 -31.93
CA ARG G 517 -27.47 28.49 -31.17
C ARG G 517 -28.83 27.82 -31.30
N PHE G 518 -29.43 27.49 -30.18
CA PHE G 518 -30.80 27.02 -30.12
C PHE G 518 -31.64 28.14 -29.55
N SER G 519 -32.76 28.43 -30.21
CA SER G 519 -33.63 29.52 -29.77
C SER G 519 -35.07 29.12 -29.98
N PHE G 520 -35.90 29.45 -29.00
CA PHE G 520 -37.33 29.17 -29.03
C PHE G 520 -38.09 30.48 -28.86
N SER G 521 -39.06 30.71 -29.73
CA SER G 521 -40.01 31.81 -29.55
C SER G 521 -41.27 31.48 -30.33
N GLY G 522 -42.39 32.03 -29.86
CA GLY G 522 -43.66 31.65 -30.42
C GLY G 522 -43.90 30.18 -30.19
N SER G 523 -43.90 29.42 -31.27
CA SER G 523 -44.05 27.97 -31.17
C SER G 523 -42.98 27.27 -32.00
N THR G 524 -41.81 27.87 -32.12
CA THR G 524 -40.79 27.41 -33.05
C THR G 524 -39.46 27.30 -32.31
N LEU G 525 -38.84 26.13 -32.39
CA LEU G 525 -37.49 25.88 -31.93
C LEU G 525 -36.58 25.86 -33.14
N VAL G 526 -35.52 26.66 -33.11
CA VAL G 526 -34.64 26.84 -34.26
C VAL G 526 -33.20 26.56 -33.85
N SER G 527 -32.50 25.78 -34.65
CA SER G 527 -31.06 25.62 -34.53
C SER G 527 -30.37 26.40 -35.65
N SER G 528 -29.45 27.27 -35.28
CA SER G 528 -28.67 28.03 -36.23
C SER G 528 -27.22 28.06 -35.75
N SER G 529 -26.33 28.51 -36.63
CA SER G 529 -24.91 28.56 -36.28
C SER G 529 -24.63 29.82 -35.47
N ALA G 530 -23.97 29.64 -34.32
CA ALA G 530 -23.48 30.78 -33.56
C ALA G 530 -22.06 31.18 -33.95
N ASP G 531 -21.41 30.38 -34.79
CA ASP G 531 -20.11 30.73 -35.34
C ASP G 531 -19.91 29.99 -36.65
N PRO G 532 -20.07 30.69 -37.78
CA PRO G 532 -19.99 30.01 -39.08
C PRO G 532 -18.59 29.50 -39.41
N LYS G 533 -17.55 29.97 -38.70
CA LYS G 533 -16.20 29.48 -38.95
C LYS G 533 -16.05 28.00 -38.61
N GLY G 534 -16.87 27.50 -37.68
CA GLY G 534 -16.72 26.14 -37.21
C GLY G 534 -17.47 25.11 -38.01
N HIS G 535 -16.75 24.12 -38.52
CA HIS G 535 -17.34 22.93 -39.14
C HIS G 535 -16.74 21.71 -38.48
N LEU G 536 -17.51 20.62 -38.45
CA LEU G 536 -17.08 19.41 -37.76
C LEU G 536 -17.79 18.22 -38.39
N GLU G 537 -17.03 17.18 -38.71
CA GLU G 537 -17.62 15.90 -39.09
C GLU G 537 -17.99 15.16 -37.80
N THR G 538 -19.29 14.92 -37.60
CA THR G 538 -19.78 14.26 -36.40
C THR G 538 -21.09 13.56 -36.69
N PRO G 539 -21.33 12.39 -36.09
CA PRO G 539 -22.63 11.74 -36.20
C PRO G 539 -23.65 12.21 -35.17
N ILE G 540 -23.30 13.15 -34.29
CA ILE G 540 -24.23 13.59 -33.25
C ILE G 540 -25.50 14.13 -33.89
N TRP G 541 -26.65 13.68 -33.38
CA TRP G 541 -27.95 14.11 -33.88
C TRP G 541 -28.86 14.43 -32.70
N ILE G 542 -30.00 15.05 -32.99
CA ILE G 542 -30.93 15.45 -31.94
C ILE G 542 -31.97 14.35 -31.82
N GLU G 543 -31.95 13.62 -30.69
CA GLU G 543 -32.88 12.51 -30.53
C GLU G 543 -34.14 12.88 -29.78
N ARG G 544 -34.18 14.04 -29.12
CA ARG G 544 -35.32 14.33 -28.26
C ARG G 544 -35.32 15.80 -27.87
N VAL G 545 -36.51 16.37 -27.70
CA VAL G 545 -36.66 17.71 -27.18
C VAL G 545 -37.67 17.66 -26.04
N VAL G 546 -37.30 18.22 -24.89
CA VAL G 546 -38.15 18.32 -23.71
C VAL G 546 -38.40 19.80 -23.46
N ILE G 547 -39.67 20.21 -23.54
CA ILE G 547 -40.06 21.60 -23.38
C ILE G 547 -40.89 21.75 -22.11
N MET G 548 -40.41 22.56 -21.20
CA MET G 548 -41.07 22.85 -19.92
C MET G 548 -41.84 24.16 -20.02
N GLY G 549 -43.09 24.14 -19.58
CA GLY G 549 -43.95 25.29 -19.66
C GLY G 549 -44.71 25.44 -20.95
N ALA G 550 -44.98 24.35 -21.66
CA ALA G 550 -45.62 24.43 -22.97
C ALA G 550 -46.99 23.74 -22.95
N GLY G 551 -47.89 24.25 -23.78
CA GLY G 551 -49.17 23.62 -23.98
C GLY G 551 -49.13 22.54 -25.05
N LYS G 552 -50.21 21.77 -25.12
CA LYS G 552 -50.32 20.66 -26.06
C LYS G 552 -50.55 21.18 -27.48
N PRO G 553 -49.69 20.90 -28.43
CA PRO G 553 -49.95 21.32 -29.81
C PRO G 553 -50.90 20.33 -30.47
N ALA G 554 -51.40 20.71 -31.65
CA ALA G 554 -52.20 19.80 -32.46
C ALA G 554 -51.33 18.93 -33.35
N ALA G 555 -50.21 19.48 -33.82
CA ALA G 555 -49.25 18.74 -34.62
C ALA G 555 -47.89 19.39 -34.43
N VAL G 556 -46.86 18.61 -34.70
CA VAL G 556 -45.47 19.04 -34.58
C VAL G 556 -44.78 18.76 -35.92
N VAL G 557 -44.12 19.78 -36.45
CA VAL G 557 -43.58 19.76 -37.80
C VAL G 557 -42.10 20.12 -37.74
N LEU G 558 -41.26 19.31 -38.41
CA LEU G 558 -39.83 19.52 -38.45
C LEU G 558 -39.39 19.95 -39.85
N GLN G 559 -38.58 21.00 -39.92
CA GLN G 559 -38.03 21.49 -41.19
C GLN G 559 -36.51 21.56 -41.06
N THR G 560 -35.80 20.84 -41.91
CA THR G 560 -34.34 20.93 -41.93
C THR G 560 -33.89 21.20 -43.35
N LYS G 561 -32.91 22.10 -43.49
CA LYS G 561 -32.36 22.41 -44.80
C LYS G 561 -31.86 21.13 -45.47
N GLY G 562 -32.29 20.91 -46.72
CA GLY G 562 -31.93 19.73 -47.46
C GLY G 562 -32.90 18.57 -47.36
N SER G 563 -34.00 18.73 -46.61
CA SER G 563 -34.94 17.65 -46.38
C SER G 563 -36.36 18.12 -46.58
N PRO G 564 -37.28 17.22 -46.92
CA PRO G 564 -38.69 17.58 -46.91
C PRO G 564 -39.17 17.82 -45.49
N GLU G 565 -40.25 18.58 -45.38
CA GLU G 565 -40.91 18.75 -44.10
C GLU G 565 -41.48 17.42 -43.61
N SER G 566 -41.31 17.12 -42.32
CA SER G 566 -41.82 15.88 -41.74
C SER G 566 -42.57 16.12 -40.44
N ARG G 567 -43.34 15.11 -40.04
CA ARG G 567 -44.14 15.16 -38.82
C ARG G 567 -43.43 14.39 -37.71
N LEU G 568 -43.51 14.92 -36.50
CA LEU G 568 -42.96 14.29 -35.31
C LEU G 568 -44.09 13.86 -34.39
N SER G 569 -43.93 12.71 -33.73
CA SER G 569 -44.88 12.40 -32.68
C SER G 569 -44.43 13.07 -31.38
N PHE G 570 -45.33 13.12 -30.40
CA PHE G 570 -45.05 13.86 -29.18
C PHE G 570 -45.92 13.34 -28.06
N GLN G 571 -45.53 13.67 -26.84
CA GLN G 571 -46.31 13.38 -25.64
C GLN G 571 -46.38 14.65 -24.80
N HIS G 572 -47.54 14.86 -24.19
CA HIS G 572 -47.75 16.06 -23.39
C HIS G 572 -48.33 15.65 -22.04
N ASP G 573 -47.82 16.29 -20.99
CA ASP G 573 -48.31 16.10 -19.63
C ASP G 573 -49.09 17.33 -19.20
N PRO G 574 -50.41 17.27 -19.13
CA PRO G 574 -51.18 18.46 -18.77
C PRO G 574 -50.92 18.94 -17.35
N GLU G 575 -50.54 18.03 -16.44
CA GLU G 575 -50.29 18.44 -15.06
C GLU G 575 -49.06 19.33 -14.94
N THR G 576 -47.99 19.01 -15.69
CA THR G 576 -46.73 19.76 -15.60
C THR G 576 -46.47 20.69 -16.78
N SER G 577 -47.31 20.68 -17.82
CA SER G 577 -47.08 21.47 -19.04
C SER G 577 -45.72 21.12 -19.66
N VAL G 578 -45.45 19.82 -19.76
CA VAL G 578 -44.20 19.31 -20.31
C VAL G 578 -44.49 18.62 -21.63
N LEU G 579 -43.80 19.05 -22.67
CA LEU G 579 -43.96 18.52 -24.02
C LEU G 579 -42.68 17.79 -24.42
N ILE G 580 -42.81 16.52 -24.80
CA ILE G 580 -41.67 15.72 -25.25
C ILE G 580 -41.82 15.45 -26.74
N LEU G 581 -40.86 15.92 -27.54
CA LEU G 581 -40.85 15.69 -28.98
C LEU G 581 -39.98 14.48 -29.31
N ARG G 582 -40.56 13.49 -29.98
CA ARG G 582 -39.88 12.23 -30.23
C ARG G 582 -38.96 12.30 -31.44
N LYS G 583 -37.72 11.87 -31.24
CA LYS G 583 -36.74 11.56 -32.29
C LYS G 583 -36.78 12.52 -33.47
N PRO G 584 -36.40 13.78 -33.30
CA PRO G 584 -36.26 14.65 -34.48
C PRO G 584 -35.35 14.06 -35.54
N GLY G 585 -34.29 13.35 -35.14
CA GLY G 585 -33.48 12.65 -36.10
C GLY G 585 -32.59 13.51 -36.96
N VAL G 586 -32.39 14.77 -36.60
CA VAL G 586 -31.65 15.71 -37.43
C VAL G 586 -30.22 15.82 -36.92
N SER G 587 -29.28 15.97 -37.86
CA SER G 587 -27.88 16.18 -37.52
C SER G 587 -27.68 17.48 -36.74
N VAL G 588 -26.78 17.42 -35.75
CA VAL G 588 -26.49 18.62 -34.96
C VAL G 588 -25.75 19.65 -35.78
N ALA G 589 -25.18 19.27 -36.94
CA ALA G 589 -24.48 20.22 -37.80
C ALA G 589 -25.41 20.99 -38.72
N SER G 590 -26.69 20.61 -38.82
CA SER G 590 -27.64 21.17 -39.76
C SER G 590 -28.50 22.26 -39.12
N ASP G 591 -28.85 23.26 -39.93
CA ASP G 591 -29.93 24.16 -39.55
C ASP G 591 -31.25 23.41 -39.58
N TRP G 592 -32.10 23.68 -38.60
CA TRP G 592 -33.43 23.08 -38.59
C TRP G 592 -34.36 23.92 -37.74
N SER G 593 -35.64 23.67 -37.91
CA SER G 593 -36.66 24.30 -37.08
C SER G 593 -37.77 23.29 -36.84
N ILE G 594 -38.31 23.32 -35.63
CA ILE G 594 -39.47 22.52 -35.24
C ILE G 594 -40.59 23.50 -34.91
N HIS G 595 -41.78 23.25 -35.48
CA HIS G 595 -42.91 24.13 -35.31
CA HIS G 595 -42.93 24.13 -35.34
C HIS G 595 -44.04 23.37 -34.64
N LEU G 596 -44.57 23.94 -33.56
CA LEU G 596 -45.72 23.39 -32.85
C LEU G 596 -46.96 24.07 -33.42
N ARG G 597 -47.79 23.32 -34.12
CA ARG G 597 -48.94 23.91 -34.79
C ARG G 597 -50.23 23.65 -34.02
N SER H 51 -47.89 -6.36 -42.35
CA SER H 51 -47.47 -5.45 -41.23
C SER H 51 -48.31 -5.59 -39.96
N LYS H 52 -47.71 -6.24 -38.98
CA LYS H 52 -48.27 -6.27 -37.63
C LYS H 52 -47.39 -5.42 -36.74
N PRO H 53 -47.96 -4.79 -35.72
CA PRO H 53 -47.15 -3.93 -34.85
C PRO H 53 -46.47 -4.71 -33.72
N PHE H 54 -45.65 -4.03 -32.93
CA PHE H 54 -44.89 -4.65 -31.85
C PHE H 54 -45.48 -4.25 -30.50
N THR H 55 -45.67 -5.24 -29.64
CA THR H 55 -46.23 -5.01 -28.32
C THR H 55 -45.11 -5.06 -27.29
N CYS H 56 -45.05 -4.03 -26.45
CA CYS H 56 -44.02 -3.95 -25.44
C CYS H 56 -44.08 -5.15 -24.50
N LEU H 57 -42.91 -5.72 -24.21
CA LEU H 57 -42.85 -7.02 -23.53
C LEU H 57 -43.55 -6.99 -22.18
N ASP H 58 -43.42 -5.89 -21.44
CA ASP H 58 -44.14 -5.79 -20.17
C ASP H 58 -45.64 -5.64 -20.36
N GLY H 59 -46.10 -5.38 -21.58
CA GLY H 59 -47.51 -5.18 -21.85
C GLY H 59 -47.97 -3.75 -21.82
N THR H 60 -47.05 -2.80 -21.63
CA THR H 60 -47.44 -1.41 -21.40
C THR H 60 -48.02 -0.77 -22.66
N ALA H 61 -47.31 -0.88 -23.78
CA ALA H 61 -47.66 -0.12 -24.97
C ALA H 61 -47.56 -1.00 -26.21
N THR H 62 -48.02 -0.46 -27.32
CA THR H 62 -47.90 -1.08 -28.64
C THR H 62 -47.42 -0.01 -29.60
N ILE H 63 -46.39 -0.33 -30.39
CA ILE H 63 -45.76 0.62 -31.29
C ILE H 63 -45.67 -0.03 -32.67
N PRO H 64 -45.50 0.77 -33.72
CA PRO H 64 -45.29 0.18 -35.06
C PRO H 64 -44.02 -0.64 -35.07
N PHE H 65 -43.99 -1.63 -35.96
CA PHE H 65 -42.79 -2.47 -35.98
C PHE H 65 -41.57 -1.71 -36.48
N ASP H 66 -41.74 -0.65 -37.27
CA ASP H 66 -40.56 0.09 -37.71
C ASP H 66 -40.00 0.99 -36.63
N GLN H 67 -40.56 0.96 -35.43
CA GLN H 67 -39.96 1.58 -34.26
C GLN H 67 -39.22 0.55 -33.40
N VAL H 68 -39.07 -0.68 -33.90
CA VAL H 68 -38.19 -1.67 -33.29
C VAL H 68 -36.79 -1.49 -33.86
N ASN H 69 -35.82 -1.30 -32.97
CA ASN H 69 -34.42 -1.08 -33.35
C ASN H 69 -34.26 0.14 -34.25
N ASP H 70 -35.02 1.20 -33.99
CA ASP H 70 -34.84 2.45 -34.72
C ASP H 70 -34.01 3.47 -33.94
N ASP H 71 -33.27 3.02 -32.93
CA ASP H 71 -32.30 3.85 -32.18
C ASP H 71 -33.00 4.98 -31.42
N TYR H 72 -34.23 4.75 -30.99
CA TYR H 72 -34.94 5.65 -30.10
C TYR H 72 -35.75 4.79 -29.15
N CYS H 73 -35.73 5.11 -27.86
CA CYS H 73 -36.37 4.26 -26.86
C CYS H 73 -37.86 4.58 -26.80
N ASP H 74 -38.70 3.65 -27.22
CA ASP H 74 -40.15 3.83 -27.19
C ASP H 74 -40.85 3.02 -26.11
N CYS H 75 -40.16 2.07 -25.49
CA CYS H 75 -40.75 1.14 -24.55
C CYS H 75 -40.15 1.35 -23.17
N LYS H 76 -41.01 1.41 -22.14
CA LYS H 76 -40.51 1.67 -20.79
C LYS H 76 -39.59 0.57 -20.28
N ASP H 77 -39.78 -0.68 -20.75
CA ASP H 77 -38.90 -1.77 -20.36
C ASP H 77 -37.72 -1.96 -21.31
N GLY H 78 -37.60 -1.10 -22.32
CA GLY H 78 -36.48 -1.16 -23.25
C GLY H 78 -36.55 -2.27 -24.27
N SER H 79 -37.67 -3.00 -24.33
CA SER H 79 -37.74 -4.17 -25.19
C SER H 79 -37.85 -3.84 -26.68
N ASP H 80 -38.06 -2.59 -27.06
CA ASP H 80 -38.13 -2.29 -28.49
C ASP H 80 -36.76 -2.08 -29.13
N GLU H 81 -35.68 -2.06 -28.36
CA GLU H 81 -34.35 -1.75 -28.89
C GLU H 81 -33.33 -2.79 -28.46
N PRO H 82 -33.57 -4.07 -28.77
CA PRO H 82 -32.60 -5.10 -28.36
C PRO H 82 -31.25 -4.97 -29.03
N GLY H 83 -31.18 -4.35 -30.21
CA GLY H 83 -29.95 -4.27 -30.96
C GLY H 83 -29.23 -2.93 -30.93
N THR H 84 -29.68 -1.96 -30.15
CA THR H 84 -29.09 -0.64 -30.14
C THR H 84 -28.80 -0.20 -28.70
N ALA H 85 -28.20 0.99 -28.58
CA ALA H 85 -27.89 1.61 -27.31
C ALA H 85 -28.95 2.61 -26.85
N ALA H 86 -30.17 2.56 -27.41
CA ALA H 86 -31.11 3.67 -27.27
C ALA H 86 -31.82 3.67 -25.91
N CYS H 87 -32.03 2.50 -25.30
CA CYS H 87 -32.81 2.45 -24.07
C CYS H 87 -31.89 2.33 -22.85
N PRO H 88 -32.20 3.05 -21.76
CA PRO H 88 -31.33 3.00 -20.57
C PRO H 88 -31.41 1.68 -19.82
N ASN H 89 -32.50 0.93 -19.92
CA ASN H 89 -32.67 -0.32 -19.21
C ASN H 89 -32.69 -1.53 -20.13
N GLY H 90 -32.27 -1.38 -21.38
CA GLY H 90 -32.26 -2.47 -22.32
C GLY H 90 -31.11 -3.45 -22.09
N SER H 91 -31.15 -4.54 -22.86
CA SER H 91 -30.08 -5.51 -22.85
C SER H 91 -29.79 -5.96 -24.27
N PHE H 92 -28.54 -6.29 -24.52
CA PHE H 92 -28.08 -6.77 -25.82
C PHE H 92 -27.59 -8.21 -25.64
N HIS H 93 -28.09 -9.11 -26.47
CA HIS H 93 -27.77 -10.52 -26.35
C HIS H 93 -26.57 -10.86 -27.22
N CYS H 94 -25.54 -11.42 -26.61
CA CYS H 94 -24.37 -11.85 -27.35
C CYS H 94 -24.46 -13.35 -27.52
N THR H 95 -24.69 -13.77 -28.77
CA THR H 95 -24.91 -15.17 -29.04
C THR H 95 -23.69 -16.01 -28.66
N ASN H 96 -22.49 -15.55 -29.02
CA ASN H 96 -21.25 -16.25 -28.69
C ASN H 96 -21.34 -17.70 -29.16
N THR H 97 -21.48 -17.86 -30.48
CA THR H 97 -21.73 -19.17 -31.10
C THR H 97 -20.69 -20.19 -30.70
N GLY H 98 -21.16 -21.34 -30.21
CA GLY H 98 -20.30 -22.39 -29.75
C GLY H 98 -19.91 -22.31 -28.29
N TYR H 99 -20.32 -21.25 -27.60
CA TYR H 99 -19.91 -21.02 -26.21
C TYR H 99 -21.13 -20.54 -25.41
N LYS H 100 -20.88 -19.92 -24.27
CA LYS H 100 -21.96 -19.46 -23.41
C LYS H 100 -22.41 -18.07 -23.82
N PRO H 101 -23.68 -17.88 -24.15
CA PRO H 101 -24.19 -16.54 -24.44
C PRO H 101 -24.17 -15.64 -23.21
N LEU H 102 -24.17 -14.34 -23.49
CA LEU H 102 -24.07 -13.31 -22.47
C LEU H 102 -25.03 -12.17 -22.81
N TYR H 103 -25.65 -11.60 -21.78
CA TYR H 103 -26.39 -10.36 -21.89
C TYR H 103 -25.52 -9.23 -21.35
N ILE H 104 -25.52 -8.09 -22.06
CA ILE H 104 -24.82 -6.89 -21.61
C ILE H 104 -25.80 -5.73 -21.63
N LEU H 105 -25.43 -4.67 -20.91
CA LEU H 105 -26.22 -3.45 -20.92
C LEU H 105 -26.29 -2.86 -22.32
N SER H 106 -27.46 -2.31 -22.67
CA SER H 106 -27.61 -1.62 -23.96
C SER H 106 -26.61 -0.49 -24.13
N SER H 107 -26.27 0.20 -23.03
CA SER H 107 -25.30 1.29 -23.07
C SER H 107 -23.91 0.83 -23.48
N ARG H 108 -23.68 -0.47 -23.57
CA ARG H 108 -22.40 -0.98 -24.04
C ARG H 108 -22.47 -1.48 -25.46
N VAL H 109 -23.55 -1.19 -26.17
CA VAL H 109 -23.65 -1.43 -27.60
C VAL H 109 -23.01 -0.26 -28.33
N ASN H 110 -22.01 -0.55 -29.16
CA ASN H 110 -21.28 0.45 -29.94
C ASN H 110 -20.70 1.55 -29.05
N ASP H 111 -20.15 1.17 -27.89
CA ASP H 111 -19.47 2.14 -27.05
C ASP H 111 -17.98 2.22 -27.31
N GLY H 112 -17.49 1.49 -28.32
CA GLY H 112 -16.07 1.44 -28.60
C GLY H 112 -15.30 0.41 -27.80
N VAL H 113 -15.95 -0.30 -26.88
CA VAL H 113 -15.32 -1.26 -25.99
C VAL H 113 -15.84 -2.65 -26.35
N CYS H 114 -14.93 -3.63 -26.44
CA CYS H 114 -15.31 -5.01 -26.75
C CYS H 114 -15.85 -5.69 -25.50
N ASP H 115 -17.18 -5.86 -25.44
CA ASP H 115 -17.80 -6.51 -24.28
C ASP H 115 -18.08 -7.99 -24.49
N CYS H 116 -18.34 -8.40 -25.72
CA CYS H 116 -18.62 -9.78 -26.04
C CYS H 116 -17.46 -10.40 -26.81
N CYS H 117 -17.12 -11.65 -26.47
CA CYS H 117 -16.01 -12.29 -27.15
C CYS H 117 -16.30 -12.42 -28.63
N ASP H 118 -17.57 -12.58 -29.03
CA ASP H 118 -17.81 -12.63 -30.48
C ASP H 118 -17.76 -11.25 -31.14
N GLY H 119 -17.65 -10.17 -30.34
CA GLY H 119 -17.46 -8.83 -30.86
C GLY H 119 -18.69 -8.21 -31.48
N THR H 120 -19.87 -8.84 -31.33
CA THR H 120 -21.05 -8.35 -32.05
C THR H 120 -21.64 -7.10 -31.42
N ASP H 121 -21.26 -6.74 -30.19
CA ASP H 121 -21.76 -5.48 -29.63
C ASP H 121 -21.13 -4.26 -30.30
N GLU H 122 -20.04 -4.44 -31.03
CA GLU H 122 -19.37 -3.35 -31.72
C GLU H 122 -19.53 -3.60 -33.22
N TYR H 123 -20.60 -3.03 -33.79
CA TYR H 123 -20.88 -3.20 -35.21
C TYR H 123 -20.94 -1.90 -35.99
N ASN H 124 -20.85 -0.74 -35.32
CA ASN H 124 -20.84 0.54 -36.01
C ASN H 124 -20.16 1.59 -35.15
N SER H 125 -18.99 1.28 -34.62
CA SER H 125 -18.34 2.17 -33.67
C SER H 125 -16.92 2.56 -34.03
N GLY H 126 -16.32 1.96 -35.06
CA GLY H 126 -14.92 2.21 -35.33
C GLY H 126 -13.96 1.38 -34.52
N THR H 127 -14.44 0.62 -33.54
CA THR H 127 -13.64 -0.39 -32.86
C THR H 127 -13.96 -1.74 -33.46
N VAL H 128 -12.94 -2.43 -33.96
CA VAL H 128 -13.11 -3.75 -34.54
C VAL H 128 -12.72 -4.77 -33.49
N CYS H 129 -13.70 -5.54 -33.03
CA CYS H 129 -13.47 -6.55 -32.01
C CYS H 129 -13.26 -7.89 -32.67
N GLU H 130 -12.13 -8.53 -32.38
CA GLU H 130 -11.86 -9.89 -32.83
C GLU H 130 -12.63 -10.88 -31.98
N ASN H 131 -12.86 -12.06 -32.55
CA ASN H 131 -13.54 -13.11 -31.81
C ASN H 131 -12.55 -13.79 -30.89
N THR H 132 -12.83 -13.75 -29.58
CA THR H 132 -11.95 -14.33 -28.58
C THR H 132 -12.66 -15.38 -27.75
N CYS H 133 -13.73 -15.98 -28.29
CA CYS H 133 -14.47 -16.95 -27.53
C CYS H 133 -13.67 -18.24 -27.33
N ARG H 134 -12.74 -18.51 -28.23
CA ARG H 134 -11.86 -19.68 -28.15
C ARG H 134 -10.86 -19.56 -27.00
C1 EDO I . 44.03 -55.83 -7.74
O1 EDO I . 44.72 -55.15 -8.81
C2 EDO I . 43.02 -56.81 -8.33
O2 EDO I . 41.96 -56.99 -7.39
C1 EDO J . 37.69 -39.42 -1.56
O1 EDO J . 37.87 -38.62 -0.38
C2 EDO J . 39.04 -39.67 -2.23
O2 EDO J . 39.79 -38.44 -2.25
C1 PEG K . 41.34 -67.58 0.36
O1 PEG K . 40.16 -68.31 0.57
C2 PEG K . 41.90 -67.12 1.71
O2 PEG K . 42.33 -65.78 1.69
C3 PEG K . 42.55 -65.19 0.45
C4 PEG K . 43.12 -63.77 0.59
O4 PEG K . 44.24 -63.66 -0.26
S SO4 L . 48.51 -62.51 0.04
O1 SO4 L . 48.43 -62.98 1.43
O2 SO4 L . 48.35 -63.65 -0.87
O3 SO4 L . 47.45 -61.53 -0.21
O4 SO4 L . 49.81 -61.90 -0.19
C1 EDO M . 6.23 -39.51 -7.64
O1 EDO M . 5.24 -38.57 -8.11
C2 EDO M . 7.60 -39.12 -8.18
O2 EDO M . 7.79 -39.65 -9.51
S SO4 N . 7.98 -15.49 -8.42
O1 SO4 N . 7.43 -16.51 -7.51
O2 SO4 N . 8.66 -16.14 -9.53
O3 SO4 N . 6.89 -14.64 -8.90
O4 SO4 N . 8.93 -14.64 -7.68
C1 EDO O . 34.70 1.03 -0.42
O1 EDO O . 34.47 -0.29 0.13
C2 EDO O . 33.41 1.73 -0.87
O2 EDO O . 33.33 1.85 -2.31
C1 EDO P . 8.00 -31.35 27.66
O1 EDO P . 7.31 -30.32 28.40
C2 EDO P . 7.21 -32.66 27.70
O2 EDO P . 7.03 -33.08 29.05
C1 PGE Q . -9.23 -21.32 36.08
O1 PGE Q . -9.46 -20.14 36.85
C2 PGE Q . -7.91 -21.21 35.34
O2 PGE Q . -7.61 -22.44 34.69
C3 PGE Q . -7.70 -23.57 35.54
C4 PGE Q . -7.28 -24.80 34.76
O4 PGE Q . -8.77 -27.02 31.91
C6 PGE Q . -7.94 -26.88 33.06
C5 PGE Q . -8.79 -26.56 34.27
O3 PGE Q . -7.99 -25.93 35.24
C1 EDO R . 9.34 12.49 10.47
O1 EDO R . 9.97 13.09 9.34
C2 EDO R . 8.00 13.15 10.76
O2 EDO R . 6.99 12.14 10.89
C1 EDO S . 10.93 -17.70 30.75
O1 EDO S . 11.47 -17.02 29.61
C2 EDO S . 10.55 -19.11 30.35
O2 EDO S . 11.71 -19.80 29.89
C1 PGE T . -7.73 -12.28 29.05
O1 PGE T . -8.29 -13.45 29.64
C2 PGE T . -6.34 -12.64 28.56
O2 PGE T . -5.86 -11.78 27.54
C3 PGE T . -4.95 -12.46 26.67
C4 PGE T . -4.48 -11.54 25.56
O4 PGE T . -3.38 -8.83 23.04
C6 PGE T . -4.59 -9.04 23.75
C5 PGE T . -4.26 -9.25 25.22
O3 PGE T . -5.07 -10.28 25.73
O1 PG4 U . -9.66 -4.41 26.47
C1 PG4 U . -9.89 -5.78 26.27
C2 PG4 U . -10.86 -5.98 25.11
O2 PG4 U . -11.96 -6.77 25.51
C3 PG4 U . -13.14 -6.49 24.82
C4 PG4 U . -13.11 -7.14 23.44
O3 PG4 U . -12.80 -8.51 23.57
C5 PG4 U . -13.56 -9.34 22.75
C6 PG4 U . -13.37 -10.79 23.18
O4 PG4 U . -13.61 -10.92 24.55
C7 PG4 U . -12.49 -11.29 25.29
C8 PG4 U . -12.49 -12.80 25.52
O5 PG4 U . -11.66 -13.08 26.62
C1 PEG V . 32.77 -5.35 -12.34
O1 PEG V . 33.64 -5.30 -13.44
C2 PEG V . 31.53 -4.51 -12.64
O2 PEG V . 30.62 -5.20 -13.46
C3 PEG V . 29.45 -4.46 -13.71
C4 PEG V . 28.38 -5.35 -14.35
O4 PEG V . 28.36 -5.21 -15.76
C1 EDO W . 27.60 -17.59 20.86
O1 EDO W . 27.68 -17.99 22.24
C2 EDO W . 26.46 -18.34 20.17
O2 EDO W . 26.92 -19.58 19.59
C1 EDO X . -11.28 -16.37 25.37
O1 EDO X . -11.45 -16.69 26.74
C2 EDO X . -10.29 -17.35 24.76
O2 EDO X . -10.82 -18.68 24.82
C1 PGE Y . 37.47 -22.02 -1.27
O1 PGE Y . 38.31 -22.44 -2.33
C2 PGE Y . 36.05 -22.48 -1.55
O2 PGE Y . 35.68 -23.50 -0.65
C3 PGE Y . 35.38 -24.75 -1.26
C4 PGE Y . 36.18 -25.83 -0.57
O4 PGE Y . 38.06 -28.80 -3.06
C6 PGE Y . 37.28 -28.61 -1.88
C5 PGE Y . 36.20 -27.59 -2.15
O3 PGE Y . 35.67 -27.10 -0.93
C1 PEG Z . 9.18 -2.42 28.64
O1 PEG Z . 9.07 -3.58 29.42
C2 PEG Z . 7.80 -1.82 28.34
O2 PEG Z . 7.49 -0.71 29.15
C3 PEG Z . 7.96 0.52 28.66
C4 PEG Z . 6.88 1.62 28.74
O4 PEG Z . 7.15 2.60 27.77
C1 EDO AA . 7.49 -10.10 33.85
O1 EDO AA . 7.67 -10.45 32.48
C2 EDO AA . 6.62 -8.86 34.02
O2 EDO AA . 5.26 -9.21 33.71
C1 PEG BA . 4.25 -18.27 45.84
O1 PEG BA . 5.62 -18.11 45.58
C2 PEG BA . 3.50 -17.00 45.43
O2 PEG BA . 2.25 -16.97 46.04
C3 PEG BA . 2.00 -15.80 46.76
C4 PEG BA . 0.51 -15.68 47.09
O4 PEG BA . 0.32 -15.20 48.39
C1 EDO CA . -1.56 -14.05 -8.02
O1 EDO CA . -1.01 -12.79 -8.43
C2 EDO CA . -2.85 -13.80 -7.25
O2 EDO CA . -3.42 -15.06 -6.82
C1 PEG DA . 11.46 -11.74 -16.50
O1 PEG DA . 11.86 -11.76 -17.86
C2 PEG DA . 11.29 -10.29 -16.04
O2 PEG DA . 12.49 -9.56 -16.22
C3 PEG DA . 12.37 -8.48 -17.12
C4 PEG DA . 13.72 -7.78 -17.26
O4 PEG DA . 14.66 -8.65 -17.86
C1 PEG EA . 6.25 -16.69 -13.56
O1 PEG EA . 6.15 -15.58 -12.70
C2 PEG EA . 7.67 -16.79 -14.12
O2 PEG EA . 7.98 -15.66 -14.89
C3 PEG EA . 9.34 -15.35 -14.94
C4 PEG EA . 9.84 -15.11 -13.51
O4 PEG EA . 9.06 -14.13 -12.90
C1 EDO FA . 19.92 0.27 20.99
O1 EDO FA . 21.09 -0.04 21.78
C2 EDO FA . 20.31 0.93 19.67
O2 EDO FA . 19.13 1.44 19.03
C1 EDO GA . -5.72 -41.15 11.25
O1 EDO GA . -4.83 -41.12 10.12
C2 EDO GA . -7.01 -41.89 10.91
O2 EDO GA . -7.87 -41.04 10.13
C1 PEG HA . -5.47 -48.89 11.64
O1 PEG HA . -6.77 -49.29 11.31
C2 PEG HA . -5.33 -47.36 11.53
O2 PEG HA . -5.03 -46.97 10.22
C3 PEG HA . -4.71 -45.61 10.10
C4 PEG HA . -5.69 -44.94 9.15
O4 PEG HA . -5.38 -45.34 7.84
N1 WAS IA . 6.57 -14.37 -2.70
N3 WAS IA . 4.60 -10.51 -10.49
C4 WAS IA . 6.42 -13.96 0.13
C5 WAS IA . 7.65 -14.57 -0.56
C6 WAS IA . 7.80 -14.00 -1.97
C7 WAS IA . 7.14 -10.27 -0.94
C8 WAS IA . 6.54 -13.85 -4.09
C10 WAS IA . 4.22 -13.08 -6.71
C13 WAS IA . 5.78 -9.64 -10.67
C15 WAS IA . 6.77 -7.44 -10.55
C17 WAS IA . 8.09 -9.31 -11.29
C1 WAS IA . 7.94 -12.46 -1.94
C11 WAS IA . 5.00 -11.92 -8.59
C12 WAS IA . 4.13 -10.77 -9.14
C14 WAS IA . 5.66 -8.28 -10.39
C16 WAS IA . 7.97 -7.95 -11.01
C18 WAS IA . 7.00 -10.17 -11.12
C2 WAS IA . 6.81 -11.78 -1.14
C3 WAS IA . 6.58 -12.43 0.24
C9 WAS IA . 5.25 -14.39 -4.76
N2 WAS IA . 5.22 -14.06 -6.19
N4 WAS IA . 7.17 -11.58 -11.42
N5 WAS IA . 9.14 -7.04 -11.18
N6 WAS IA . 10.20 -7.02 -10.20
N7 WAS IA . 11.05 -5.90 -10.48
O1 WAS IA . 8.42 -10.19 -0.34
O2 WAS IA . 5.61 -11.87 -1.85
O3 WAS IA . 5.40 -11.90 0.78
O4 WAS IA . 6.28 -14.51 1.42
O5 WAS IA . 7.53 -15.99 -0.60
O6 WAS IA . 4.09 -12.89 -8.10
O7 WAS IA . 3.50 -12.46 -5.98
O8 WAS IA . 6.16 -12.52 -11.09
O9 WAS IA . 8.35 -12.01 -12.04
C1 EDO JA . 19.81 8.22 -0.58
O1 EDO JA . 20.24 9.45 0.00
C2 EDO JA . 20.34 8.10 -2.01
O2 EDO JA . 21.79 8.08 -1.99
C1 PGE KA . -7.55 -40.80 5.34
O1 PGE KA . -7.00 -41.90 6.05
C2 PGE KA . -6.56 -39.65 5.36
O2 PGE KA . -5.72 -39.77 4.23
C3 PGE KA . -4.64 -38.84 4.21
C4 PGE KA . -3.62 -39.25 3.17
O4 PGE KA . -2.13 -43.00 3.60
C6 PGE KA . -1.81 -42.21 2.46
C5 PGE KA . -1.79 -40.73 2.82
O3 PGE KA . -2.94 -40.42 3.61
S SO4 LA . 1.33 0.42 -0.25
O1 SO4 LA . 1.24 -0.72 0.64
O2 SO4 LA . 2.28 0.15 -1.32
O3 SO4 LA . 1.80 1.61 0.47
O4 SO4 LA . 0.00 0.71 -0.83
S SO4 MA . -2.57 -0.77 1.04
O1 SO4 MA . -1.44 -1.60 0.65
O2 SO4 MA . -3.76 -1.18 0.29
O3 SO4 MA . -2.83 -0.97 2.48
O4 SO4 MA . -2.30 0.64 0.77
S SO4 NA . 16.32 6.51 9.22
O1 SO4 NA . 16.11 5.39 10.14
O2 SO4 NA . 16.16 6.06 7.84
O3 SO4 NA . 15.35 7.57 9.51
O4 SO4 NA . 17.68 7.04 9.41
C1 EDO OA . 8.14 -1.80 39.57
O1 EDO OA . 8.49 -3.17 39.77
C2 EDO OA . 6.63 -1.66 39.63
O2 EDO OA . 6.04 -2.54 38.66
C1 EDO PA . -12.23 -20.80 39.40
O1 EDO PA . -12.31 -20.37 38.04
C2 EDO PA . -12.47 -22.30 39.48
O2 EDO PA . -12.25 -22.75 40.83
C1 PGE QA . -12.71 -5.34 31.87
O1 PGE QA . -12.85 -4.50 30.74
C2 PGE QA . -12.80 -6.78 31.43
O2 PGE QA . -13.65 -7.49 32.32
C3 PGE QA . -13.46 -8.90 32.30
C4 PGE QA . -14.64 -9.56 31.63
O4 PGE QA . -11.57 -11.70 29.05
C6 PGE QA . -12.38 -11.83 30.20
C5 PGE QA . -13.62 -10.98 30.05
O3 PGE QA . -14.28 -10.88 31.29
CA CA RA . -0.37 -3.55 32.60
CA CA SA . -8.05 -16.36 45.43
S SO4 TA . -1.77 5.10 29.25
O1 SO4 TA . -0.70 5.12 30.25
O2 SO4 TA . -1.69 3.86 28.46
O3 SO4 TA . -3.07 5.16 29.91
O4 SO4 TA . -1.63 6.25 28.37
C1 EDO UA . -8.80 75.13 -14.46
O1 EDO UA . -7.65 74.50 -15.01
C2 EDO UA . -9.78 74.08 -13.95
O2 EDO UA . -9.36 73.60 -12.67
C1 EDO VA . -10.28 38.80 8.81
O1 EDO VA . -9.57 39.31 9.95
C2 EDO VA . -11.51 38.04 9.25
O2 EDO VA . -11.11 36.96 10.11
C1 EDO WA . 3.01 17.88 5.02
O1 EDO WA . 1.75 17.31 5.39
C2 EDO WA . 3.21 19.20 5.77
O2 EDO WA . 2.04 20.00 5.57
C1 PEG XA . -21.52 2.36 -17.39
O1 PEG XA . -21.64 1.03 -17.00
C2 PEG XA . -22.24 3.25 -16.38
O2 PEG XA . -23.54 3.42 -16.84
C3 PEG XA . -24.36 2.26 -16.86
C4 PEG XA . -25.11 2.47 -18.17
O4 PEG XA . -26.47 2.11 -18.12
C1 EDO YA . -25.20 26.27 -41.07
O1 EDO YA . -24.82 26.25 -39.70
C2 EDO YA . -25.76 24.90 -41.45
O2 EDO YA . -24.69 24.02 -41.80
O1 PG4 ZA . -31.76 35.42 1.45
C1 PG4 ZA . -30.66 34.67 1.92
C2 PG4 ZA . -30.51 34.80 3.45
O2 PG4 ZA . -30.76 33.56 4.06
C3 PG4 ZA . -29.80 33.14 5.01
C4 PG4 ZA . -29.76 31.61 5.07
O3 PG4 ZA . -28.59 31.17 5.71
C5 PG4 ZA . -27.85 30.18 5.03
C6 PG4 ZA . -26.61 29.76 5.83
O4 PG4 ZA . -25.41 30.17 5.21
C7 PG4 ZA . -24.86 31.35 5.77
C8 PG4 ZA . -23.73 31.91 4.90
O5 PG4 ZA . -23.60 33.30 5.08
C1 PEG AB . -9.62 8.75 10.89
O1 PEG AB . -10.11 7.49 11.23
C2 PEG AB . -8.17 8.61 10.42
O2 PEG AB . -8.12 7.97 9.18
C3 PEG AB . -7.15 8.50 8.31
C4 PEG AB . -7.28 10.02 8.35
O4 PEG AB . -6.49 10.59 7.36
C1 EDO BB . -7.48 28.75 -39.76
O1 EDO BB . -6.91 28.97 -38.46
C2 EDO BB . -8.34 27.50 -39.74
O2 EDO BB . -8.67 27.11 -41.08
C1 EDO CB . 15.92 9.10 2.94
O1 EDO CB . 15.01 9.21 4.05
C2 EDO CB . 15.81 7.71 2.33
O2 EDO CB . 16.77 7.57 1.28
C1 EDO DB . -21.50 6.13 -31.40
O1 EDO DB . -22.17 7.00 -30.47
C2 EDO DB . -22.05 4.73 -31.27
O2 EDO DB . -22.71 4.33 -32.48
C1 EDO EB . -24.82 26.16 -22.47
O1 EDO EB . -25.07 24.82 -22.92
C2 EDO EB . -26.08 26.71 -21.83
O2 EDO EB . -26.86 27.36 -22.84
C1 EDO FB . -1.16 25.15 -28.89
O1 EDO FB . -1.58 26.14 -27.93
C2 EDO FB . -1.71 25.53 -30.26
O2 EDO FB . -1.05 24.73 -31.25
C1 PEG GB . -32.14 6.10 -36.64
O1 PEG GB . -32.98 5.48 -37.59
C2 PEG GB . -31.36 7.24 -37.29
O2 PEG GB . -31.08 8.24 -36.36
C3 PEG GB . -30.88 9.52 -36.92
C4 PEG GB . -29.68 9.50 -37.86
O4 PEG GB . -29.43 10.79 -38.35
C1 PEG HB . -48.37 9.66 -27.88
O1 PEG HB . -47.86 8.37 -28.06
C2 PEG HB . -49.18 10.06 -29.11
O2 PEG HB . -49.51 11.42 -29.05
C3 PEG HB . -50.04 11.93 -30.24
C4 PEG HB . -48.97 12.72 -31.00
O4 PEG HB . -47.97 11.87 -31.49
C1 EDO IB . 14.02 8.92 -14.33
O1 EDO IB . 15.30 8.83 -13.68
C2 EDO IB . 14.03 8.09 -15.59
O2 EDO IB . 12.74 8.19 -16.22
C1 EDO JB . 15.96 15.40 -20.34
O1 EDO JB . 16.08 15.43 -21.78
C2 EDO JB . 14.76 16.25 -19.94
O2 EDO JB . 14.79 17.48 -20.69
C1 PEG KB . -10.67 2.93 -28.60
O1 PEG KB . -9.26 2.99 -28.66
C2 PEG KB . -11.07 1.69 -27.80
O2 PEG KB . -10.01 0.77 -27.84
C3 PEG KB . -10.39 -0.58 -27.79
C4 PEG KB . -9.19 -1.43 -28.21
O4 PEG KB . -9.08 -2.57 -27.40
C1 PEG LB . -31.87 28.42 -38.97
O1 PEG LB . -31.53 29.10 -40.14
C2 PEG LB . -32.67 27.16 -39.29
O2 PEG LB . -33.96 27.45 -39.79
C3 PEG LB . -34.64 26.33 -40.29
C4 PEG LB . -34.08 25.94 -41.66
O4 PEG LB . -34.97 25.04 -42.28
C1 EDO MB . -19.73 31.50 -26.44
O1 EDO MB . -20.72 32.53 -26.52
C2 EDO MB . -18.71 31.62 -27.56
O2 EDO MB . -17.97 32.84 -27.42
C1 EDO NB . -14.48 46.53 -20.77
O1 EDO NB . -15.44 47.58 -20.88
C2 EDO NB . -14.95 45.30 -21.54
O2 EDO NB . -16.29 44.99 -21.13
C1 PEG OB . 13.45 15.99 9.05
O1 PEG OB . 14.61 16.66 8.64
C2 PEG OB . 12.22 16.59 8.37
O2 PEG OB . 11.20 16.77 9.32
C3 PEG OB . 10.67 18.06 9.33
C4 PEG OB . 9.65 18.22 10.47
O4 PEG OB . 9.94 19.39 11.19
C1 EDO PB . -28.68 5.83 -12.19
O1 EDO PB . -29.90 6.46 -11.75
C2 EDO PB . -29.05 4.75 -13.20
O2 EDO PB . -30.28 4.17 -12.81
N1 WAS QB . -1.35 15.95 1.17
N3 WAS QB . 3.32 12.40 8.05
C4 WAS QB . -2.64 15.02 -1.23
C5 WAS QB . -1.78 16.30 -1.19
C6 WAS QB . -0.69 16.15 -0.13
C7 WAS QB . 0.28 12.49 -1.11
C8 WAS QB . -0.36 15.57 2.20
C10 WAS QB . -0.08 14.28 5.58
C13 WAS QB . 4.71 12.61 7.50
C15 WAS QB . 6.62 11.35 6.68
C17 WAS QB . 6.71 13.76 6.79
C1 WAS QB . 0.20 14.93 -0.42
C11 WAS QB . 1.14 13.09 7.22
C12 WAS QB . 2.25 13.37 8.28
C14 WAS QB . 5.32 11.40 7.19
C16 WAS QB . 7.32 12.54 6.48
C18 WAS QB . 5.41 13.83 7.31
C2 WAS QB . -0.63 13.65 -0.64
C3 WAS QB . -1.77 13.83 -1.65
C9 WAS QB . -1.09 15.46 3.55
N2 WAS QB . -0.11 15.43 4.65
N4 WAS QB . 4.95 15.19 7.57
N5 WAS QB . 8.70 12.49 5.95
N6 WAS QB . 8.98 12.97 4.63
N7 WAS QB . 9.69 11.99 3.87
O1 WAS QB . 0.81 12.84 -2.35
O2 WAS QB . -1.22 13.27 0.59
O3 WAS QB . -2.57 12.67 -1.58
O4 WAS QB . -3.70 15.19 -2.14
O5 WAS QB . -2.61 17.41 -0.94
O6 WAS QB . 0.73 14.37 6.74
O7 WAS QB . -0.73 13.30 5.40
O8 WAS QB . 5.92 16.20 7.81
O9 WAS QB . 3.60 15.59 7.55
S SO4 RB . -45.20 29.33 -7.43
O1 SO4 RB . -44.03 28.92 -6.65
O2 SO4 RB . -46.09 28.16 -7.57
O3 SO4 RB . -45.90 30.41 -6.74
O4 SO4 RB . -44.78 29.81 -8.74
S SO4 SB . -46.42 17.62 -43.03
O1 SO4 SB . -45.32 17.01 -42.30
O2 SO4 SB . -46.28 17.30 -44.45
O3 SO4 SB . -47.71 17.14 -42.53
O4 SO4 SB . -46.36 19.07 -42.84
C1 EDO TB . -17.34 -1.98 -36.07
O1 EDO TB . -17.66 -1.18 -34.92
C2 EDO TB . -16.45 -1.16 -36.99
O2 EDO TB . -17.10 0.08 -37.29
O1 PG4 UB . -41.25 6.45 -23.60
C1 PG4 UB . -39.92 6.37 -23.14
C2 PG4 UB . -39.65 5.00 -22.53
O2 PG4 UB . -38.26 4.80 -22.41
C3 PG4 UB . -37.59 5.77 -21.65
C4 PG4 UB . -36.28 6.18 -22.31
O3 PG4 UB . -35.64 7.09 -21.47
C5 PG4 UB . -34.46 7.67 -21.95
C6 PG4 UB . -34.22 8.96 -21.16
O4 PG4 UB . -35.39 9.75 -21.25
C7 PG4 UB . -35.25 11.09 -20.92
C8 PG4 UB . -36.60 11.79 -21.10
O5 PG4 UB . -36.72 12.86 -20.20
CA CA VB . -19.24 -2.54 -26.26
CA CA WB . -37.72 2.40 -30.82
#